data_1SMX
# 
_entry.id   1SMX 
# 
_audit_conform.dict_name       mmcif_pdbx.dic 
_audit_conform.dict_version    5.389 
_audit_conform.dict_location   http://mmcif.pdb.org/dictionaries/ascii/mmcif_pdbx.dic 
# 
loop_
_database_2.database_id 
_database_2.database_code 
_database_2.pdbx_database_accession 
_database_2.pdbx_DOI 
PDB   1SMX         pdb_00001smx 10.2210/pdb1smx/pdb 
RCSB  RCSB021838   ?            ?                   
WWPDB D_1000021838 ?            ?                   
# 
loop_
_pdbx_audit_revision_history.ordinal 
_pdbx_audit_revision_history.data_content_type 
_pdbx_audit_revision_history.major_revision 
_pdbx_audit_revision_history.minor_revision 
_pdbx_audit_revision_history.revision_date 
1 'Structure model' 1 0 2004-08-17 
2 'Structure model' 1 1 2008-04-29 
3 'Structure model' 1 2 2011-07-13 
4 'Structure model' 1 3 2024-02-14 
5 'Structure model' 1 4 2024-04-03 
# 
_pdbx_audit_revision_details.ordinal             1 
_pdbx_audit_revision_details.revision_ordinal    1 
_pdbx_audit_revision_details.data_content_type   'Structure model' 
_pdbx_audit_revision_details.provider            repository 
_pdbx_audit_revision_details.type                'Initial release' 
_pdbx_audit_revision_details.description         ? 
_pdbx_audit_revision_details.details             ? 
# 
loop_
_pdbx_audit_revision_group.ordinal 
_pdbx_audit_revision_group.revision_ordinal 
_pdbx_audit_revision_group.data_content_type 
_pdbx_audit_revision_group.group 
1 2 'Structure model' 'Version format compliance' 
2 3 'Structure model' 'Version format compliance' 
3 4 'Structure model' 'Data collection'           
4 4 'Structure model' 'Database references'       
5 5 'Structure model' 'Refinement description'    
# 
loop_
_pdbx_audit_revision_category.ordinal 
_pdbx_audit_revision_category.revision_ordinal 
_pdbx_audit_revision_category.data_content_type 
_pdbx_audit_revision_category.category 
1 4 'Structure model' chem_comp_atom                
2 4 'Structure model' chem_comp_bond                
3 4 'Structure model' database_2                    
4 4 'Structure model' struct_ref_seq_dif            
5 5 'Structure model' pdbx_initial_refinement_model 
# 
loop_
_pdbx_audit_revision_item.ordinal 
_pdbx_audit_revision_item.revision_ordinal 
_pdbx_audit_revision_item.data_content_type 
_pdbx_audit_revision_item.item 
1 4 'Structure model' '_database_2.pdbx_DOI'                
2 4 'Structure model' '_database_2.pdbx_database_accession' 
3 4 'Structure model' '_struct_ref_seq_dif.details'         
# 
_pdbx_database_status.status_code                     REL 
_pdbx_database_status.entry_id                        1SMX 
_pdbx_database_status.recvd_initial_deposition_date   2004-03-09 
_pdbx_database_status.deposit_site                    RCSB 
_pdbx_database_status.process_site                    RCSB 
_pdbx_database_status.status_code_sf                  REL 
_pdbx_database_status.SG_entry                        . 
_pdbx_database_status.pdb_format_compatible           Y 
_pdbx_database_status.status_code_mr                  ? 
_pdbx_database_status.status_code_cs                  ? 
_pdbx_database_status.status_code_nmr_data            ? 
_pdbx_database_status.methods_development_category    ? 
# 
loop_
_pdbx_database_related.db_name 
_pdbx_database_related.db_id 
_pdbx_database_related.details 
_pdbx_database_related.content_type 
PDB  1SLJ 'solution structure' unspecified 
BMRB 6122 'NMR assignment'     unspecified 
PDB  1SN8 'crystal structure'  unspecified 
# 
loop_
_audit_author.name 
_audit_author.pdbx_ordinal 
'Schubert, M.'      1 
'Edge, R.E.'        2 
'Lario, P.'         3 
'Cook, M.A.'        4 
'Strynadka, N.C.J.' 5 
'Mackie, G.A.'      6 
'McIntosh, L.P.'    7 
# 
_citation.id                        primary 
_citation.title                     
'Structural characterization of the RNase E S1 domain and identification of its oligonucleotide-binding and dimerization interfaces.' 
_citation.journal_abbrev            J.Mol.Biol. 
_citation.journal_volume            341 
_citation.page_first                37 
_citation.page_last                 54 
_citation.year                      2004 
_citation.journal_id_ASTM           JMOBAK 
_citation.country                   UK 
_citation.journal_id_ISSN           0022-2836 
_citation.journal_id_CSD            0070 
_citation.book_publisher            ? 
_citation.pdbx_database_id_PubMed   15312761 
_citation.pdbx_database_id_DOI      10.1016/j.jmb.2004.05.061 
# 
loop_
_citation_author.citation_id 
_citation_author.name 
_citation_author.ordinal 
_citation_author.identifier_ORCID 
primary 'Schubert, M.'    1 ? 
primary 'Edge, R.E.'      2 ? 
primary 'Lario, P.'       3 ? 
primary 'Cook, M.A.'      4 ? 
primary 'Strynadka, N.C.' 5 ? 
primary 'Mackie, G.A.'    6 ? 
primary 'McIntosh, L.P.'  7 ? 
# 
loop_
_entity.id 
_entity.type 
_entity.src_method 
_entity.pdbx_description 
_entity.formula_weight 
_entity.pdbx_number_of_molecules 
_entity.pdbx_ec 
_entity.pdbx_mutation 
_entity.pdbx_fragment 
_entity.details 
1 polymer man 'Ribonuclease E' 10704.134 2   3.1.4.- ? 'S1 domain (residues 35-125)' ? 
2 water   nat water            18.015    205 ?       ? ?                             ? 
# 
_entity_name_com.entity_id   1 
_entity_name_com.name        'RNase E' 
# 
_entity_poly.entity_id                      1 
_entity_poly.type                           'polypeptide(L)' 
_entity_poly.nstd_linkage                   no 
_entity_poly.nstd_monomer                   no 
_entity_poly.pdbx_seq_one_letter_code       
;GSHMLEQKKANIYKGKITRIEPSLEAAFVDYGAERHGFLPLKEIAREYFPANYSAHGRPNIKDVLREGQEVIVQIDKEER
GNKGAALTTFISLAGS
;
_entity_poly.pdbx_seq_one_letter_code_can   
;GSHMLEQKKANIYKGKITRIEPSLEAAFVDYGAERHGFLPLKEIAREYFPANYSAHGRPNIKDVLREGQEVIVQIDKEER
GNKGAALTTFISLAGS
;
_entity_poly.pdbx_strand_id                 A,B 
_entity_poly.pdbx_target_identifier         ? 
# 
_pdbx_entity_nonpoly.entity_id   2 
_pdbx_entity_nonpoly.name        water 
_pdbx_entity_nonpoly.comp_id     HOH 
# 
loop_
_entity_poly_seq.entity_id 
_entity_poly_seq.num 
_entity_poly_seq.mon_id 
_entity_poly_seq.hetero 
1 1  GLY n 
1 2  SER n 
1 3  HIS n 
1 4  MET n 
1 5  LEU n 
1 6  GLU n 
1 7  GLN n 
1 8  LYS n 
1 9  LYS n 
1 10 ALA n 
1 11 ASN n 
1 12 ILE n 
1 13 TYR n 
1 14 LYS n 
1 15 GLY n 
1 16 LYS n 
1 17 ILE n 
1 18 THR n 
1 19 ARG n 
1 20 ILE n 
1 21 GLU n 
1 22 PRO n 
1 23 SER n 
1 24 LEU n 
1 25 GLU n 
1 26 ALA n 
1 27 ALA n 
1 28 PHE n 
1 29 VAL n 
1 30 ASP n 
1 31 TYR n 
1 32 GLY n 
1 33 ALA n 
1 34 GLU n 
1 35 ARG n 
1 36 HIS n 
1 37 GLY n 
1 38 PHE n 
1 39 LEU n 
1 40 PRO n 
1 41 LEU n 
1 42 LYS n 
1 43 GLU n 
1 44 ILE n 
1 45 ALA n 
1 46 ARG n 
1 47 GLU n 
1 48 TYR n 
1 49 PHE n 
1 50 PRO n 
1 51 ALA n 
1 52 ASN n 
1 53 TYR n 
1 54 SER n 
1 55 ALA n 
1 56 HIS n 
1 57 GLY n 
1 58 ARG n 
1 59 PRO n 
1 60 ASN n 
1 61 ILE n 
1 62 LYS n 
1 63 ASP n 
1 64 VAL n 
1 65 LEU n 
1 66 ARG n 
1 67 GLU n 
1 68 GLY n 
1 69 GLN n 
1 70 GLU n 
1 71 VAL n 
1 72 ILE n 
1 73 VAL n 
1 74 GLN n 
1 75 ILE n 
1 76 ASP n 
1 77 LYS n 
1 78 GLU n 
1 79 GLU n 
1 80 ARG n 
1 81 GLY n 
1 82 ASN n 
1 83 LYS n 
1 84 GLY n 
1 85 ALA n 
1 86 ALA n 
1 87 LEU n 
1 88 THR n 
1 89 THR n 
1 90 PHE n 
1 91 ILE n 
1 92 SER n 
1 93 LEU n 
1 94 ALA n 
1 95 GLY n 
1 96 SER n 
# 
_entity_src_gen.entity_id                          1 
_entity_src_gen.pdbx_src_id                        1 
_entity_src_gen.pdbx_alt_source_flag               sample 
_entity_src_gen.pdbx_seq_type                      ? 
_entity_src_gen.pdbx_beg_seq_num                   ? 
_entity_src_gen.pdbx_end_seq_num                   ? 
_entity_src_gen.gene_src_common_name               ? 
_entity_src_gen.gene_src_genus                     Escherichia 
_entity_src_gen.pdbx_gene_src_gene                 RNE 
_entity_src_gen.gene_src_species                   ? 
_entity_src_gen.gene_src_strain                    ? 
_entity_src_gen.gene_src_tissue                    ? 
_entity_src_gen.gene_src_tissue_fraction           ? 
_entity_src_gen.gene_src_details                   ? 
_entity_src_gen.pdbx_gene_src_fragment             ? 
_entity_src_gen.pdbx_gene_src_scientific_name      'Escherichia coli' 
_entity_src_gen.pdbx_gene_src_ncbi_taxonomy_id     562 
_entity_src_gen.pdbx_gene_src_variant              ? 
_entity_src_gen.pdbx_gene_src_cell_line            ? 
_entity_src_gen.pdbx_gene_src_atcc                 ? 
_entity_src_gen.pdbx_gene_src_organ                ? 
_entity_src_gen.pdbx_gene_src_organelle            ? 
_entity_src_gen.pdbx_gene_src_cell                 ? 
_entity_src_gen.pdbx_gene_src_cellular_location    ? 
_entity_src_gen.host_org_common_name               ? 
_entity_src_gen.pdbx_host_org_scientific_name      'Escherichia coli BL21' 
_entity_src_gen.pdbx_host_org_ncbi_taxonomy_id     511693 
_entity_src_gen.host_org_genus                     Escherichia 
_entity_src_gen.pdbx_host_org_gene                 ? 
_entity_src_gen.pdbx_host_org_organ                ? 
_entity_src_gen.host_org_species                   'Escherichia coli' 
_entity_src_gen.pdbx_host_org_tissue               ? 
_entity_src_gen.pdbx_host_org_tissue_fraction      ? 
_entity_src_gen.pdbx_host_org_strain               BL21 
_entity_src_gen.pdbx_host_org_variant              ? 
_entity_src_gen.pdbx_host_org_cell_line            ? 
_entity_src_gen.pdbx_host_org_atcc                 ? 
_entity_src_gen.pdbx_host_org_culture_collection   ? 
_entity_src_gen.pdbx_host_org_cell                 ? 
_entity_src_gen.pdbx_host_org_organelle            ? 
_entity_src_gen.pdbx_host_org_cellular_location    ? 
_entity_src_gen.pdbx_host_org_vector_type          PLASMID 
_entity_src_gen.pdbx_host_org_vector               ? 
_entity_src_gen.host_org_details                   ? 
_entity_src_gen.expression_system_id               ? 
_entity_src_gen.plasmid_name                       pET15b 
_entity_src_gen.plasmid_details                    ? 
_entity_src_gen.pdbx_description                   ? 
# 
loop_
_chem_comp.id 
_chem_comp.type 
_chem_comp.mon_nstd_flag 
_chem_comp.name 
_chem_comp.pdbx_synonyms 
_chem_comp.formula 
_chem_comp.formula_weight 
ALA 'L-peptide linking' y ALANINE         ? 'C3 H7 N O2'     89.093  
ARG 'L-peptide linking' y ARGININE        ? 'C6 H15 N4 O2 1' 175.209 
ASN 'L-peptide linking' y ASPARAGINE      ? 'C4 H8 N2 O3'    132.118 
ASP 'L-peptide linking' y 'ASPARTIC ACID' ? 'C4 H7 N O4'     133.103 
GLN 'L-peptide linking' y GLUTAMINE       ? 'C5 H10 N2 O3'   146.144 
GLU 'L-peptide linking' y 'GLUTAMIC ACID' ? 'C5 H9 N O4'     147.129 
GLY 'peptide linking'   y GLYCINE         ? 'C2 H5 N O2'     75.067  
HIS 'L-peptide linking' y HISTIDINE       ? 'C6 H10 N3 O2 1' 156.162 
HOH non-polymer         . WATER           ? 'H2 O'           18.015  
ILE 'L-peptide linking' y ISOLEUCINE      ? 'C6 H13 N O2'    131.173 
LEU 'L-peptide linking' y LEUCINE         ? 'C6 H13 N O2'    131.173 
LYS 'L-peptide linking' y LYSINE          ? 'C6 H15 N2 O2 1' 147.195 
MET 'L-peptide linking' y METHIONINE      ? 'C5 H11 N O2 S'  149.211 
PHE 'L-peptide linking' y PHENYLALANINE   ? 'C9 H11 N O2'    165.189 
PRO 'L-peptide linking' y PROLINE         ? 'C5 H9 N O2'     115.130 
SER 'L-peptide linking' y SERINE          ? 'C3 H7 N O3'     105.093 
THR 'L-peptide linking' y THREONINE       ? 'C4 H9 N O3'     119.119 
TYR 'L-peptide linking' y TYROSINE        ? 'C9 H11 N O3'    181.189 
VAL 'L-peptide linking' y VALINE          ? 'C5 H11 N O2'    117.146 
# 
loop_
_pdbx_poly_seq_scheme.asym_id 
_pdbx_poly_seq_scheme.entity_id 
_pdbx_poly_seq_scheme.seq_id 
_pdbx_poly_seq_scheme.mon_id 
_pdbx_poly_seq_scheme.ndb_seq_num 
_pdbx_poly_seq_scheme.pdb_seq_num 
_pdbx_poly_seq_scheme.auth_seq_num 
_pdbx_poly_seq_scheme.pdb_mon_id 
_pdbx_poly_seq_scheme.auth_mon_id 
_pdbx_poly_seq_scheme.pdb_strand_id 
_pdbx_poly_seq_scheme.pdb_ins_code 
_pdbx_poly_seq_scheme.hetero 
A 1 1  GLY 1  30  ?   ?   ?   A . n 
A 1 2  SER 2  31  ?   ?   ?   A . n 
A 1 3  HIS 3  32  ?   ?   ?   A . n 
A 1 4  MET 4  33  ?   ?   ?   A . n 
A 1 5  LEU 5  34  ?   ?   ?   A . n 
A 1 6  GLU 6  35  ?   ?   ?   A . n 
A 1 7  GLN 7  36  ?   ?   ?   A . n 
A 1 8  LYS 8  37  ?   ?   ?   A . n 
A 1 9  LYS 9  38  ?   ?   ?   A . n 
A 1 10 ALA 10 39  39  ALA ALA A . n 
A 1 11 ASN 11 40  40  ASN ASN A . n 
A 1 12 ILE 12 41  41  ILE ILE A . n 
A 1 13 TYR 13 42  42  TYR TYR A . n 
A 1 14 LYS 14 43  43  LYS LYS A . n 
A 1 15 GLY 15 44  44  GLY GLY A . n 
A 1 16 LYS 16 45  45  LYS LYS A . n 
A 1 17 ILE 17 46  46  ILE ILE A . n 
A 1 18 THR 18 47  47  THR THR A . n 
A 1 19 ARG 19 48  48  ARG ARG A . n 
A 1 20 ILE 20 49  49  ILE ILE A . n 
A 1 21 GLU 21 50  50  GLU GLU A . n 
A 1 22 PRO 22 51  51  PRO PRO A . n 
A 1 23 SER 23 52  52  SER SER A . n 
A 1 24 LEU 24 53  53  LEU LEU A . n 
A 1 25 GLU 25 54  54  GLU GLU A . n 
A 1 26 ALA 26 55  55  ALA ALA A . n 
A 1 27 ALA 27 56  56  ALA ALA A . n 
A 1 28 PHE 28 57  57  PHE PHE A . n 
A 1 29 VAL 29 58  58  VAL VAL A . n 
A 1 30 ASP 30 59  59  ASP ASP A . n 
A 1 31 TYR 31 60  60  TYR TYR A . n 
A 1 32 GLY 32 61  61  GLY GLY A . n 
A 1 33 ALA 33 62  62  ALA ALA A . n 
A 1 34 GLU 34 63  63  GLU GLU A . n 
A 1 35 ARG 35 64  64  ARG ARG A . n 
A 1 36 HIS 36 65  65  HIS HIS A . n 
A 1 37 GLY 37 66  66  GLY GLY A . n 
A 1 38 PHE 38 67  67  PHE PHE A . n 
A 1 39 LEU 39 68  68  LEU LEU A . n 
A 1 40 PRO 40 69  69  PRO PRO A . n 
A 1 41 LEU 41 70  70  LEU LEU A . n 
A 1 42 LYS 42 71  71  LYS LYS A . n 
A 1 43 GLU 43 72  72  GLU GLU A . n 
A 1 44 ILE 44 73  73  ILE ILE A . n 
A 1 45 ALA 45 74  74  ALA ALA A . n 
A 1 46 ARG 46 75  75  ARG ARG A . n 
A 1 47 GLU 47 76  76  GLU GLU A . n 
A 1 48 TYR 48 77  77  TYR TYR A . n 
A 1 49 PHE 49 78  78  PHE PHE A . n 
A 1 50 PRO 50 79  79  PRO PRO A . n 
A 1 51 ALA 51 80  80  ALA ALA A . n 
A 1 52 ASN 52 81  81  ASN ASN A . n 
A 1 53 TYR 53 82  82  TYR TYR A . n 
A 1 54 SER 54 83  83  SER SER A . n 
A 1 55 ALA 55 84  84  ALA ALA A . n 
A 1 56 HIS 56 85  85  HIS HIS A . n 
A 1 57 GLY 57 86  86  GLY GLY A . n 
A 1 58 ARG 58 87  87  ARG ARG A . n 
A 1 59 PRO 59 88  88  PRO PRO A . n 
A 1 60 ASN 60 89  89  ASN ASN A . n 
A 1 61 ILE 61 90  90  ILE ILE A . n 
A 1 62 LYS 62 91  91  LYS LYS A . n 
A 1 63 ASP 63 92  92  ASP ASP A . n 
A 1 64 VAL 64 93  93  VAL VAL A . n 
A 1 65 LEU 65 94  94  LEU LEU A . n 
A 1 66 ARG 66 95  95  ARG ARG A . n 
A 1 67 GLU 67 96  96  GLU GLU A . n 
A 1 68 GLY 68 97  97  GLY GLY A . n 
A 1 69 GLN 69 98  98  GLN GLN A . n 
A 1 70 GLU 70 99  99  GLU GLU A . n 
A 1 71 VAL 71 100 100 VAL VAL A . n 
A 1 72 ILE 72 101 101 ILE ILE A . n 
A 1 73 VAL 73 102 102 VAL VAL A . n 
A 1 74 GLN 74 103 103 GLN GLN A . n 
A 1 75 ILE 75 104 104 ILE ILE A . n 
A 1 76 ASP 76 105 105 ASP ASP A . n 
A 1 77 LYS 77 106 106 LYS LYS A . n 
A 1 78 GLU 78 107 107 GLU GLU A . n 
A 1 79 GLU 79 108 108 GLU GLU A . n 
A 1 80 ARG 80 109 109 ARG ARG A . n 
A 1 81 GLY 81 110 110 GLY GLY A . n 
A 1 82 ASN 82 111 111 ASN ASN A . n 
A 1 83 LYS 83 112 112 LYS LYS A . n 
A 1 84 GLY 84 113 113 GLY GLY A . n 
A 1 85 ALA 85 114 114 ALA ALA A . n 
A 1 86 ALA 86 115 115 ALA ALA A . n 
A 1 87 LEU 87 116 116 LEU LEU A . n 
A 1 88 THR 88 117 117 THR THR A . n 
A 1 89 THR 89 118 118 THR THR A . n 
A 1 90 PHE 90 119 119 PHE PHE A . n 
A 1 91 ILE 91 120 120 ILE ILE A . n 
A 1 92 SER 92 121 121 SER SER A . n 
A 1 93 LEU 93 122 122 LEU LEU A . n 
A 1 94 ALA 94 123 123 ALA ALA A . n 
A 1 95 GLY 95 124 124 GLY GLY A . n 
A 1 96 SER 96 125 125 SER SER A . n 
B 1 1  GLY 1  30  ?   ?   ?   B . n 
B 1 2  SER 2  31  ?   ?   ?   B . n 
B 1 3  HIS 3  32  ?   ?   ?   B . n 
B 1 4  MET 4  33  ?   ?   ?   B . n 
B 1 5  LEU 5  34  ?   ?   ?   B . n 
B 1 6  GLU 6  35  ?   ?   ?   B . n 
B 1 7  GLN 7  36  ?   ?   ?   B . n 
B 1 8  LYS 8  37  ?   ?   ?   B . n 
B 1 9  LYS 9  38  ?   ?   ?   B . n 
B 1 10 ALA 10 39  39  ALA ALA B . n 
B 1 11 ASN 11 40  40  ASN ASN B . n 
B 1 12 ILE 12 41  41  ILE ILE B . n 
B 1 13 TYR 13 42  42  TYR TYR B . n 
B 1 14 LYS 14 43  43  LYS LYS B . n 
B 1 15 GLY 15 44  44  GLY GLY B . n 
B 1 16 LYS 16 45  45  LYS LYS B . n 
B 1 17 ILE 17 46  46  ILE ILE B . n 
B 1 18 THR 18 47  47  THR THR B . n 
B 1 19 ARG 19 48  48  ARG ARG B . n 
B 1 20 ILE 20 49  49  ILE ILE B . n 
B 1 21 GLU 21 50  50  GLU GLU B . n 
B 1 22 PRO 22 51  51  PRO PRO B . n 
B 1 23 SER 23 52  52  SER SER B . n 
B 1 24 LEU 24 53  53  LEU LEU B . n 
B 1 25 GLU 25 54  54  GLU GLU B . n 
B 1 26 ALA 26 55  55  ALA ALA B . n 
B 1 27 ALA 27 56  56  ALA ALA B . n 
B 1 28 PHE 28 57  57  PHE PHE B . n 
B 1 29 VAL 29 58  58  VAL VAL B . n 
B 1 30 ASP 30 59  59  ASP ASP B . n 
B 1 31 TYR 31 60  60  TYR TYR B . n 
B 1 32 GLY 32 61  61  GLY GLY B . n 
B 1 33 ALA 33 62  62  ALA ALA B . n 
B 1 34 GLU 34 63  63  GLU GLU B . n 
B 1 35 ARG 35 64  64  ARG ARG B . n 
B 1 36 HIS 36 65  65  HIS HIS B . n 
B 1 37 GLY 37 66  66  GLY GLY B . n 
B 1 38 PHE 38 67  67  PHE PHE B . n 
B 1 39 LEU 39 68  68  LEU LEU B . n 
B 1 40 PRO 40 69  69  PRO PRO B . n 
B 1 41 LEU 41 70  70  LEU LEU B . n 
B 1 42 LYS 42 71  71  LYS LYS B . n 
B 1 43 GLU 43 72  72  GLU GLU B . n 
B 1 44 ILE 44 73  73  ILE ILE B . n 
B 1 45 ALA 45 74  74  ALA ALA B . n 
B 1 46 ARG 46 75  75  ARG ARG B . n 
B 1 47 GLU 47 76  76  GLU GLU B . n 
B 1 48 TYR 48 77  77  TYR TYR B . n 
B 1 49 PHE 49 78  78  PHE PHE B . n 
B 1 50 PRO 50 79  79  PRO PRO B . n 
B 1 51 ALA 51 80  80  ALA ALA B . n 
B 1 52 ASN 52 81  ?   ?   ?   B . n 
B 1 53 TYR 53 82  ?   ?   ?   B . n 
B 1 54 SER 54 83  ?   ?   ?   B . n 
B 1 55 ALA 55 84  ?   ?   ?   B . n 
B 1 56 HIS 56 85  ?   ?   ?   B . n 
B 1 57 GLY 57 86  ?   ?   ?   B . n 
B 1 58 ARG 58 87  87  ARG ALA B . n 
B 1 59 PRO 59 88  88  PRO PRO B . n 
B 1 60 ASN 60 89  89  ASN ASN B . n 
B 1 61 ILE 61 90  90  ILE ILE B . n 
B 1 62 LYS 62 91  91  LYS LYS B . n 
B 1 63 ASP 63 92  92  ASP ASP B . n 
B 1 64 VAL 64 93  93  VAL VAL B . n 
B 1 65 LEU 65 94  94  LEU LEU B . n 
B 1 66 ARG 66 95  95  ARG ARG B . n 
B 1 67 GLU 67 96  96  GLU GLU B . n 
B 1 68 GLY 68 97  97  GLY GLY B . n 
B 1 69 GLN 69 98  98  GLN GLN B . n 
B 1 70 GLU 70 99  99  GLU GLU B . n 
B 1 71 VAL 71 100 100 VAL VAL B . n 
B 1 72 ILE 72 101 101 ILE ILE B . n 
B 1 73 VAL 73 102 102 VAL VAL B . n 
B 1 74 GLN 74 103 103 GLN GLN B . n 
B 1 75 ILE 75 104 104 ILE ILE B . n 
B 1 76 ASP 76 105 105 ASP ASP B . n 
B 1 77 LYS 77 106 106 LYS LYS B . n 
B 1 78 GLU 78 107 107 GLU GLU B . n 
B 1 79 GLU 79 108 108 GLU GLU B . n 
B 1 80 ARG 80 109 109 ARG ARG B . n 
B 1 81 GLY 81 110 110 GLY GLY B . n 
B 1 82 ASN 82 111 111 ASN ASN B . n 
B 1 83 LYS 83 112 112 LYS LYS B . n 
B 1 84 GLY 84 113 113 GLY GLY B . n 
B 1 85 ALA 85 114 114 ALA ALA B . n 
B 1 86 ALA 86 115 115 ALA ALA B . n 
B 1 87 LEU 87 116 116 LEU LEU B . n 
B 1 88 THR 88 117 117 THR THR B . n 
B 1 89 THR 89 118 118 THR THR B . n 
B 1 90 PHE 90 119 119 PHE PHE B . n 
B 1 91 ILE 91 120 120 ILE ILE B . n 
B 1 92 SER 92 121 121 SER SER B . n 
B 1 93 LEU 93 122 122 LEU LEU B . n 
B 1 94 ALA 94 123 123 ALA ALA B . n 
B 1 95 GLY 95 124 124 GLY GLY B . n 
B 1 96 SER 96 125 125 SER SER B . n 
# 
loop_
_pdbx_nonpoly_scheme.asym_id 
_pdbx_nonpoly_scheme.entity_id 
_pdbx_nonpoly_scheme.mon_id 
_pdbx_nonpoly_scheme.ndb_seq_num 
_pdbx_nonpoly_scheme.pdb_seq_num 
_pdbx_nonpoly_scheme.auth_seq_num 
_pdbx_nonpoly_scheme.pdb_mon_id 
_pdbx_nonpoly_scheme.auth_mon_id 
_pdbx_nonpoly_scheme.pdb_strand_id 
_pdbx_nonpoly_scheme.pdb_ins_code 
C 2 HOH 1   126 4   HOH HOH A . 
C 2 HOH 2   127 5   HOH HOH A . 
C 2 HOH 3   128 7   HOH HOH A . 
C 2 HOH 4   129 8   HOH HOH A . 
C 2 HOH 5   130 10  HOH HOH A . 
C 2 HOH 6   131 11  HOH HOH A . 
C 2 HOH 7   132 12  HOH HOH A . 
C 2 HOH 8   133 13  HOH HOH A . 
C 2 HOH 9   134 15  HOH HOH A . 
C 2 HOH 10  135 17  HOH HOH A . 
C 2 HOH 11  136 20  HOH HOH A . 
C 2 HOH 12  137 21  HOH HOH A . 
C 2 HOH 13  138 22  HOH HOH A . 
C 2 HOH 14  139 23  HOH HOH A . 
C 2 HOH 15  140 24  HOH HOH A . 
C 2 HOH 16  141 27  HOH HOH A . 
C 2 HOH 17  142 28  HOH HOH A . 
C 2 HOH 18  143 29  HOH HOH A . 
C 2 HOH 19  144 33  HOH HOH A . 
C 2 HOH 20  145 35  HOH HOH A . 
C 2 HOH 21  146 36  HOH HOH A . 
C 2 HOH 22  147 37  HOH HOH A . 
C 2 HOH 23  148 38  HOH HOH A . 
C 2 HOH 24  149 39  HOH HOH A . 
C 2 HOH 25  150 40  HOH HOH A . 
C 2 HOH 26  151 43  HOH HOH A . 
C 2 HOH 27  152 44  HOH HOH A . 
C 2 HOH 28  153 45  HOH HOH A . 
C 2 HOH 29  154 49  HOH HOH A . 
C 2 HOH 30  155 50  HOH HOH A . 
C 2 HOH 31  156 51  HOH HOH A . 
C 2 HOH 32  157 52  HOH HOH A . 
C 2 HOH 33  158 53  HOH HOH A . 
C 2 HOH 34  159 54  HOH HOH A . 
C 2 HOH 35  160 55  HOH HOH A . 
C 2 HOH 36  161 58  HOH HOH A . 
C 2 HOH 37  162 60  HOH HOH A . 
C 2 HOH 38  163 62  HOH HOH A . 
C 2 HOH 39  164 65  HOH HOH A . 
C 2 HOH 40  165 66  HOH HOH A . 
C 2 HOH 41  166 68  HOH HOH A . 
C 2 HOH 42  167 73  HOH HOH A . 
C 2 HOH 43  168 74  HOH HOH A . 
C 2 HOH 44  169 75  HOH HOH A . 
C 2 HOH 45  170 76  HOH HOH A . 
C 2 HOH 46  171 77  HOH HOH A . 
C 2 HOH 47  172 81  HOH HOH A . 
C 2 HOH 48  173 83  HOH HOH A . 
C 2 HOH 49  174 84  HOH HOH A . 
C 2 HOH 50  175 85  HOH HOH A . 
C 2 HOH 51  176 86  HOH HOH A . 
C 2 HOH 52  177 87  HOH HOH A . 
C 2 HOH 53  178 88  HOH HOH A . 
C 2 HOH 54  179 89  HOH HOH A . 
C 2 HOH 55  180 90  HOH HOH A . 
C 2 HOH 56  181 93  HOH HOH A . 
C 2 HOH 57  182 94  HOH HOH A . 
C 2 HOH 58  183 97  HOH HOH A . 
C 2 HOH 59  184 98  HOH HOH A . 
C 2 HOH 60  185 100 HOH HOH A . 
C 2 HOH 61  186 101 HOH HOH A . 
C 2 HOH 62  187 102 HOH HOH A . 
C 2 HOH 63  188 113 HOH HOH A . 
C 2 HOH 64  189 114 HOH HOH A . 
C 2 HOH 65  190 116 HOH HOH A . 
C 2 HOH 66  191 117 HOH HOH A . 
C 2 HOH 67  192 118 HOH HOH A . 
C 2 HOH 68  193 120 HOH HOH A . 
C 2 HOH 69  194 121 HOH HOH A . 
C 2 HOH 70  195 127 HOH HOH A . 
C 2 HOH 71  196 133 HOH HOH A . 
C 2 HOH 72  197 137 HOH HOH A . 
C 2 HOH 73  198 139 HOH HOH A . 
C 2 HOH 74  199 140 HOH HOH A . 
C 2 HOH 75  200 141 HOH HOH A . 
C 2 HOH 76  201 142 HOH HOH A . 
C 2 HOH 77  202 143 HOH HOH A . 
C 2 HOH 78  203 147 HOH HOH A . 
C 2 HOH 79  204 148 HOH HOH A . 
C 2 HOH 80  205 149 HOH HOH A . 
C 2 HOH 81  206 150 HOH HOH A . 
C 2 HOH 82  207 151 HOH HOH A . 
C 2 HOH 83  208 154 HOH HOH A . 
C 2 HOH 84  209 155 HOH HOH A . 
C 2 HOH 85  210 160 HOH HOH A . 
C 2 HOH 86  211 161 HOH HOH A . 
C 2 HOH 87  212 168 HOH HOH A . 
C 2 HOH 88  213 169 HOH HOH A . 
C 2 HOH 89  214 170 HOH HOH A . 
C 2 HOH 90  215 171 HOH HOH A . 
C 2 HOH 91  216 173 HOH HOH A . 
C 2 HOH 92  217 174 HOH HOH A . 
C 2 HOH 93  218 175 HOH HOH A . 
C 2 HOH 94  219 176 HOH HOH A . 
C 2 HOH 95  220 177 HOH HOH A . 
C 2 HOH 96  221 178 HOH HOH A . 
C 2 HOH 97  222 179 HOH HOH A . 
C 2 HOH 98  223 180 HOH HOH A . 
C 2 HOH 99  224 181 HOH HOH A . 
C 2 HOH 100 225 182 HOH HOH A . 
C 2 HOH 101 226 183 HOH HOH A . 
C 2 HOH 102 227 184 HOH HOH A . 
C 2 HOH 103 228 186 HOH HOH A . 
C 2 HOH 104 229 189 HOH HOH A . 
C 2 HOH 105 230 190 HOH HOH A . 
C 2 HOH 106 231 191 HOH HOH A . 
C 2 HOH 107 232 192 HOH HOH A . 
C 2 HOH 108 233 193 HOH HOH A . 
C 2 HOH 109 234 195 HOH HOH A . 
C 2 HOH 110 235 196 HOH HOH A . 
C 2 HOH 111 236 197 HOH HOH A . 
C 2 HOH 112 237 199 HOH HOH A . 
C 2 HOH 113 238 201 HOH HOH A . 
C 2 HOH 114 239 203 HOH HOH A . 
C 2 HOH 115 240 205 HOH HOH A . 
D 2 HOH 1   126 1   HOH HOH B . 
D 2 HOH 2   127 2   HOH HOH B . 
D 2 HOH 3   128 3   HOH HOH B . 
D 2 HOH 4   129 6   HOH HOH B . 
D 2 HOH 5   130 9   HOH HOH B . 
D 2 HOH 6   131 14  HOH HOH B . 
D 2 HOH 7   132 16  HOH HOH B . 
D 2 HOH 8   133 18  HOH HOH B . 
D 2 HOH 9   134 19  HOH HOH B . 
D 2 HOH 10  135 25  HOH HOH B . 
D 2 HOH 11  136 26  HOH HOH B . 
D 2 HOH 12  137 30  HOH HOH B . 
D 2 HOH 13  138 31  HOH HOH B . 
D 2 HOH 14  139 32  HOH HOH B . 
D 2 HOH 15  140 34  HOH HOH B . 
D 2 HOH 16  141 41  HOH HOH B . 
D 2 HOH 17  142 42  HOH HOH B . 
D 2 HOH 18  143 46  HOH HOH B . 
D 2 HOH 19  144 47  HOH HOH B . 
D 2 HOH 20  145 48  HOH HOH B . 
D 2 HOH 21  146 56  HOH HOH B . 
D 2 HOH 22  147 57  HOH HOH B . 
D 2 HOH 23  148 59  HOH HOH B . 
D 2 HOH 24  149 61  HOH HOH B . 
D 2 HOH 25  150 63  HOH HOH B . 
D 2 HOH 26  151 64  HOH HOH B . 
D 2 HOH 27  152 67  HOH HOH B . 
D 2 HOH 28  153 69  HOH HOH B . 
D 2 HOH 29  154 70  HOH HOH B . 
D 2 HOH 30  155 71  HOH HOH B . 
D 2 HOH 31  156 72  HOH HOH B . 
D 2 HOH 32  157 78  HOH HOH B . 
D 2 HOH 33  158 79  HOH HOH B . 
D 2 HOH 34  159 80  HOH HOH B . 
D 2 HOH 35  160 82  HOH HOH B . 
D 2 HOH 36  161 91  HOH HOH B . 
D 2 HOH 37  162 92  HOH HOH B . 
D 2 HOH 38  163 95  HOH HOH B . 
D 2 HOH 39  164 96  HOH HOH B . 
D 2 HOH 40  165 99  HOH HOH B . 
D 2 HOH 41  166 103 HOH HOH B . 
D 2 HOH 42  167 104 HOH HOH B . 
D 2 HOH 43  168 105 HOH HOH B . 
D 2 HOH 44  169 106 HOH HOH B . 
D 2 HOH 45  170 107 HOH HOH B . 
D 2 HOH 46  171 108 HOH HOH B . 
D 2 HOH 47  172 109 HOH HOH B . 
D 2 HOH 48  173 110 HOH HOH B . 
D 2 HOH 49  174 111 HOH HOH B . 
D 2 HOH 50  175 112 HOH HOH B . 
D 2 HOH 51  176 115 HOH HOH B . 
D 2 HOH 52  177 119 HOH HOH B . 
D 2 HOH 53  178 122 HOH HOH B . 
D 2 HOH 54  179 123 HOH HOH B . 
D 2 HOH 55  180 124 HOH HOH B . 
D 2 HOH 56  181 125 HOH HOH B . 
D 2 HOH 57  182 126 HOH HOH B . 
D 2 HOH 58  183 128 HOH HOH B . 
D 2 HOH 59  184 129 HOH HOH B . 
D 2 HOH 60  185 130 HOH HOH B . 
D 2 HOH 61  186 131 HOH HOH B . 
D 2 HOH 62  187 132 HOH HOH B . 
D 2 HOH 63  188 134 HOH HOH B . 
D 2 HOH 64  189 135 HOH HOH B . 
D 2 HOH 65  190 136 HOH HOH B . 
D 2 HOH 66  191 138 HOH HOH B . 
D 2 HOH 67  192 144 HOH HOH B . 
D 2 HOH 68  193 145 HOH HOH B . 
D 2 HOH 69  194 146 HOH HOH B . 
D 2 HOH 70  195 152 HOH HOH B . 
D 2 HOH 71  196 153 HOH HOH B . 
D 2 HOH 72  197 156 HOH HOH B . 
D 2 HOH 73  198 157 HOH HOH B . 
D 2 HOH 74  199 158 HOH HOH B . 
D 2 HOH 75  200 159 HOH HOH B . 
D 2 HOH 76  201 162 HOH HOH B . 
D 2 HOH 77  202 163 HOH HOH B . 
D 2 HOH 78  203 164 HOH HOH B . 
D 2 HOH 79  204 165 HOH HOH B . 
D 2 HOH 80  205 166 HOH HOH B . 
D 2 HOH 81  206 167 HOH HOH B . 
D 2 HOH 82  207 172 HOH HOH B . 
D 2 HOH 83  208 185 HOH HOH B . 
D 2 HOH 84  209 187 HOH HOH B . 
D 2 HOH 85  210 188 HOH HOH B . 
D 2 HOH 86  211 194 HOH HOH B . 
D 2 HOH 87  212 198 HOH HOH B . 
D 2 HOH 88  213 200 HOH HOH B . 
D 2 HOH 89  214 202 HOH HOH B . 
D 2 HOH 90  215 204 HOH HOH B . 
# 
loop_
_pdbx_unobs_or_zero_occ_atoms.id 
_pdbx_unobs_or_zero_occ_atoms.PDB_model_num 
_pdbx_unobs_or_zero_occ_atoms.polymer_flag 
_pdbx_unobs_or_zero_occ_atoms.occupancy_flag 
_pdbx_unobs_or_zero_occ_atoms.auth_asym_id 
_pdbx_unobs_or_zero_occ_atoms.auth_comp_id 
_pdbx_unobs_or_zero_occ_atoms.auth_seq_id 
_pdbx_unobs_or_zero_occ_atoms.PDB_ins_code 
_pdbx_unobs_or_zero_occ_atoms.auth_atom_id 
_pdbx_unobs_or_zero_occ_atoms.label_alt_id 
_pdbx_unobs_or_zero_occ_atoms.label_asym_id 
_pdbx_unobs_or_zero_occ_atoms.label_comp_id 
_pdbx_unobs_or_zero_occ_atoms.label_seq_id 
_pdbx_unobs_or_zero_occ_atoms.label_atom_id 
1  1 Y 0 A LYS 91  ? CD  ? A LYS 62 CD  
2  1 Y 0 A LYS 91  ? CE  ? A LYS 62 CE  
3  1 Y 0 A LYS 91  ? NZ  ? A LYS 62 NZ  
4  1 Y 0 A ARG 95  ? NE  ? A ARG 66 NE  
5  1 Y 0 A ARG 95  ? CZ  ? A ARG 66 CZ  
6  1 Y 0 A ARG 95  ? NH1 ? A ARG 66 NH1 
7  1 Y 0 A ARG 95  ? NH2 ? A ARG 66 NH2 
8  1 Y 0 A LYS 106 ? CD  ? A LYS 77 CD  
9  1 Y 0 A LYS 106 ? CE  ? A LYS 77 CE  
10 1 Y 0 A LYS 106 ? NZ  ? A LYS 77 NZ  
11 1 Y 0 B ARG 48  ? CZ  ? B ARG 19 CZ  
12 1 Y 0 B ARG 48  ? NH1 ? B ARG 19 NH1 
13 1 Y 0 B ARG 48  ? NH2 ? B ARG 19 NH2 
14 1 Y 1 B ARG 87  ? CG  ? B ARG 58 CG  
15 1 Y 1 B ARG 87  ? CD  ? B ARG 58 CD  
16 1 Y 1 B ARG 87  ? NE  ? B ARG 58 NE  
17 1 Y 1 B ARG 87  ? CZ  ? B ARG 58 CZ  
18 1 Y 1 B ARG 87  ? NH1 ? B ARG 58 NH1 
19 1 Y 1 B ARG 87  ? NH2 ? B ARG 58 NH2 
20 1 Y 0 B LYS 91  ? CD  ? B LYS 62 CD  
21 1 Y 0 B LYS 91  ? CE  ? B LYS 62 CE  
22 1 Y 0 B LYS 91  ? NZ  ? B LYS 62 NZ  
23 1 Y 0 B ARG 95  ? NE  ? B ARG 66 NE  
24 1 Y 0 B ARG 95  ? CZ  ? B ARG 66 CZ  
25 1 Y 0 B ARG 95  ? NH1 ? B ARG 66 NH1 
26 1 Y 0 B ARG 95  ? NH2 ? B ARG 66 NH2 
# 
loop_
_software.name 
_software.classification 
_software.version 
_software.citation_id 
_software.pdbx_ordinal 
REFMAC    refinement       5.1.24 ? 1 
DENZO     'data reduction' .      ? 2 
SCALEPACK 'data scaling'   .      ? 3 
SOLVE     phasing          .      ? 4 
# 
_cell.entry_id           1SMX 
_cell.length_a           70.378 
_cell.length_b           70.378 
_cell.length_c           87.917 
_cell.angle_alpha        90.00 
_cell.angle_beta         90.00 
_cell.angle_gamma        90.00 
_cell.Z_PDB              16 
_cell.pdbx_unique_axis   ? 
# 
_symmetry.entry_id                         1SMX 
_symmetry.space_group_name_H-M             'P 41 21 2' 
_symmetry.pdbx_full_space_group_name_H-M   ? 
_symmetry.cell_setting                     ? 
_symmetry.Int_Tables_number                92 
_symmetry.space_group_name_Hall            ? 
# 
_exptl.entry_id          1SMX 
_exptl.method            'X-RAY DIFFRACTION' 
_exptl.crystals_number   1 
# 
_exptl_crystal.id                    1 
_exptl_crystal.density_meas          ? 
_exptl_crystal.density_percent_sol   51.3 
_exptl_crystal.description           ? 
_exptl_crystal.density_Matthews      2.5 
_exptl_crystal.F_000                 ? 
_exptl_crystal.preparation           ? 
# 
_exptl_crystal_grow.crystal_id      1 
_exptl_crystal_grow.method          'VAPOR DIFFUSION, HANGING DROP' 
_exptl_crystal_grow.temp            291 
_exptl_crystal_grow.temp_details    ? 
_exptl_crystal_grow.pH              6.5 
_exptl_crystal_grow.pdbx_details    
'PEG 8000, sodium cacodylate, sodium acetate, glycerol, pH 6.5, VAPOR DIFFUSION, HANGING DROP, temperature 291K' 
_exptl_crystal_grow.pdbx_pH_range   . 
# 
_diffrn.id                     1 
_diffrn.ambient_temp           100 
_diffrn.ambient_temp_details   ? 
_diffrn.crystal_id             1 
# 
_diffrn_detector.diffrn_id              1 
_diffrn_detector.detector               CCD 
_diffrn_detector.type                   'ADSC QUANTUM 210' 
_diffrn_detector.pdbx_collection_date   2003-08-28 
_diffrn_detector.details                ? 
# 
_diffrn_radiation.diffrn_id                        1 
_diffrn_radiation.wavelength_id                    1 
_diffrn_radiation.pdbx_monochromatic_or_laue_m_l   M 
_diffrn_radiation.monochromator                    'Double crystal, Si(111)' 
_diffrn_radiation.pdbx_diffrn_protocol             'SINGLE WAVELENGTH' 
_diffrn_radiation.pdbx_scattering_type             x-ray 
# 
_diffrn_radiation_wavelength.id           1 
_diffrn_radiation_wavelength.wavelength   1.0781 
_diffrn_radiation_wavelength.wt           1.0 
# 
_diffrn_source.diffrn_id                   1 
_diffrn_source.source                      SYNCHROTRON 
_diffrn_source.type                        'ALS BEAMLINE 8.2.1' 
_diffrn_source.pdbx_synchrotron_site       ALS 
_diffrn_source.pdbx_synchrotron_beamline   8.2.1 
_diffrn_source.pdbx_wavelength             ? 
_diffrn_source.pdbx_wavelength_list        1.0781 
# 
_reflns.entry_id                     1SMX 
_reflns.observed_criterion_sigma_F   0.0 
_reflns.observed_criterion_sigma_I   0.0 
_reflns.d_resolution_high            1.8 
_reflns.d_resolution_low             50 
_reflns.number_all                   21123 
_reflns.number_obs                   20912 
_reflns.percent_possible_obs         99.0 
_reflns.pdbx_Rmerge_I_obs            ? 
_reflns.pdbx_Rsym_value              0.05 
_reflns.pdbx_netI_over_sigmaI        30.8 
_reflns.B_iso_Wilson_estimate        29.2 
_reflns.pdbx_redundancy              7.76 
_reflns.R_free_details               ? 
_reflns.limit_h_max                  ? 
_reflns.limit_h_min                  ? 
_reflns.limit_k_max                  ? 
_reflns.limit_k_min                  ? 
_reflns.limit_l_max                  ? 
_reflns.limit_l_min                  ? 
_reflns.observed_criterion_F_max     ? 
_reflns.observed_criterion_F_min     ? 
_reflns.pdbx_chi_squared             ? 
_reflns.pdbx_scaling_rejects         ? 
_reflns.pdbx_diffrn_id               1 
_reflns.pdbx_ordinal                 1 
# 
_reflns_shell.d_res_high             1.80 
_reflns_shell.d_res_low              1.86 
_reflns_shell.percent_possible_all   93.5 
_reflns_shell.Rmerge_I_obs           ? 
_reflns_shell.pdbx_Rsym_value        0.378 
_reflns_shell.meanI_over_sigI_obs    4.65 
_reflns_shell.pdbx_redundancy        ? 
_reflns_shell.percent_possible_obs   ? 
_reflns_shell.number_unique_all      ? 
_reflns_shell.number_measured_all    ? 
_reflns_shell.number_measured_obs    ? 
_reflns_shell.number_unique_obs      ? 
_reflns_shell.pdbx_chi_squared       ? 
_reflns_shell.pdbx_diffrn_id         ? 
_reflns_shell.pdbx_ordinal           1 
# 
_refine.entry_id                                 1SMX 
_refine.ls_number_reflns_obs                     19874 
_refine.ls_number_reflns_all                     19874 
_refine.pdbx_ls_sigma_I                          0.0 
_refine.pdbx_ls_sigma_F                          0.0 
_refine.pdbx_data_cutoff_high_absF               ? 
_refine.pdbx_data_cutoff_low_absF                ? 
_refine.pdbx_data_cutoff_high_rms_absF           ? 
_refine.ls_d_res_low                             50 
_refine.ls_d_res_high                            1.80 
_refine.ls_percent_reflns_obs                    98.99 
_refine.ls_R_factor_obs                          0.20009 
_refine.ls_R_factor_all                          0.20009 
_refine.ls_R_factor_R_work                       0.19854 
_refine.ls_R_factor_R_free                       0.23109 
_refine.ls_R_factor_R_free_error                 ? 
_refine.ls_R_factor_R_free_error_details         ? 
_refine.ls_percent_reflns_R_free                 4.8 
_refine.ls_number_reflns_R_free                  1012 
_refine.ls_number_parameters                     ? 
_refine.ls_number_restraints                     ? 
_refine.occupancy_min                            ? 
_refine.occupancy_max                            ? 
_refine.correlation_coeff_Fo_to_Fc               0.958 
_refine.correlation_coeff_Fo_to_Fc_free          0.949 
_refine.B_iso_mean                               27.342 
_refine.aniso_B[1][1]                            0.82 
_refine.aniso_B[2][2]                            0.82 
_refine.aniso_B[3][3]                            -1.64 
_refine.aniso_B[1][2]                            0.00 
_refine.aniso_B[1][3]                            0.00 
_refine.aniso_B[2][3]                            0.00 
_refine.solvent_model_details                    'BABINET MODEL WITH MASK' 
_refine.solvent_model_param_ksol                 ? 
_refine.solvent_model_param_bsol                 ? 
_refine.pdbx_solvent_vdw_probe_radii             1.40 
_refine.pdbx_solvent_ion_probe_radii             0.80 
_refine.pdbx_solvent_shrinkage_radii             0.80 
_refine.pdbx_ls_cross_valid_method               THROUGHOUT 
_refine.details                                  'HYDROGENS HAVE BEEN ADDED IN THE RIDING POSITIONS' 
_refine.pdbx_starting_model                      'Pb derivative structure' 
_refine.pdbx_method_to_determine_struct          SAD 
_refine.pdbx_isotropic_thermal_model             ? 
_refine.pdbx_stereochemistry_target_values       'MAXIMUM LIKELIHOOD' 
_refine.pdbx_stereochem_target_val_spec_case     ? 
_refine.pdbx_R_Free_selection_details            RANDOM 
_refine.pdbx_overall_ESU_R                       0.121 
_refine.pdbx_overall_ESU_R_Free                  0.117 
_refine.overall_SU_ML                            0.087 
_refine.overall_SU_B                             2.833 
_refine.ls_redundancy_reflns_obs                 ? 
_refine.B_iso_min                                ? 
_refine.B_iso_max                                ? 
_refine.overall_SU_R_Cruickshank_DPI             ? 
_refine.overall_SU_R_free                        ? 
_refine.ls_wR_factor_R_free                      ? 
_refine.ls_wR_factor_R_work                      ? 
_refine.overall_FOM_free_R_set                   ? 
_refine.overall_FOM_work_R_set                   ? 
_refine.pdbx_refine_id                           'X-RAY DIFFRACTION' 
_refine.pdbx_diffrn_id                           1 
_refine.pdbx_TLS_residual_ADP_flag               ? 
_refine.pdbx_overall_phase_error                 ? 
_refine.pdbx_overall_SU_R_free_Cruickshank_DPI   ? 
_refine.pdbx_overall_SU_R_Blow_DPI               ? 
_refine.pdbx_overall_SU_R_free_Blow_DPI          ? 
# 
_refine_hist.pdbx_refine_id                   'X-RAY DIFFRACTION' 
_refine_hist.cycle_id                         LAST 
_refine_hist.pdbx_number_atoms_protein        1327 
_refine_hist.pdbx_number_atoms_nucleic_acid   0 
_refine_hist.pdbx_number_atoms_ligand         0 
_refine_hist.number_atoms_solvent             205 
_refine_hist.number_atoms_total               1532 
_refine_hist.d_res_high                       1.80 
_refine_hist.d_res_low                        50 
# 
loop_
_refine_ls_restr.type 
_refine_ls_restr.dev_ideal 
_refine_ls_restr.dev_ideal_target 
_refine_ls_restr.weight 
_refine_ls_restr.number 
_refine_ls_restr.pdbx_refine_id 
_refine_ls_restr.pdbx_restraint_function 
r_bond_refined_d         0.013 0.021 ? 1332 'X-RAY DIFFRACTION' ? 
r_bond_other_d           0.002 0.020 ? 1217 'X-RAY DIFFRACTION' ? 
r_angle_refined_deg      1.315 1.965 ? 1798 'X-RAY DIFFRACTION' ? 
r_angle_other_deg        0.736 3.000 ? 2829 'X-RAY DIFFRACTION' ? 
r_dihedral_angle_1_deg   7.073 5.000 ? 167  'X-RAY DIFFRACTION' ? 
r_chiral_restr           0.085 0.200 ? 196  'X-RAY DIFFRACTION' ? 
r_gen_planes_refined     0.005 0.020 ? 1503 'X-RAY DIFFRACTION' ? 
r_gen_planes_other       0.002 0.020 ? 269  'X-RAY DIFFRACTION' ? 
r_nbd_refined            0.206 0.200 ? 196  'X-RAY DIFFRACTION' ? 
r_nbd_other              0.246 0.200 ? 1364 'X-RAY DIFFRACTION' ? 
r_nbtor_other            0.083 0.200 ? 840  'X-RAY DIFFRACTION' ? 
r_xyhbond_nbd_refined    0.156 0.200 ? 130  'X-RAY DIFFRACTION' ? 
r_symmetry_vdw_refined   0.200 0.200 ? 3    'X-RAY DIFFRACTION' ? 
r_symmetry_vdw_other     0.272 0.200 ? 57   'X-RAY DIFFRACTION' ? 
r_symmetry_hbond_refined 0.222 0.200 ? 27   'X-RAY DIFFRACTION' ? 
r_mcbond_it              1.073 1.500 ? 838  'X-RAY DIFFRACTION' ? 
r_mcangle_it             1.948 2.000 ? 1337 'X-RAY DIFFRACTION' ? 
r_scbond_it              2.584 3.000 ? 494  'X-RAY DIFFRACTION' ? 
r_scangle_it             4.538 4.500 ? 461  'X-RAY DIFFRACTION' ? 
# 
_refine_ls_shell.pdbx_total_number_of_bins_used   20 
_refine_ls_shell.d_res_high                       1.800 
_refine_ls_shell.d_res_low                        1.847 
_refine_ls_shell.number_reflns_R_work             1310 
_refine_ls_shell.R_factor_R_work                  0.245 
_refine_ls_shell.percent_reflns_obs               ? 
_refine_ls_shell.R_factor_R_free                  0.259 
_refine_ls_shell.R_factor_R_free_error            ? 
_refine_ls_shell.percent_reflns_R_free            ? 
_refine_ls_shell.number_reflns_R_free             73 
_refine_ls_shell.number_reflns_obs                ? 
_refine_ls_shell.redundancy_reflns_obs            ? 
_refine_ls_shell.number_reflns_all                ? 
_refine_ls_shell.pdbx_refine_id                   'X-RAY DIFFRACTION' 
_refine_ls_shell.R_factor_all                     ? 
# 
_struct.entry_id                  1SMX 
_struct.title                     'Crystal structure of the S1 domain of RNase E from E. coli (native)' 
_struct.pdbx_model_details        ? 
_struct.pdbx_CASP_flag            ? 
_struct.pdbx_model_type_details   ? 
# 
_struct_keywords.entry_id        1SMX 
_struct_keywords.pdbx_keywords   HYDROLASE 
_struct_keywords.text            'OB-fold, RNA-binding, HYDROLASE' 
# 
loop_
_struct_asym.id 
_struct_asym.pdbx_blank_PDB_chainid_flag 
_struct_asym.pdbx_modified 
_struct_asym.entity_id 
_struct_asym.details 
A N N 1 ? 
B N N 1 ? 
C N N 2 ? 
D N N 2 ? 
# 
_struct_ref.id                         1 
_struct_ref.db_name                    UNP 
_struct_ref.db_code                    RNE_ECOLI 
_struct_ref.pdbx_db_accession          P21513 
_struct_ref.entity_id                  1 
_struct_ref.pdbx_seq_one_letter_code   
;EQKKANIYKGKITRIEPSLEAAFVDYGAERHGFLPLKEIAREYFPANYSAHGRPNIKDVLREGQEVIVQIDKEERGNKGA
ALTTFISLAGS
;
_struct_ref.pdbx_align_begin           35 
_struct_ref.pdbx_db_isoform            ? 
# 
loop_
_struct_ref_seq.align_id 
_struct_ref_seq.ref_id 
_struct_ref_seq.pdbx_PDB_id_code 
_struct_ref_seq.pdbx_strand_id 
_struct_ref_seq.seq_align_beg 
_struct_ref_seq.pdbx_seq_align_beg_ins_code 
_struct_ref_seq.seq_align_end 
_struct_ref_seq.pdbx_seq_align_end_ins_code 
_struct_ref_seq.pdbx_db_accession 
_struct_ref_seq.db_align_beg 
_struct_ref_seq.pdbx_db_align_beg_ins_code 
_struct_ref_seq.db_align_end 
_struct_ref_seq.pdbx_db_align_end_ins_code 
_struct_ref_seq.pdbx_auth_seq_align_beg 
_struct_ref_seq.pdbx_auth_seq_align_end 
1 1 1SMX A 6 ? 96 ? P21513 35 ? 125 ? 35 125 
2 1 1SMX B 6 ? 96 ? P21513 35 ? 125 ? 35 125 
# 
loop_
_struct_ref_seq_dif.align_id 
_struct_ref_seq_dif.pdbx_pdb_id_code 
_struct_ref_seq_dif.mon_id 
_struct_ref_seq_dif.pdbx_pdb_strand_id 
_struct_ref_seq_dif.seq_num 
_struct_ref_seq_dif.pdbx_pdb_ins_code 
_struct_ref_seq_dif.pdbx_seq_db_name 
_struct_ref_seq_dif.pdbx_seq_db_accession_code 
_struct_ref_seq_dif.db_mon_id 
_struct_ref_seq_dif.pdbx_seq_db_seq_num 
_struct_ref_seq_dif.details 
_struct_ref_seq_dif.pdbx_auth_seq_num 
_struct_ref_seq_dif.pdbx_ordinal 
1 1SMX GLY A 1 ? UNP P21513 ? ? 'cloning artifact' 30 1  
1 1SMX SER A 2 ? UNP P21513 ? ? 'cloning artifact' 31 2  
1 1SMX HIS A 3 ? UNP P21513 ? ? 'cloning artifact' 32 3  
1 1SMX MET A 4 ? UNP P21513 ? ? 'cloning artifact' 33 4  
1 1SMX LEU A 5 ? UNP P21513 ? ? 'cloning artifact' 34 5  
2 1SMX GLY B 1 ? UNP P21513 ? ? 'cloning artifact' 30 6  
2 1SMX SER B 2 ? UNP P21513 ? ? 'cloning artifact' 31 7  
2 1SMX HIS B 3 ? UNP P21513 ? ? 'cloning artifact' 32 8  
2 1SMX MET B 4 ? UNP P21513 ? ? 'cloning artifact' 33 9  
2 1SMX LEU B 5 ? UNP P21513 ? ? 'cloning artifact' 34 10 
# 
_pdbx_struct_assembly.id                   1 
_pdbx_struct_assembly.details              author_defined_assembly 
_pdbx_struct_assembly.method_details       ? 
_pdbx_struct_assembly.oligomeric_details   dimeric 
_pdbx_struct_assembly.oligomeric_count     2 
# 
_pdbx_struct_assembly_gen.assembly_id       1 
_pdbx_struct_assembly_gen.oper_expression   1 
_pdbx_struct_assembly_gen.asym_id_list      A,B,C,D 
# 
_pdbx_struct_oper_list.id                   1 
_pdbx_struct_oper_list.type                 'identity operation' 
_pdbx_struct_oper_list.name                 1_555 
_pdbx_struct_oper_list.symmetry_operation   x,y,z 
_pdbx_struct_oper_list.matrix[1][1]         1.0000000000 
_pdbx_struct_oper_list.matrix[1][2]         0.0000000000 
_pdbx_struct_oper_list.matrix[1][3]         0.0000000000 
_pdbx_struct_oper_list.vector[1]            0.0000000000 
_pdbx_struct_oper_list.matrix[2][1]         0.0000000000 
_pdbx_struct_oper_list.matrix[2][2]         1.0000000000 
_pdbx_struct_oper_list.matrix[2][3]         0.0000000000 
_pdbx_struct_oper_list.vector[2]            0.0000000000 
_pdbx_struct_oper_list.matrix[3][1]         0.0000000000 
_pdbx_struct_oper_list.matrix[3][2]         0.0000000000 
_pdbx_struct_oper_list.matrix[3][3]         1.0000000000 
_pdbx_struct_oper_list.vector[3]            0.0000000000 
# 
_struct_biol.id                    1 
_struct_biol.pdbx_parent_biol_id   ? 
_struct_biol.details               ? 
# 
loop_
_struct_conf.conf_type_id 
_struct_conf.id 
_struct_conf.pdbx_PDB_helix_id 
_struct_conf.beg_label_comp_id 
_struct_conf.beg_label_asym_id 
_struct_conf.beg_label_seq_id 
_struct_conf.pdbx_beg_PDB_ins_code 
_struct_conf.end_label_comp_id 
_struct_conf.end_label_asym_id 
_struct_conf.end_label_seq_id 
_struct_conf.pdbx_end_PDB_ins_code 
_struct_conf.beg_auth_comp_id 
_struct_conf.beg_auth_asym_id 
_struct_conf.beg_auth_seq_id 
_struct_conf.end_auth_comp_id 
_struct_conf.end_auth_asym_id 
_struct_conf.end_auth_seq_id 
_struct_conf.pdbx_PDB_helix_class 
_struct_conf.details 
_struct_conf.pdbx_PDB_helix_length 
HELX_P HELX_P1 1 PRO A 22 ? LEU A 24 ? PRO A 51 LEU A 53 5 ? 3 
HELX_P HELX_P2 2 LYS A 42 ? ILE A 44 ? LYS A 71 ILE A 73 5 ? 3 
HELX_P HELX_P3 3 ALA A 45 ? PHE A 49 ? ALA A 74 PHE A 78 5 ? 5 
HELX_P HELX_P4 4 ASN A 60 ? VAL A 64 ? ASN A 89 VAL A 93 5 ? 5 
HELX_P HELX_P5 5 PRO B 22 ? LEU B 24 ? PRO B 51 LEU B 53 5 ? 3 
HELX_P HELX_P6 6 LYS B 42 ? ILE B 44 ? LYS B 71 ILE B 73 5 ? 3 
HELX_P HELX_P7 7 ALA B 45 ? PHE B 49 ? ALA B 74 PHE B 78 5 ? 5 
HELX_P HELX_P8 8 ASN B 60 ? LEU B 65 ? ASN B 89 LEU B 94 1 ? 6 
# 
_struct_conf_type.id          HELX_P 
_struct_conf_type.criteria    ? 
_struct_conf_type.reference   ? 
# 
loop_
_struct_sheet.id 
_struct_sheet.type 
_struct_sheet.number_strands 
_struct_sheet.details 
A ? 6 ? 
B ? 6 ? 
# 
loop_
_struct_sheet_order.sheet_id 
_struct_sheet_order.range_id_1 
_struct_sheet_order.range_id_2 
_struct_sheet_order.offset 
_struct_sheet_order.sense 
A 1 2 ? anti-parallel 
A 2 3 ? anti-parallel 
A 3 4 ? parallel      
A 4 5 ? anti-parallel 
A 5 6 ? anti-parallel 
B 1 2 ? anti-parallel 
B 2 3 ? anti-parallel 
B 3 4 ? parallel      
B 4 5 ? anti-parallel 
B 5 6 ? anti-parallel 
# 
loop_
_struct_sheet_range.sheet_id 
_struct_sheet_range.id 
_struct_sheet_range.beg_label_comp_id 
_struct_sheet_range.beg_label_asym_id 
_struct_sheet_range.beg_label_seq_id 
_struct_sheet_range.pdbx_beg_PDB_ins_code 
_struct_sheet_range.end_label_comp_id 
_struct_sheet_range.end_label_asym_id 
_struct_sheet_range.end_label_seq_id 
_struct_sheet_range.pdbx_end_PDB_ins_code 
_struct_sheet_range.beg_auth_comp_id 
_struct_sheet_range.beg_auth_asym_id 
_struct_sheet_range.beg_auth_seq_id 
_struct_sheet_range.end_auth_comp_id 
_struct_sheet_range.end_auth_asym_id 
_struct_sheet_range.end_auth_seq_id 
A 1 TYR A 13 ? GLU A 21 ? TYR A 42  GLU A 50  
A 2 ALA A 26 ? ASP A 30 ? ALA A 55  ASP A 59  
A 3 GLY A 37 ? PRO A 40 ? GLY A 66  PRO A 69  
A 4 ALA A 86 ? THR A 88 ? ALA A 115 THR A 117 
A 5 GLU A 70 ? LYS A 77 ? GLU A 99  LYS A 106 
A 6 TYR A 13 ? GLU A 21 ? TYR A 42  GLU A 50  
B 1 TYR B 13 ? GLU B 21 ? TYR B 42  GLU B 50  
B 2 ALA B 26 ? ASP B 30 ? ALA B 55  ASP B 59  
B 3 GLY B 37 ? PRO B 40 ? GLY B 66  PRO B 69  
B 4 ALA B 86 ? THR B 88 ? ALA B 115 THR B 117 
B 5 GLU B 70 ? LYS B 77 ? GLU B 99  LYS B 106 
B 6 TYR B 13 ? GLU B 21 ? TYR B 42  GLU B 50  
# 
loop_
_pdbx_struct_sheet_hbond.sheet_id 
_pdbx_struct_sheet_hbond.range_id_1 
_pdbx_struct_sheet_hbond.range_id_2 
_pdbx_struct_sheet_hbond.range_1_label_atom_id 
_pdbx_struct_sheet_hbond.range_1_label_comp_id 
_pdbx_struct_sheet_hbond.range_1_label_asym_id 
_pdbx_struct_sheet_hbond.range_1_label_seq_id 
_pdbx_struct_sheet_hbond.range_1_PDB_ins_code 
_pdbx_struct_sheet_hbond.range_1_auth_atom_id 
_pdbx_struct_sheet_hbond.range_1_auth_comp_id 
_pdbx_struct_sheet_hbond.range_1_auth_asym_id 
_pdbx_struct_sheet_hbond.range_1_auth_seq_id 
_pdbx_struct_sheet_hbond.range_2_label_atom_id 
_pdbx_struct_sheet_hbond.range_2_label_comp_id 
_pdbx_struct_sheet_hbond.range_2_label_asym_id 
_pdbx_struct_sheet_hbond.range_2_label_seq_id 
_pdbx_struct_sheet_hbond.range_2_PDB_ins_code 
_pdbx_struct_sheet_hbond.range_2_auth_atom_id 
_pdbx_struct_sheet_hbond.range_2_auth_comp_id 
_pdbx_struct_sheet_hbond.range_2_auth_asym_id 
_pdbx_struct_sheet_hbond.range_2_auth_seq_id 
A 1 2 N ARG A 19 ? N ARG A 48  O PHE A 28 ? O PHE A 57  
A 2 3 N VAL A 29 ? N VAL A 58  O GLY A 37 ? O GLY A 66  
A 3 4 N PHE A 38 ? N PHE A 67  O LEU A 87 ? O LEU A 116 
A 4 5 O ALA A 86 ? O ALA A 115 N ASP A 76 ? N ASP A 105 
A 5 6 O VAL A 71 ? O VAL A 100 N GLY A 15 ? N GLY A 44  
B 1 2 N ARG B 19 ? N ARG B 48  O PHE B 28 ? O PHE B 57  
B 2 3 N VAL B 29 ? N VAL B 58  O GLY B 37 ? O GLY B 66  
B 3 4 N PHE B 38 ? N PHE B 67  O LEU B 87 ? O LEU B 116 
B 4 5 O ALA B 86 ? O ALA B 115 N ASP B 76 ? N ASP B 105 
B 5 6 O VAL B 71 ? O VAL B 100 N GLY B 15 ? N GLY B 44  
# 
_pdbx_validate_close_contact.id               1 
_pdbx_validate_close_contact.PDB_model_num    1 
_pdbx_validate_close_contact.auth_atom_id_1   OG 
_pdbx_validate_close_contact.auth_asym_id_1   B 
_pdbx_validate_close_contact.auth_comp_id_1   SER 
_pdbx_validate_close_contact.auth_seq_id_1    125 
_pdbx_validate_close_contact.PDB_ins_code_1   ? 
_pdbx_validate_close_contact.label_alt_id_1   ? 
_pdbx_validate_close_contact.auth_atom_id_2   O 
_pdbx_validate_close_contact.auth_asym_id_2   B 
_pdbx_validate_close_contact.auth_comp_id_2   HOH 
_pdbx_validate_close_contact.auth_seq_id_2    138 
_pdbx_validate_close_contact.PDB_ins_code_2   ? 
_pdbx_validate_close_contact.label_alt_id_2   ? 
_pdbx_validate_close_contact.dist             2.14 
# 
loop_
_pdbx_validate_rmsd_bond.id 
_pdbx_validate_rmsd_bond.PDB_model_num 
_pdbx_validate_rmsd_bond.auth_atom_id_1 
_pdbx_validate_rmsd_bond.auth_asym_id_1 
_pdbx_validate_rmsd_bond.auth_comp_id_1 
_pdbx_validate_rmsd_bond.auth_seq_id_1 
_pdbx_validate_rmsd_bond.PDB_ins_code_1 
_pdbx_validate_rmsd_bond.label_alt_id_1 
_pdbx_validate_rmsd_bond.auth_atom_id_2 
_pdbx_validate_rmsd_bond.auth_asym_id_2 
_pdbx_validate_rmsd_bond.auth_comp_id_2 
_pdbx_validate_rmsd_bond.auth_seq_id_2 
_pdbx_validate_rmsd_bond.PDB_ins_code_2 
_pdbx_validate_rmsd_bond.label_alt_id_2 
_pdbx_validate_rmsd_bond.bond_value 
_pdbx_validate_rmsd_bond.bond_target_value 
_pdbx_validate_rmsd_bond.bond_deviation 
_pdbx_validate_rmsd_bond.bond_standard_deviation 
_pdbx_validate_rmsd_bond.linker_flag 
1 1 CG A LYS 91 ? ? CD A LYS 91 ? ? 1.191 1.520 -0.329 0.034 N 
2 1 NE B ARG 48 ? ? CZ B ARG 48 ? ? 1.038 1.326 -0.288 0.013 N 
3 1 CD B ARG 95 ? ? NE B ARG 95 ? ? 1.184 1.460 -0.276 0.017 N 
# 
loop_
_pdbx_validate_rmsd_angle.id 
_pdbx_validate_rmsd_angle.PDB_model_num 
_pdbx_validate_rmsd_angle.auth_atom_id_1 
_pdbx_validate_rmsd_angle.auth_asym_id_1 
_pdbx_validate_rmsd_angle.auth_comp_id_1 
_pdbx_validate_rmsd_angle.auth_seq_id_1 
_pdbx_validate_rmsd_angle.PDB_ins_code_1 
_pdbx_validate_rmsd_angle.label_alt_id_1 
_pdbx_validate_rmsd_angle.auth_atom_id_2 
_pdbx_validate_rmsd_angle.auth_asym_id_2 
_pdbx_validate_rmsd_angle.auth_comp_id_2 
_pdbx_validate_rmsd_angle.auth_seq_id_2 
_pdbx_validate_rmsd_angle.PDB_ins_code_2 
_pdbx_validate_rmsd_angle.label_alt_id_2 
_pdbx_validate_rmsd_angle.auth_atom_id_3 
_pdbx_validate_rmsd_angle.auth_asym_id_3 
_pdbx_validate_rmsd_angle.auth_comp_id_3 
_pdbx_validate_rmsd_angle.auth_seq_id_3 
_pdbx_validate_rmsd_angle.PDB_ins_code_3 
_pdbx_validate_rmsd_angle.label_alt_id_3 
_pdbx_validate_rmsd_angle.angle_value 
_pdbx_validate_rmsd_angle.angle_target_value 
_pdbx_validate_rmsd_angle.angle_deviation 
_pdbx_validate_rmsd_angle.angle_standard_deviation 
_pdbx_validate_rmsd_angle.linker_flag 
1 1 CD B ARG 48 ? ? NE B ARG 48 ? ? CZ B ARG 48 ? ? 132.78 123.60 9.18  1.40 N 
2 1 CG B ARG 95 ? ? CD B ARG 95 ? ? NE B ARG 95 ? ? 126.96 111.80 15.16 2.10 N 
# 
_pdbx_validate_peptide_omega.id               1 
_pdbx_validate_peptide_omega.PDB_model_num    1 
_pdbx_validate_peptide_omega.auth_comp_id_1   GLY 
_pdbx_validate_peptide_omega.auth_asym_id_1   B 
_pdbx_validate_peptide_omega.auth_seq_id_1    124 
_pdbx_validate_peptide_omega.PDB_ins_code_1   ? 
_pdbx_validate_peptide_omega.label_alt_id_1   ? 
_pdbx_validate_peptide_omega.auth_comp_id_2   SER 
_pdbx_validate_peptide_omega.auth_asym_id_2   B 
_pdbx_validate_peptide_omega.auth_seq_id_2    125 
_pdbx_validate_peptide_omega.PDB_ins_code_2   ? 
_pdbx_validate_peptide_omega.label_alt_id_2   ? 
_pdbx_validate_peptide_omega.omega            -143.91 
# 
_pdbx_validate_planes.id              1 
_pdbx_validate_planes.PDB_model_num   1 
_pdbx_validate_planes.auth_comp_id    ARG 
_pdbx_validate_planes.auth_asym_id    A 
_pdbx_validate_planes.auth_seq_id     95 
_pdbx_validate_planes.PDB_ins_code    ? 
_pdbx_validate_planes.label_alt_id    ? 
_pdbx_validate_planes.rmsd            0.235 
_pdbx_validate_planes.type            'SIDE CHAIN' 
# 
loop_
_pdbx_unobs_or_zero_occ_residues.id 
_pdbx_unobs_or_zero_occ_residues.PDB_model_num 
_pdbx_unobs_or_zero_occ_residues.polymer_flag 
_pdbx_unobs_or_zero_occ_residues.occupancy_flag 
_pdbx_unobs_or_zero_occ_residues.auth_asym_id 
_pdbx_unobs_or_zero_occ_residues.auth_comp_id 
_pdbx_unobs_or_zero_occ_residues.auth_seq_id 
_pdbx_unobs_or_zero_occ_residues.PDB_ins_code 
_pdbx_unobs_or_zero_occ_residues.label_asym_id 
_pdbx_unobs_or_zero_occ_residues.label_comp_id 
_pdbx_unobs_or_zero_occ_residues.label_seq_id 
1  1 Y 1 A GLY 30 ? A GLY 1  
2  1 Y 1 A SER 31 ? A SER 2  
3  1 Y 1 A HIS 32 ? A HIS 3  
4  1 Y 1 A MET 33 ? A MET 4  
5  1 Y 1 A LEU 34 ? A LEU 5  
6  1 Y 1 A GLU 35 ? A GLU 6  
7  1 Y 1 A GLN 36 ? A GLN 7  
8  1 Y 1 A LYS 37 ? A LYS 8  
9  1 Y 1 A LYS 38 ? A LYS 9  
10 1 Y 1 B GLY 30 ? B GLY 1  
11 1 Y 1 B SER 31 ? B SER 2  
12 1 Y 1 B HIS 32 ? B HIS 3  
13 1 Y 1 B MET 33 ? B MET 4  
14 1 Y 1 B LEU 34 ? B LEU 5  
15 1 Y 1 B GLU 35 ? B GLU 6  
16 1 Y 1 B GLN 36 ? B GLN 7  
17 1 Y 1 B LYS 37 ? B LYS 8  
18 1 Y 1 B LYS 38 ? B LYS 9  
19 1 Y 1 B ASN 81 ? B ASN 52 
20 1 Y 1 B TYR 82 ? B TYR 53 
21 1 Y 1 B SER 83 ? B SER 54 
22 1 Y 1 B ALA 84 ? B ALA 55 
23 1 Y 1 B HIS 85 ? B HIS 56 
24 1 Y 1 B GLY 86 ? B GLY 57 
# 
loop_
_chem_comp_atom.comp_id 
_chem_comp_atom.atom_id 
_chem_comp_atom.type_symbol 
_chem_comp_atom.pdbx_aromatic_flag 
_chem_comp_atom.pdbx_stereo_config 
_chem_comp_atom.pdbx_ordinal 
ALA N    N N N 1   
ALA CA   C N S 2   
ALA C    C N N 3   
ALA O    O N N 4   
ALA CB   C N N 5   
ALA OXT  O N N 6   
ALA H    H N N 7   
ALA H2   H N N 8   
ALA HA   H N N 9   
ALA HB1  H N N 10  
ALA HB2  H N N 11  
ALA HB3  H N N 12  
ALA HXT  H N N 13  
ARG N    N N N 14  
ARG CA   C N S 15  
ARG C    C N N 16  
ARG O    O N N 17  
ARG CB   C N N 18  
ARG CG   C N N 19  
ARG CD   C N N 20  
ARG NE   N N N 21  
ARG CZ   C N N 22  
ARG NH1  N N N 23  
ARG NH2  N N N 24  
ARG OXT  O N N 25  
ARG H    H N N 26  
ARG H2   H N N 27  
ARG HA   H N N 28  
ARG HB2  H N N 29  
ARG HB3  H N N 30  
ARG HG2  H N N 31  
ARG HG3  H N N 32  
ARG HD2  H N N 33  
ARG HD3  H N N 34  
ARG HE   H N N 35  
ARG HH11 H N N 36  
ARG HH12 H N N 37  
ARG HH21 H N N 38  
ARG HH22 H N N 39  
ARG HXT  H N N 40  
ASN N    N N N 41  
ASN CA   C N S 42  
ASN C    C N N 43  
ASN O    O N N 44  
ASN CB   C N N 45  
ASN CG   C N N 46  
ASN OD1  O N N 47  
ASN ND2  N N N 48  
ASN OXT  O N N 49  
ASN H    H N N 50  
ASN H2   H N N 51  
ASN HA   H N N 52  
ASN HB2  H N N 53  
ASN HB3  H N N 54  
ASN HD21 H N N 55  
ASN HD22 H N N 56  
ASN HXT  H N N 57  
ASP N    N N N 58  
ASP CA   C N S 59  
ASP C    C N N 60  
ASP O    O N N 61  
ASP CB   C N N 62  
ASP CG   C N N 63  
ASP OD1  O N N 64  
ASP OD2  O N N 65  
ASP OXT  O N N 66  
ASP H    H N N 67  
ASP H2   H N N 68  
ASP HA   H N N 69  
ASP HB2  H N N 70  
ASP HB3  H N N 71  
ASP HD2  H N N 72  
ASP HXT  H N N 73  
GLN N    N N N 74  
GLN CA   C N S 75  
GLN C    C N N 76  
GLN O    O N N 77  
GLN CB   C N N 78  
GLN CG   C N N 79  
GLN CD   C N N 80  
GLN OE1  O N N 81  
GLN NE2  N N N 82  
GLN OXT  O N N 83  
GLN H    H N N 84  
GLN H2   H N N 85  
GLN HA   H N N 86  
GLN HB2  H N N 87  
GLN HB3  H N N 88  
GLN HG2  H N N 89  
GLN HG3  H N N 90  
GLN HE21 H N N 91  
GLN HE22 H N N 92  
GLN HXT  H N N 93  
GLU N    N N N 94  
GLU CA   C N S 95  
GLU C    C N N 96  
GLU O    O N N 97  
GLU CB   C N N 98  
GLU CG   C N N 99  
GLU CD   C N N 100 
GLU OE1  O N N 101 
GLU OE2  O N N 102 
GLU OXT  O N N 103 
GLU H    H N N 104 
GLU H2   H N N 105 
GLU HA   H N N 106 
GLU HB2  H N N 107 
GLU HB3  H N N 108 
GLU HG2  H N N 109 
GLU HG3  H N N 110 
GLU HE2  H N N 111 
GLU HXT  H N N 112 
GLY N    N N N 113 
GLY CA   C N N 114 
GLY C    C N N 115 
GLY O    O N N 116 
GLY OXT  O N N 117 
GLY H    H N N 118 
GLY H2   H N N 119 
GLY HA2  H N N 120 
GLY HA3  H N N 121 
GLY HXT  H N N 122 
HIS N    N N N 123 
HIS CA   C N S 124 
HIS C    C N N 125 
HIS O    O N N 126 
HIS CB   C N N 127 
HIS CG   C Y N 128 
HIS ND1  N Y N 129 
HIS CD2  C Y N 130 
HIS CE1  C Y N 131 
HIS NE2  N Y N 132 
HIS OXT  O N N 133 
HIS H    H N N 134 
HIS H2   H N N 135 
HIS HA   H N N 136 
HIS HB2  H N N 137 
HIS HB3  H N N 138 
HIS HD1  H N N 139 
HIS HD2  H N N 140 
HIS HE1  H N N 141 
HIS HE2  H N N 142 
HIS HXT  H N N 143 
HOH O    O N N 144 
HOH H1   H N N 145 
HOH H2   H N N 146 
ILE N    N N N 147 
ILE CA   C N S 148 
ILE C    C N N 149 
ILE O    O N N 150 
ILE CB   C N S 151 
ILE CG1  C N N 152 
ILE CG2  C N N 153 
ILE CD1  C N N 154 
ILE OXT  O N N 155 
ILE H    H N N 156 
ILE H2   H N N 157 
ILE HA   H N N 158 
ILE HB   H N N 159 
ILE HG12 H N N 160 
ILE HG13 H N N 161 
ILE HG21 H N N 162 
ILE HG22 H N N 163 
ILE HG23 H N N 164 
ILE HD11 H N N 165 
ILE HD12 H N N 166 
ILE HD13 H N N 167 
ILE HXT  H N N 168 
LEU N    N N N 169 
LEU CA   C N S 170 
LEU C    C N N 171 
LEU O    O N N 172 
LEU CB   C N N 173 
LEU CG   C N N 174 
LEU CD1  C N N 175 
LEU CD2  C N N 176 
LEU OXT  O N N 177 
LEU H    H N N 178 
LEU H2   H N N 179 
LEU HA   H N N 180 
LEU HB2  H N N 181 
LEU HB3  H N N 182 
LEU HG   H N N 183 
LEU HD11 H N N 184 
LEU HD12 H N N 185 
LEU HD13 H N N 186 
LEU HD21 H N N 187 
LEU HD22 H N N 188 
LEU HD23 H N N 189 
LEU HXT  H N N 190 
LYS N    N N N 191 
LYS CA   C N S 192 
LYS C    C N N 193 
LYS O    O N N 194 
LYS CB   C N N 195 
LYS CG   C N N 196 
LYS CD   C N N 197 
LYS CE   C N N 198 
LYS NZ   N N N 199 
LYS OXT  O N N 200 
LYS H    H N N 201 
LYS H2   H N N 202 
LYS HA   H N N 203 
LYS HB2  H N N 204 
LYS HB3  H N N 205 
LYS HG2  H N N 206 
LYS HG3  H N N 207 
LYS HD2  H N N 208 
LYS HD3  H N N 209 
LYS HE2  H N N 210 
LYS HE3  H N N 211 
LYS HZ1  H N N 212 
LYS HZ2  H N N 213 
LYS HZ3  H N N 214 
LYS HXT  H N N 215 
MET N    N N N 216 
MET CA   C N S 217 
MET C    C N N 218 
MET O    O N N 219 
MET CB   C N N 220 
MET CG   C N N 221 
MET SD   S N N 222 
MET CE   C N N 223 
MET OXT  O N N 224 
MET H    H N N 225 
MET H2   H N N 226 
MET HA   H N N 227 
MET HB2  H N N 228 
MET HB3  H N N 229 
MET HG2  H N N 230 
MET HG3  H N N 231 
MET HE1  H N N 232 
MET HE2  H N N 233 
MET HE3  H N N 234 
MET HXT  H N N 235 
PHE N    N N N 236 
PHE CA   C N S 237 
PHE C    C N N 238 
PHE O    O N N 239 
PHE CB   C N N 240 
PHE CG   C Y N 241 
PHE CD1  C Y N 242 
PHE CD2  C Y N 243 
PHE CE1  C Y N 244 
PHE CE2  C Y N 245 
PHE CZ   C Y N 246 
PHE OXT  O N N 247 
PHE H    H N N 248 
PHE H2   H N N 249 
PHE HA   H N N 250 
PHE HB2  H N N 251 
PHE HB3  H N N 252 
PHE HD1  H N N 253 
PHE HD2  H N N 254 
PHE HE1  H N N 255 
PHE HE2  H N N 256 
PHE HZ   H N N 257 
PHE HXT  H N N 258 
PRO N    N N N 259 
PRO CA   C N S 260 
PRO C    C N N 261 
PRO O    O N N 262 
PRO CB   C N N 263 
PRO CG   C N N 264 
PRO CD   C N N 265 
PRO OXT  O N N 266 
PRO H    H N N 267 
PRO HA   H N N 268 
PRO HB2  H N N 269 
PRO HB3  H N N 270 
PRO HG2  H N N 271 
PRO HG3  H N N 272 
PRO HD2  H N N 273 
PRO HD3  H N N 274 
PRO HXT  H N N 275 
SER N    N N N 276 
SER CA   C N S 277 
SER C    C N N 278 
SER O    O N N 279 
SER CB   C N N 280 
SER OG   O N N 281 
SER OXT  O N N 282 
SER H    H N N 283 
SER H2   H N N 284 
SER HA   H N N 285 
SER HB2  H N N 286 
SER HB3  H N N 287 
SER HG   H N N 288 
SER HXT  H N N 289 
THR N    N N N 290 
THR CA   C N S 291 
THR C    C N N 292 
THR O    O N N 293 
THR CB   C N R 294 
THR OG1  O N N 295 
THR CG2  C N N 296 
THR OXT  O N N 297 
THR H    H N N 298 
THR H2   H N N 299 
THR HA   H N N 300 
THR HB   H N N 301 
THR HG1  H N N 302 
THR HG21 H N N 303 
THR HG22 H N N 304 
THR HG23 H N N 305 
THR HXT  H N N 306 
TYR N    N N N 307 
TYR CA   C N S 308 
TYR C    C N N 309 
TYR O    O N N 310 
TYR CB   C N N 311 
TYR CG   C Y N 312 
TYR CD1  C Y N 313 
TYR CD2  C Y N 314 
TYR CE1  C Y N 315 
TYR CE2  C Y N 316 
TYR CZ   C Y N 317 
TYR OH   O N N 318 
TYR OXT  O N N 319 
TYR H    H N N 320 
TYR H2   H N N 321 
TYR HA   H N N 322 
TYR HB2  H N N 323 
TYR HB3  H N N 324 
TYR HD1  H N N 325 
TYR HD2  H N N 326 
TYR HE1  H N N 327 
TYR HE2  H N N 328 
TYR HH   H N N 329 
TYR HXT  H N N 330 
VAL N    N N N 331 
VAL CA   C N S 332 
VAL C    C N N 333 
VAL O    O N N 334 
VAL CB   C N N 335 
VAL CG1  C N N 336 
VAL CG2  C N N 337 
VAL OXT  O N N 338 
VAL H    H N N 339 
VAL H2   H N N 340 
VAL HA   H N N 341 
VAL HB   H N N 342 
VAL HG11 H N N 343 
VAL HG12 H N N 344 
VAL HG13 H N N 345 
VAL HG21 H N N 346 
VAL HG22 H N N 347 
VAL HG23 H N N 348 
VAL HXT  H N N 349 
# 
loop_
_chem_comp_bond.comp_id 
_chem_comp_bond.atom_id_1 
_chem_comp_bond.atom_id_2 
_chem_comp_bond.value_order 
_chem_comp_bond.pdbx_aromatic_flag 
_chem_comp_bond.pdbx_stereo_config 
_chem_comp_bond.pdbx_ordinal 
ALA N   CA   sing N N 1   
ALA N   H    sing N N 2   
ALA N   H2   sing N N 3   
ALA CA  C    sing N N 4   
ALA CA  CB   sing N N 5   
ALA CA  HA   sing N N 6   
ALA C   O    doub N N 7   
ALA C   OXT  sing N N 8   
ALA CB  HB1  sing N N 9   
ALA CB  HB2  sing N N 10  
ALA CB  HB3  sing N N 11  
ALA OXT HXT  sing N N 12  
ARG N   CA   sing N N 13  
ARG N   H    sing N N 14  
ARG N   H2   sing N N 15  
ARG CA  C    sing N N 16  
ARG CA  CB   sing N N 17  
ARG CA  HA   sing N N 18  
ARG C   O    doub N N 19  
ARG C   OXT  sing N N 20  
ARG CB  CG   sing N N 21  
ARG CB  HB2  sing N N 22  
ARG CB  HB3  sing N N 23  
ARG CG  CD   sing N N 24  
ARG CG  HG2  sing N N 25  
ARG CG  HG3  sing N N 26  
ARG CD  NE   sing N N 27  
ARG CD  HD2  sing N N 28  
ARG CD  HD3  sing N N 29  
ARG NE  CZ   sing N N 30  
ARG NE  HE   sing N N 31  
ARG CZ  NH1  sing N N 32  
ARG CZ  NH2  doub N N 33  
ARG NH1 HH11 sing N N 34  
ARG NH1 HH12 sing N N 35  
ARG NH2 HH21 sing N N 36  
ARG NH2 HH22 sing N N 37  
ARG OXT HXT  sing N N 38  
ASN N   CA   sing N N 39  
ASN N   H    sing N N 40  
ASN N   H2   sing N N 41  
ASN CA  C    sing N N 42  
ASN CA  CB   sing N N 43  
ASN CA  HA   sing N N 44  
ASN C   O    doub N N 45  
ASN C   OXT  sing N N 46  
ASN CB  CG   sing N N 47  
ASN CB  HB2  sing N N 48  
ASN CB  HB3  sing N N 49  
ASN CG  OD1  doub N N 50  
ASN CG  ND2  sing N N 51  
ASN ND2 HD21 sing N N 52  
ASN ND2 HD22 sing N N 53  
ASN OXT HXT  sing N N 54  
ASP N   CA   sing N N 55  
ASP N   H    sing N N 56  
ASP N   H2   sing N N 57  
ASP CA  C    sing N N 58  
ASP CA  CB   sing N N 59  
ASP CA  HA   sing N N 60  
ASP C   O    doub N N 61  
ASP C   OXT  sing N N 62  
ASP CB  CG   sing N N 63  
ASP CB  HB2  sing N N 64  
ASP CB  HB3  sing N N 65  
ASP CG  OD1  doub N N 66  
ASP CG  OD2  sing N N 67  
ASP OD2 HD2  sing N N 68  
ASP OXT HXT  sing N N 69  
GLN N   CA   sing N N 70  
GLN N   H    sing N N 71  
GLN N   H2   sing N N 72  
GLN CA  C    sing N N 73  
GLN CA  CB   sing N N 74  
GLN CA  HA   sing N N 75  
GLN C   O    doub N N 76  
GLN C   OXT  sing N N 77  
GLN CB  CG   sing N N 78  
GLN CB  HB2  sing N N 79  
GLN CB  HB3  sing N N 80  
GLN CG  CD   sing N N 81  
GLN CG  HG2  sing N N 82  
GLN CG  HG3  sing N N 83  
GLN CD  OE1  doub N N 84  
GLN CD  NE2  sing N N 85  
GLN NE2 HE21 sing N N 86  
GLN NE2 HE22 sing N N 87  
GLN OXT HXT  sing N N 88  
GLU N   CA   sing N N 89  
GLU N   H    sing N N 90  
GLU N   H2   sing N N 91  
GLU CA  C    sing N N 92  
GLU CA  CB   sing N N 93  
GLU CA  HA   sing N N 94  
GLU C   O    doub N N 95  
GLU C   OXT  sing N N 96  
GLU CB  CG   sing N N 97  
GLU CB  HB2  sing N N 98  
GLU CB  HB3  sing N N 99  
GLU CG  CD   sing N N 100 
GLU CG  HG2  sing N N 101 
GLU CG  HG3  sing N N 102 
GLU CD  OE1  doub N N 103 
GLU CD  OE2  sing N N 104 
GLU OE2 HE2  sing N N 105 
GLU OXT HXT  sing N N 106 
GLY N   CA   sing N N 107 
GLY N   H    sing N N 108 
GLY N   H2   sing N N 109 
GLY CA  C    sing N N 110 
GLY CA  HA2  sing N N 111 
GLY CA  HA3  sing N N 112 
GLY C   O    doub N N 113 
GLY C   OXT  sing N N 114 
GLY OXT HXT  sing N N 115 
HIS N   CA   sing N N 116 
HIS N   H    sing N N 117 
HIS N   H2   sing N N 118 
HIS CA  C    sing N N 119 
HIS CA  CB   sing N N 120 
HIS CA  HA   sing N N 121 
HIS C   O    doub N N 122 
HIS C   OXT  sing N N 123 
HIS CB  CG   sing N N 124 
HIS CB  HB2  sing N N 125 
HIS CB  HB3  sing N N 126 
HIS CG  ND1  sing Y N 127 
HIS CG  CD2  doub Y N 128 
HIS ND1 CE1  doub Y N 129 
HIS ND1 HD1  sing N N 130 
HIS CD2 NE2  sing Y N 131 
HIS CD2 HD2  sing N N 132 
HIS CE1 NE2  sing Y N 133 
HIS CE1 HE1  sing N N 134 
HIS NE2 HE2  sing N N 135 
HIS OXT HXT  sing N N 136 
HOH O   H1   sing N N 137 
HOH O   H2   sing N N 138 
ILE N   CA   sing N N 139 
ILE N   H    sing N N 140 
ILE N   H2   sing N N 141 
ILE CA  C    sing N N 142 
ILE CA  CB   sing N N 143 
ILE CA  HA   sing N N 144 
ILE C   O    doub N N 145 
ILE C   OXT  sing N N 146 
ILE CB  CG1  sing N N 147 
ILE CB  CG2  sing N N 148 
ILE CB  HB   sing N N 149 
ILE CG1 CD1  sing N N 150 
ILE CG1 HG12 sing N N 151 
ILE CG1 HG13 sing N N 152 
ILE CG2 HG21 sing N N 153 
ILE CG2 HG22 sing N N 154 
ILE CG2 HG23 sing N N 155 
ILE CD1 HD11 sing N N 156 
ILE CD1 HD12 sing N N 157 
ILE CD1 HD13 sing N N 158 
ILE OXT HXT  sing N N 159 
LEU N   CA   sing N N 160 
LEU N   H    sing N N 161 
LEU N   H2   sing N N 162 
LEU CA  C    sing N N 163 
LEU CA  CB   sing N N 164 
LEU CA  HA   sing N N 165 
LEU C   O    doub N N 166 
LEU C   OXT  sing N N 167 
LEU CB  CG   sing N N 168 
LEU CB  HB2  sing N N 169 
LEU CB  HB3  sing N N 170 
LEU CG  CD1  sing N N 171 
LEU CG  CD2  sing N N 172 
LEU CG  HG   sing N N 173 
LEU CD1 HD11 sing N N 174 
LEU CD1 HD12 sing N N 175 
LEU CD1 HD13 sing N N 176 
LEU CD2 HD21 sing N N 177 
LEU CD2 HD22 sing N N 178 
LEU CD2 HD23 sing N N 179 
LEU OXT HXT  sing N N 180 
LYS N   CA   sing N N 181 
LYS N   H    sing N N 182 
LYS N   H2   sing N N 183 
LYS CA  C    sing N N 184 
LYS CA  CB   sing N N 185 
LYS CA  HA   sing N N 186 
LYS C   O    doub N N 187 
LYS C   OXT  sing N N 188 
LYS CB  CG   sing N N 189 
LYS CB  HB2  sing N N 190 
LYS CB  HB3  sing N N 191 
LYS CG  CD   sing N N 192 
LYS CG  HG2  sing N N 193 
LYS CG  HG3  sing N N 194 
LYS CD  CE   sing N N 195 
LYS CD  HD2  sing N N 196 
LYS CD  HD3  sing N N 197 
LYS CE  NZ   sing N N 198 
LYS CE  HE2  sing N N 199 
LYS CE  HE3  sing N N 200 
LYS NZ  HZ1  sing N N 201 
LYS NZ  HZ2  sing N N 202 
LYS NZ  HZ3  sing N N 203 
LYS OXT HXT  sing N N 204 
MET N   CA   sing N N 205 
MET N   H    sing N N 206 
MET N   H2   sing N N 207 
MET CA  C    sing N N 208 
MET CA  CB   sing N N 209 
MET CA  HA   sing N N 210 
MET C   O    doub N N 211 
MET C   OXT  sing N N 212 
MET CB  CG   sing N N 213 
MET CB  HB2  sing N N 214 
MET CB  HB3  sing N N 215 
MET CG  SD   sing N N 216 
MET CG  HG2  sing N N 217 
MET CG  HG3  sing N N 218 
MET SD  CE   sing N N 219 
MET CE  HE1  sing N N 220 
MET CE  HE2  sing N N 221 
MET CE  HE3  sing N N 222 
MET OXT HXT  sing N N 223 
PHE N   CA   sing N N 224 
PHE N   H    sing N N 225 
PHE N   H2   sing N N 226 
PHE CA  C    sing N N 227 
PHE CA  CB   sing N N 228 
PHE CA  HA   sing N N 229 
PHE C   O    doub N N 230 
PHE C   OXT  sing N N 231 
PHE CB  CG   sing N N 232 
PHE CB  HB2  sing N N 233 
PHE CB  HB3  sing N N 234 
PHE CG  CD1  doub Y N 235 
PHE CG  CD2  sing Y N 236 
PHE CD1 CE1  sing Y N 237 
PHE CD1 HD1  sing N N 238 
PHE CD2 CE2  doub Y N 239 
PHE CD2 HD2  sing N N 240 
PHE CE1 CZ   doub Y N 241 
PHE CE1 HE1  sing N N 242 
PHE CE2 CZ   sing Y N 243 
PHE CE2 HE2  sing N N 244 
PHE CZ  HZ   sing N N 245 
PHE OXT HXT  sing N N 246 
PRO N   CA   sing N N 247 
PRO N   CD   sing N N 248 
PRO N   H    sing N N 249 
PRO CA  C    sing N N 250 
PRO CA  CB   sing N N 251 
PRO CA  HA   sing N N 252 
PRO C   O    doub N N 253 
PRO C   OXT  sing N N 254 
PRO CB  CG   sing N N 255 
PRO CB  HB2  sing N N 256 
PRO CB  HB3  sing N N 257 
PRO CG  CD   sing N N 258 
PRO CG  HG2  sing N N 259 
PRO CG  HG3  sing N N 260 
PRO CD  HD2  sing N N 261 
PRO CD  HD3  sing N N 262 
PRO OXT HXT  sing N N 263 
SER N   CA   sing N N 264 
SER N   H    sing N N 265 
SER N   H2   sing N N 266 
SER CA  C    sing N N 267 
SER CA  CB   sing N N 268 
SER CA  HA   sing N N 269 
SER C   O    doub N N 270 
SER C   OXT  sing N N 271 
SER CB  OG   sing N N 272 
SER CB  HB2  sing N N 273 
SER CB  HB3  sing N N 274 
SER OG  HG   sing N N 275 
SER OXT HXT  sing N N 276 
THR N   CA   sing N N 277 
THR N   H    sing N N 278 
THR N   H2   sing N N 279 
THR CA  C    sing N N 280 
THR CA  CB   sing N N 281 
THR CA  HA   sing N N 282 
THR C   O    doub N N 283 
THR C   OXT  sing N N 284 
THR CB  OG1  sing N N 285 
THR CB  CG2  sing N N 286 
THR CB  HB   sing N N 287 
THR OG1 HG1  sing N N 288 
THR CG2 HG21 sing N N 289 
THR CG2 HG22 sing N N 290 
THR CG2 HG23 sing N N 291 
THR OXT HXT  sing N N 292 
TYR N   CA   sing N N 293 
TYR N   H    sing N N 294 
TYR N   H2   sing N N 295 
TYR CA  C    sing N N 296 
TYR CA  CB   sing N N 297 
TYR CA  HA   sing N N 298 
TYR C   O    doub N N 299 
TYR C   OXT  sing N N 300 
TYR CB  CG   sing N N 301 
TYR CB  HB2  sing N N 302 
TYR CB  HB3  sing N N 303 
TYR CG  CD1  doub Y N 304 
TYR CG  CD2  sing Y N 305 
TYR CD1 CE1  sing Y N 306 
TYR CD1 HD1  sing N N 307 
TYR CD2 CE2  doub Y N 308 
TYR CD2 HD2  sing N N 309 
TYR CE1 CZ   doub Y N 310 
TYR CE1 HE1  sing N N 311 
TYR CE2 CZ   sing Y N 312 
TYR CE2 HE2  sing N N 313 
TYR CZ  OH   sing N N 314 
TYR OH  HH   sing N N 315 
TYR OXT HXT  sing N N 316 
VAL N   CA   sing N N 317 
VAL N   H    sing N N 318 
VAL N   H2   sing N N 319 
VAL CA  C    sing N N 320 
VAL CA  CB   sing N N 321 
VAL CA  HA   sing N N 322 
VAL C   O    doub N N 323 
VAL C   OXT  sing N N 324 
VAL CB  CG1  sing N N 325 
VAL CB  CG2  sing N N 326 
VAL CB  HB   sing N N 327 
VAL CG1 HG11 sing N N 328 
VAL CG1 HG12 sing N N 329 
VAL CG1 HG13 sing N N 330 
VAL CG2 HG21 sing N N 331 
VAL CG2 HG22 sing N N 332 
VAL CG2 HG23 sing N N 333 
VAL OXT HXT  sing N N 334 
# 
_pdbx_initial_refinement_model.accession_code   ? 
_pdbx_initial_refinement_model.id               1 
_pdbx_initial_refinement_model.entity_id_list   ? 
_pdbx_initial_refinement_model.type             'experimental model' 
_pdbx_initial_refinement_model.source_name      Other 
_pdbx_initial_refinement_model.details          'Pb derivative structure' 
# 
_atom_sites.entry_id                    1SMX 
_atom_sites.fract_transf_matrix[1][1]   0.00545682 
_atom_sites.fract_transf_matrix[1][2]   -0.01069847 
_atom_sites.fract_transf_matrix[1][3]   -0.00759353 
_atom_sites.fract_transf_matrix[2][1]   0.01073226 
_atom_sites.fract_transf_matrix[2][2]   -0.00108999 
_atom_sites.fract_transf_matrix[2][3]   0.00924804 
_atom_sites.fract_transf_matrix[3][1]   -0.00604016 
_atom_sites.fract_transf_matrix[3][2]   -0.00743413 
_atom_sites.fract_transf_matrix[3][3]   0.00613335 
_atom_sites.fract_transf_vector[1]      0.649959 
_atom_sites.fract_transf_vector[2]      0.844143 
_atom_sites.fract_transf_vector[3]      0.750122 
# 
loop_
_atom_type.symbol 
C 
N 
O 
# 
loop_
_atom_site.group_PDB 
_atom_site.id 
_atom_site.type_symbol 
_atom_site.label_atom_id 
_atom_site.label_alt_id 
_atom_site.label_comp_id 
_atom_site.label_asym_id 
_atom_site.label_entity_id 
_atom_site.label_seq_id 
_atom_site.pdbx_PDB_ins_code 
_atom_site.Cartn_x 
_atom_site.Cartn_y 
_atom_site.Cartn_z 
_atom_site.occupancy 
_atom_site.B_iso_or_equiv 
_atom_site.pdbx_formal_charge 
_atom_site.auth_seq_id 
_atom_site.auth_comp_id 
_atom_site.auth_asym_id 
_atom_site.auth_atom_id 
_atom_site.pdbx_PDB_model_num 
ATOM   1    N N   . ALA A 1 10 ? 1.950   -5.531  -12.586 1.00 41.42 ? 39  ALA A N   1 
ATOM   2    C CA  . ALA A 1 10 ? 1.723   -4.804  -11.291 1.00 40.99 ? 39  ALA A CA  1 
ATOM   3    C C   . ALA A 1 10 ? 0.832   -5.657  -10.396 1.00 40.04 ? 39  ALA A C   1 
ATOM   4    O O   . ALA A 1 10 ? -0.107  -6.324  -10.904 1.00 40.97 ? 39  ALA A O   1 
ATOM   5    C CB  . ALA A 1 10 ? 1.055   -3.474  -11.557 1.00 41.60 ? 39  ALA A CB  1 
ATOM   6    N N   . ASN A 1 11 ? 1.125   -5.670  -9.092  1.00 36.68 ? 40  ASN A N   1 
ATOM   7    C CA  . ASN A 1 11 ? 0.310   -6.419  -8.149  1.00 34.70 ? 40  ASN A CA  1 
ATOM   8    C C   . ASN A 1 11 ? 0.069   -5.622  -6.870  1.00 32.86 ? 40  ASN A C   1 
ATOM   9    O O   . ASN A 1 11 ? 0.520   -6.008  -5.820  1.00 32.75 ? 40  ASN A O   1 
ATOM   10   C CB  . ASN A 1 11 ? 0.923   -7.788  -7.818  1.00 34.26 ? 40  ASN A CB  1 
ATOM   11   C CG  . ASN A 1 11 ? -0.027  -8.678  -6.996  1.00 32.18 ? 40  ASN A CG  1 
ATOM   12   O OD1 . ASN A 1 11 ? -1.209  -8.395  -6.895  1.00 31.62 ? 40  ASN A OD1 1 
ATOM   13   N ND2 . ASN A 1 11 ? 0.498   -9.725  -6.403  1.00 30.92 ? 40  ASN A ND2 1 
ATOM   14   N N   . ILE A 1 12 ? -0.645  -4.522  -6.998  1.00 31.75 ? 41  ILE A N   1 
ATOM   15   C CA  . ILE A 1 12 ? -1.046  -3.719  -5.849  1.00 30.68 ? 41  ILE A CA  1 
ATOM   16   C C   . ILE A 1 12 ? -2.313  -2.962  -6.140  1.00 29.68 ? 41  ILE A C   1 
ATOM   17   O O   . ILE A 1 12 ? -2.502  -2.418  -7.221  1.00 30.99 ? 41  ILE A O   1 
ATOM   18   C CB  . ILE A 1 12 ? 0.107   -2.781  -5.445  1.00 29.95 ? 41  ILE A CB  1 
ATOM   19   C CG1 . ILE A 1 12 ? -0.151  -2.122  -4.083  1.00 30.13 ? 41  ILE A CG1 1 
ATOM   20   C CG2 . ILE A 1 12 ? 0.403   -1.746  -6.512  1.00 31.19 ? 41  ILE A CG2 1 
ATOM   21   C CD1 . ILE A 1 12 ? 1.103   -1.441  -3.575  1.00 28.87 ? 41  ILE A CD1 1 
ATOM   22   N N   . TYR A 1 13 ? -3.185  -2.893  -5.159  1.00 28.50 ? 42  TYR A N   1 
ATOM   23   C CA  . TYR A 1 13 ? -4.517  -2.339  -5.321  1.00 28.46 ? 42  TYR A CA  1 
ATOM   24   C C   . TYR A 1 13 ? -4.993  -1.626  -4.090  1.00 29.22 ? 42  TYR A C   1 
ATOM   25   O O   . TYR A 1 13 ? -4.593  -1.941  -2.973  1.00 27.29 ? 42  TYR A O   1 
ATOM   26   C CB  . TYR A 1 13 ? -5.527  -3.461  -5.642  1.00 29.28 ? 42  TYR A CB  1 
ATOM   27   C CG  . TYR A 1 13 ? -5.084  -4.347  -6.783  1.00 28.63 ? 42  TYR A CG  1 
ATOM   28   C CD1 . TYR A 1 13 ? -4.275  -5.461  -6.554  1.00 29.85 ? 42  TYR A CD1 1 
ATOM   29   C CD2 . TYR A 1 13 ? -5.449  -4.056  -8.108  1.00 31.54 ? 42  TYR A CD2 1 
ATOM   30   C CE1 . TYR A 1 13 ? -3.857  -6.268  -7.602  1.00 31.47 ? 42  TYR A CE1 1 
ATOM   31   C CE2 . TYR A 1 13 ? -5.022  -4.870  -9.160  1.00 31.59 ? 42  TYR A CE2 1 
ATOM   32   C CZ  . TYR A 1 13 ? -4.227  -5.956  -8.896  1.00 32.27 ? 42  TYR A CZ  1 
ATOM   33   O OH  . TYR A 1 13 ? -3.788  -6.753  -9.932  1.00 37.12 ? 42  TYR A OH  1 
ATOM   34   N N   . LYS A 1 14 ? -5.847  -0.641  -4.302  1.00 30.16 ? 43  LYS A N   1 
ATOM   35   C CA  . LYS A 1 14 ? -6.620  -0.070  -3.223  1.00 31.76 ? 43  LYS A CA  1 
ATOM   36   C C   . LYS A 1 14 ? -7.940  -0.847  -3.177  1.00 32.46 ? 43  LYS A C   1 
ATOM   37   O O   . LYS A 1 14 ? -8.746  -0.753  -4.107  1.00 34.02 ? 43  LYS A O   1 
ATOM   38   C CB  . LYS A 1 14 ? -6.855  1.420   -3.456  1.00 32.66 ? 43  LYS A CB  1 
ATOM   39   C CG  . LYS A 1 14 ? -6.695  2.232   -2.224  1.00 36.96 ? 43  LYS A CG  1 
ATOM   40   C CD  . LYS A 1 14 ? -7.058  3.706   -2.421  1.00 39.59 ? 43  LYS A CD  1 
ATOM   41   C CE  . LYS A 1 14 ? -6.003  4.475   -3.159  1.00 39.71 ? 43  LYS A CE  1 
ATOM   42   N NZ  . LYS A 1 14 ? -6.424  5.907   -3.218  1.00 41.22 ? 43  LYS A NZ  1 
ATOM   43   N N   . GLY A 1 15 ? -8.142  -1.630  -2.123  1.00 31.46 ? 44  GLY A N   1 
ATOM   44   C CA  . GLY A 1 15 ? -9.353  -2.417  -1.975  1.00 31.71 ? 44  GLY A CA  1 
ATOM   45   C C   . GLY A 1 15 ? -10.333 -1.799  -1.004  1.00 31.44 ? 44  GLY A C   1 
ATOM   46   O O   . GLY A 1 15 ? -9.960  -1.431  0.106   1.00 32.77 ? 44  GLY A O   1 
ATOM   47   N N   . LYS A 1 16 ? -11.590 -1.709  -1.401  1.00 30.44 ? 45  LYS A N   1 
ATOM   48   C CA  . LYS A 1 16 ? -12.637 -1.183  -0.552  1.00 30.11 ? 45  LYS A CA  1 
ATOM   49   C C   . LYS A 1 16 ? -13.367 -2.345  0.095   1.00 29.52 ? 45  LYS A C   1 
ATOM   50   O O   . LYS A 1 16 ? -13.830 -3.257  -0.593  1.00 28.00 ? 45  LYS A O   1 
ATOM   51   C CB  . LYS A 1 16 ? -13.604 -0.319  -1.362  1.00 31.27 ? 45  LYS A CB  1 
ATOM   52   C CG  . LYS A 1 16 ? -14.624 0.402   -0.500  1.00 35.06 ? 45  LYS A CG  1 
ATOM   53   C CD  . LYS A 1 16 ? -15.442 1.436   -1.304  1.00 39.89 ? 45  LYS A CD  1 
ATOM   54   C CE  . LYS A 1 16 ? -14.798 2.854   -1.258  1.00 43.29 ? 45  LYS A CE  1 
ATOM   55   N NZ  . LYS A 1 16 ? -15.197 3.688   -0.058  1.00 44.58 ? 45  LYS A NZ  1 
ATOM   56   N N   . ILE A 1 17 ? -13.461 -2.338  1.413   1.00 28.01 ? 46  ILE A N   1 
ATOM   57   C CA  . ILE A 1 17 ? -14.194 -3.389  2.128   1.00 28.91 ? 46  ILE A CA  1 
ATOM   58   C C   . ILE A 1 17 ? -15.711 -3.290  1.806   1.00 29.89 ? 46  ILE A C   1 
ATOM   59   O O   . ILE A 1 17 ? -16.314 -2.241  2.018   1.00 29.62 ? 46  ILE A O   1 
ATOM   60   C CB  . ILE A 1 17 ? -13.988 -3.245  3.648   1.00 28.27 ? 46  ILE A CB  1 
ATOM   61   C CG1 . ILE A 1 17 ? -12.497 -3.260  4.034   1.00 27.96 ? 46  ILE A CG1 1 
ATOM   62   C CG2 . ILE A 1 17 ? -14.765 -4.317  4.407   1.00 27.70 ? 46  ILE A CG2 1 
ATOM   63   C CD1 . ILE A 1 17 ? -11.711 -4.418  3.508   1.00 27.68 ? 46  ILE A CD1 1 
ATOM   64   N N   . THR A 1 18 ? -16.308 -4.376  1.320   1.00 30.89 ? 47  THR A N   1 
ATOM   65   C CA  . THR A 1 18 ? -17.724 -4.363  0.913   1.00 31.81 ? 47  THR A CA  1 
ATOM   66   C C   . THR A 1 18 ? -18.634 -5.108  1.863   1.00 32.92 ? 47  THR A C   1 
ATOM   67   O O   . THR A 1 18 ? -19.808 -4.751  2.018   1.00 35.72 ? 47  THR A O   1 
ATOM   68   C CB  . THR A 1 18 ? -17.900 -4.952  -0.514  1.00 32.00 ? 47  THR A CB  1 
ATOM   69   O OG1 . THR A 1 18 ? -17.348 -6.279  -0.574  1.00 32.06 ? 47  THR A OG1 1 
ATOM   70   C CG2 . THR A 1 18 ? -17.124 -4.167  -1.518  1.00 31.45 ? 47  THR A CG2 1 
ATOM   71   N N   . ARG A 1 19 ? -18.140 -6.181  2.459   1.00 32.39 ? 48  ARG A N   1 
ATOM   72   C CA  . ARG A 1 19 ? -18.932 -6.983  3.366   1.00 33.02 ? 48  ARG A CA  1 
ATOM   73   C C   . ARG A 1 19 ? -18.000 -7.702  4.320   1.00 31.88 ? 48  ARG A C   1 
ATOM   74   O O   . ARG A 1 19 ? -17.038 -8.333  3.892   1.00 31.71 ? 48  ARG A O   1 
ATOM   75   C CB  . ARG A 1 19 ? -19.763 -8.002  2.587   1.00 33.53 ? 48  ARG A CB  1 
ATOM   76   C CG  . ARG A 1 19 ? -20.585 -8.922  3.447   1.00 37.89 ? 48  ARG A CG  1 
ATOM   77   C CD  . ARG A 1 19 ? -21.335 -9.996  2.673   1.00 44.43 ? 48  ARG A CD  1 
ATOM   78   N NE  . ARG A 1 19 ? -22.791 -9.868  2.775   1.00 52.08 ? 48  ARG A NE  1 
ATOM   79   C CZ  . ARG A 1 19 ? -23.524 -9.977  3.896   1.00 57.19 ? 48  ARG A CZ  1 
ATOM   80   N NH1 . ARG A 1 19 ? -22.974 -10.213 5.084   1.00 59.06 ? 48  ARG A NH1 1 
ATOM   81   N NH2 . ARG A 1 19 ? -24.843 -9.823  3.822   1.00 60.08 ? 48  ARG A NH2 1 
ATOM   82   N N   . ILE A 1 20 ? -18.293 -7.609  5.604   1.00 30.95 ? 49  ILE A N   1 
ATOM   83   C CA  . ILE A 1 20 ? -17.502 -8.242  6.636   1.00 30.87 ? 49  ILE A CA  1 
ATOM   84   C C   . ILE A 1 20 ? -18.286 -9.459  7.103   1.00 31.17 ? 49  ILE A C   1 
ATOM   85   O O   . ILE A 1 20 ? -19.499 -9.365  7.334   1.00 32.26 ? 49  ILE A O   1 
ATOM   86   C CB  . ILE A 1 20 ? -17.245 -7.235  7.815   1.00 31.28 ? 49  ILE A CB  1 
ATOM   87   C CG1 . ILE A 1 20 ? -16.528 -5.988  7.278   1.00 31.90 ? 49  ILE A CG1 1 
ATOM   88   C CG2 . ILE A 1 20 ? -16.422 -7.892  8.919   1.00 31.62 ? 49  ILE A CG2 1 
ATOM   89   C CD1 . ILE A 1 20 ? -16.545 -4.768  8.193   1.00 35.09 ? 49  ILE A CD1 1 
ATOM   90   N N   . GLU A 1 21 ? -17.588 -10.575 7.248   1.00 30.88 ? 50  GLU A N   1 
ATOM   91   C CA  . GLU A 1 21 ? -18.140 -11.832 7.760   1.00 31.60 ? 50  GLU A CA  1 
ATOM   92   C C   . GLU A 1 21 ? -17.417 -12.292 9.015   1.00 29.98 ? 50  GLU A C   1 
ATOM   93   O O   . GLU A 1 21 ? -16.407 -12.989 8.951   1.00 27.74 ? 50  GLU A O   1 
ATOM   94   C CB  . GLU A 1 21 ? -17.998 -12.918 6.707   1.00 32.66 ? 50  GLU A CB  1 
ATOM   95   C CG  . GLU A 1 21 ? -18.912 -12.725 5.502   1.00 37.46 ? 50  GLU A CG  1 
ATOM   96   C CD  . GLU A 1 21 ? -20.392 -12.808 5.853   1.00 41.37 ? 50  GLU A CD  1 
ATOM   97   O OE1 . GLU A 1 21 ? -20.749 -13.457 6.866   1.00 43.15 ? 50  GLU A OE1 1 
ATOM   98   O OE2 . GLU A 1 21 ? -21.204 -12.189 5.119   1.00 46.77 ? 50  GLU A OE2 1 
ATOM   99   N N   . PRO A 1 22 ? -17.938 -11.910 10.165  1.00 29.61 ? 51  PRO A N   1 
ATOM   100  C CA  . PRO A 1 22 ? -17.319 -12.272 11.444  1.00 29.32 ? 51  PRO A CA  1 
ATOM   101  C C   . PRO A 1 22 ? -17.146 -13.765 11.689  1.00 28.42 ? 51  PRO A C   1 
ATOM   102  O O   . PRO A 1 22 ? -16.130 -14.170 12.253  1.00 28.00 ? 51  PRO A O   1 
ATOM   103  C CB  . PRO A 1 22 ? -18.261 -11.667 12.488  1.00 29.87 ? 51  PRO A CB  1 
ATOM   104  C CG  . PRO A 1 22 ? -19.220 -10.843 11.754  1.00 31.18 ? 51  PRO A CG  1 
ATOM   105  C CD  . PRO A 1 22 ? -19.136 -11.077 10.320  1.00 30.03 ? 51  PRO A CD  1 
ATOM   106  N N   . SER A 1 23 ? -18.098 -14.592 11.250  1.00 27.64 ? 52  SER A N   1 
ATOM   107  C CA  . SER A 1 23 ? -17.993 -16.039 11.491  1.00 27.36 ? 52  SER A CA  1 
ATOM   108  C C   . SER A 1 23 ? -16.960 -16.725 10.597  1.00 26.24 ? 52  SER A C   1 
ATOM   109  O O   . SER A 1 23 ? -16.586 -17.877 10.849  1.00 26.09 ? 52  SER A O   1 
ATOM   110  C CB  . SER A 1 23 ? -19.380 -16.707 11.375  1.00 28.23 ? 52  SER A CB  1 
ATOM   111  O OG  . SER A 1 23 ? -19.771 -16.814 10.011  1.00 30.70 ? 52  SER A OG  1 
ATOM   112  N N   . LEU A 1 24 ? -16.488 -16.016 9.573   1.00 25.56 ? 53  LEU A N   1 
ATOM   113  C CA  . LEU A 1 24 ? -15.380 -16.499 8.742   1.00 26.11 ? 53  LEU A CA  1 
ATOM   114  C C   . LEU A 1 24 ? -14.048 -15.785 9.029   1.00 25.79 ? 53  LEU A C   1 
ATOM   115  O O   . LEU A 1 24 ? -13.050 -16.068 8.372   1.00 25.11 ? 53  LEU A O   1 
ATOM   116  C CB  . LEU A 1 24 ? -15.714 -16.274 7.279   1.00 26.13 ? 53  LEU A CB  1 
ATOM   117  C CG  . LEU A 1 24 ? -16.972 -17.004 6.760   1.00 29.42 ? 53  LEU A CG  1 
ATOM   118  C CD1 . LEU A 1 24 ? -17.229 -16.621 5.295   1.00 31.61 ? 53  LEU A CD1 1 
ATOM   119  C CD2 . LEU A 1 24 ? -16.768 -18.442 6.919   1.00 31.37 ? 53  LEU A CD2 1 
ATOM   120  N N   . GLU A 1 25 ? -14.062 -14.876 9.996   1.00 26.32 ? 54  GLU A N   1 
ATOM   121  C CA  . GLU A 1 25 ? -12.938 -13.980 10.303  1.00 25.91 ? 54  GLU A CA  1 
ATOM   122  C C   . GLU A 1 25 ? -12.347 -13.441 9.016   1.00 24.52 ? 54  GLU A C   1 
ATOM   123  O O   . GLU A 1 25 ? -11.157 -13.611 8.759   1.00 24.92 ? 54  GLU A O   1 
ATOM   124  C CB  . GLU A 1 25 ? -11.867 -14.706 11.111  1.00 26.83 ? 54  GLU A CB  1 
ATOM   125  C CG  . GLU A 1 25 ? -12.366 -15.437 12.342  1.00 28.43 ? 54  GLU A CG  1 
ATOM   126  C CD  . GLU A 1 25 ? -11.247 -16.038 13.163  1.00 31.59 ? 54  GLU A CD  1 
ATOM   127  O OE1 . GLU A 1 25 ? -10.431 -16.812 12.620  1.00 32.75 ? 54  GLU A OE1 1 
ATOM   128  O OE2 . GLU A 1 25 ? -11.178 -15.735 14.366  1.00 35.45 ? 54  GLU A OE2 1 
ATOM   129  N N   . ALA A 1 26 ? -13.178 -12.790 8.216   1.00 23.63 ? 55  ALA A N   1 
ATOM   130  C CA  . ALA A 1 26 ? -12.787 -12.358 6.882   1.00 24.12 ? 55  ALA A CA  1 
ATOM   131  C C   . ALA A 1 26 ? -13.704 -11.292 6.323   1.00 24.20 ? 55  ALA A C   1 
ATOM   132  O O   . ALA A 1 26 ? -14.780 -11.045 6.853   1.00 25.47 ? 55  ALA A O   1 
ATOM   133  C CB  . ALA A 1 26 ? -12.734 -13.567 5.943   1.00 24.25 ? 55  ALA A CB  1 
ATOM   134  N N   . ALA A 1 27 ? -13.235 -10.616 5.286   1.00 24.70 ? 56  ALA A N   1 
ATOM   135  C CA  . ALA A 1 27 ? -14.004 -9.600  4.592   1.00 24.72 ? 56  ALA A CA  1 
ATOM   136  C C   . ALA A 1 27 ? -13.897 -9.747  3.087   1.00 24.94 ? 56  ALA A C   1 
ATOM   137  O O   . ALA A 1 27 ? -12.867 -10.152 2.564   1.00 24.47 ? 56  ALA A O   1 
ATOM   138  C CB  . ALA A 1 27 ? -13.534 -8.196  4.998   1.00 24.62 ? 56  ALA A CB  1 
ATOM   139  N N   . PHE A 1 28 ? -14.969 -9.372  2.400   1.00 26.02 ? 57  PHE A N   1 
ATOM   140  C CA  . PHE A 1 28 ? -14.956 -9.219  0.961   1.00 26.28 ? 57  PHE A CA  1 
ATOM   141  C C   . PHE A 1 28 ? -14.461 -7.836  0.586   1.00 26.38 ? 57  PHE A C   1 
ATOM   142  O O   . PHE A 1 28 ? -14.739 -6.846  1.269   1.00 26.86 ? 57  PHE A O   1 
ATOM   143  C CB  . PHE A 1 28 ? -16.345 -9.449  0.390   1.00 26.68 ? 57  PHE A CB  1 
ATOM   144  C CG  . PHE A 1 28 ? -16.764 -10.876 0.438   1.00 27.87 ? 57  PHE A CG  1 
ATOM   145  C CD1 . PHE A 1 28 ? -16.289 -11.772 -0.513  1.00 30.32 ? 57  PHE A CD1 1 
ATOM   146  C CD2 . PHE A 1 28 ? -17.602 -11.327 1.425   1.00 30.79 ? 57  PHE A CD2 1 
ATOM   147  C CE1 . PHE A 1 28 ? -16.676 -13.096 -0.477  1.00 32.34 ? 57  PHE A CE1 1 
ATOM   148  C CE2 . PHE A 1 28 ? -18.015 -12.667 1.455   1.00 32.76 ? 57  PHE A CE2 1 
ATOM   149  C CZ  . PHE A 1 28 ? -17.541 -13.542 0.501   1.00 31.98 ? 57  PHE A CZ  1 
ATOM   150  N N   . VAL A 1 29 ? -13.730 -7.780  -0.509  1.00 26.46 ? 58  VAL A N   1 
ATOM   151  C CA  . VAL A 1 29 ? -13.043 -6.570  -0.936  1.00 27.11 ? 58  VAL A CA  1 
ATOM   152  C C   . VAL A 1 29 ? -13.210 -6.336  -2.423  1.00 27.94 ? 58  VAL A C   1 
ATOM   153  O O   . VAL A 1 29 ? -12.900 -7.204  -3.226  1.00 28.55 ? 58  VAL A O   1 
ATOM   154  C CB  . VAL A 1 29 ? -11.513 -6.665  -0.601  1.00 26.42 ? 58  VAL A CB  1 
ATOM   155  C CG1 . VAL A 1 29 ? -10.752 -5.399  -1.011  1.00 27.40 ? 58  VAL A CG1 1 
ATOM   156  C CG2 . VAL A 1 29 ? -11.324 -6.965  0.868   1.00 26.13 ? 58  VAL A CG2 1 
ATOM   157  N N   . ASP A 1 30 ? -13.677 -5.148  -2.781  1.00 28.65 ? 59  ASP A N   1 
ATOM   158  C CA  . ASP A 1 30 ? -13.640 -4.677  -4.165  1.00 30.32 ? 59  ASP A CA  1 
ATOM   159  C C   . ASP A 1 30 ? -12.301 -4.025  -4.441  1.00 30.85 ? 59  ASP A C   1 
ATOM   160  O O   . ASP A 1 30 ? -12.032 -2.911  -3.958  1.00 30.43 ? 59  ASP A O   1 
ATOM   161  C CB  . ASP A 1 30 ? -14.755 -3.675  -4.367  1.00 31.05 ? 59  ASP A CB  1 
ATOM   162  C CG  . ASP A 1 30 ? -14.835 -3.151  -5.778  1.00 33.37 ? 59  ASP A CG  1 
ATOM   163  O OD1 . ASP A 1 30 ? -13.980 -3.456  -6.645  1.00 35.07 ? 59  ASP A OD1 1 
ATOM   164  O OD2 . ASP A 1 30 ? -15.753 -2.382  -6.085  1.00 38.83 ? 59  ASP A OD2 1 
ATOM   165  N N   . TYR A 1 31 ? -11.453 -4.711  -5.196  1.00 31.33 ? 60  TYR A N   1 
ATOM   166  C CA  . TYR A 1 31 ? -10.137 -4.179  -5.552  1.00 32.90 ? 60  TYR A CA  1 
ATOM   167  C C   . TYR A 1 31 ? -10.047 -3.781  -7.037  1.00 34.97 ? 60  TYR A C   1 
ATOM   168  O O   . TYR A 1 31 ? -8.952  -3.588  -7.565  1.00 34.73 ? 60  TYR A O   1 
ATOM   169  C CB  . TYR A 1 31 ? -9.016  -5.153  -5.164  1.00 32.72 ? 60  TYR A CB  1 
ATOM   170  C CG  . TYR A 1 31 ? -9.052  -6.454  -5.917  1.00 32.19 ? 60  TYR A CG  1 
ATOM   171  C CD1 . TYR A 1 31 ? -9.914  -7.486  -5.517  1.00 32.00 ? 60  TYR A CD1 1 
ATOM   172  C CD2 . TYR A 1 31 ? -8.262  -6.648  -7.052  1.00 33.34 ? 60  TYR A CD2 1 
ATOM   173  C CE1 . TYR A 1 31 ? -9.962  -8.688  -6.226  1.00 33.18 ? 60  TYR A CE1 1 
ATOM   174  C CE2 . TYR A 1 31 ? -8.303  -7.837  -7.755  1.00 35.02 ? 60  TYR A CE2 1 
ATOM   175  C CZ  . TYR A 1 31 ? -9.170  -8.851  -7.340  1.00 34.43 ? 60  TYR A CZ  1 
ATOM   176  O OH  . TYR A 1 31 ? -9.230  -10.035 -8.047  1.00 35.66 ? 60  TYR A OH  1 
ATOM   177  N N   . GLY A 1 32 ? -11.201 -3.635  -7.692  1.00 37.36 ? 61  GLY A N   1 
ATOM   178  C CA  . GLY A 1 32 ? -11.253 -3.166  -9.073  1.00 39.70 ? 61  GLY A CA  1 
ATOM   179  C C   . GLY A 1 32 ? -11.610 -4.233  -10.103 1.00 41.44 ? 61  GLY A C   1 
ATOM   180  O O   . GLY A 1 32 ? -11.846 -3.916  -11.277 1.00 42.54 ? 61  GLY A O   1 
ATOM   181  N N   . ALA A 1 33 ? -11.617 -5.493  -9.690  1.00 42.24 ? 62  ALA A N   1 
ATOM   182  C CA  . ALA A 1 33 ? -12.097 -6.570  -10.550 1.00 43.04 ? 62  ALA A CA  1 
ATOM   183  C C   . ALA A 1 33 ? -13.628 -6.707  -10.392 1.00 43.41 ? 62  ALA A C   1 
ATOM   184  O O   . ALA A 1 33 ? -14.234 -6.156  -9.456  1.00 42.68 ? 62  ALA A O   1 
ATOM   185  C CB  . ALA A 1 33 ? -11.386 -7.867  -10.220 1.00 43.17 ? 62  ALA A CB  1 
ATOM   186  N N   . GLU A 1 34 ? -14.256 -7.421  -11.322 1.00 43.72 ? 63  GLU A N   1 
ATOM   187  C CA  . GLU A 1 34 ? -15.706 -7.636  -11.253 1.00 44.39 ? 63  GLU A CA  1 
ATOM   188  C C   . GLU A 1 34 ? -16.071 -8.463  -10.017 1.00 42.39 ? 63  GLU A C   1 
ATOM   189  O O   . GLU A 1 34 ? -17.024 -8.141  -9.304  1.00 43.36 ? 63  GLU A O   1 
ATOM   190  C CB  . GLU A 1 34 ? -16.231 -8.304  -12.545 1.00 45.47 ? 63  GLU A CB  1 
ATOM   191  C CG  . GLU A 1 34 ? -17.491 -7.646  -13.110 1.00 50.31 ? 63  GLU A CG  1 
ATOM   192  C CD  . GLU A 1 34 ? -17.199 -6.384  -13.921 1.00 55.42 ? 63  GLU A CD  1 
ATOM   193  O OE1 . GLU A 1 34 ? -16.862 -5.334  -13.312 1.00 58.86 ? 63  GLU A OE1 1 
ATOM   194  O OE2 . GLU A 1 34 ? -17.318 -6.435  -15.174 1.00 59.36 ? 63  GLU A OE2 1 
ATOM   195  N N   . ARG A 1 35 ? -15.291 -9.508  -9.767  1.00 40.16 ? 64  ARG A N   1 
ATOM   196  C CA  . ARG A 1 35 ? -15.439 -10.349 -8.599  1.00 38.41 ? 64  ARG A CA  1 
ATOM   197  C C   . ARG A 1 35 ? -14.600 -9.831  -7.436  1.00 36.51 ? 64  ARG A C   1 
ATOM   198  O O   . ARG A 1 35 ? -13.390 -9.609  -7.568  1.00 35.06 ? 64  ARG A O   1 
ATOM   199  C CB  . ARG A 1 35 ? -14.976 -11.748 -8.929  1.00 38.49 ? 64  ARG A CB  1 
ATOM   200  C CG  . ARG A 1 35 ? -15.339 -12.797 -7.918  1.00 39.36 ? 64  ARG A CG  1 
ATOM   201  C CD  . ARG A 1 35 ? -14.997 -14.177 -8.406  1.00 41.32 ? 64  ARG A CD  1 
ATOM   202  N NE  . ARG A 1 35 ? -15.808 -14.514 -9.574  1.00 42.18 ? 64  ARG A NE  1 
ATOM   203  C CZ  . ARG A 1 35 ? -15.453 -15.362 -10.531 1.00 42.99 ? 64  ARG A CZ  1 
ATOM   204  N NH1 . ARG A 1 35 ? -14.282 -15.989 -10.497 1.00 41.50 ? 64  ARG A NH1 1 
ATOM   205  N NH2 . ARG A 1 35 ? -16.290 -15.590 -11.537 1.00 44.71 ? 64  ARG A NH2 1 
ATOM   206  N N   . HIS A 1 36 ? -15.253 -9.696  -6.290  1.00 35.16 ? 65  HIS A N   1 
ATOM   207  C CA  . HIS A 1 36 ? -14.590 -9.252  -5.073  1.00 34.15 ? 65  HIS A CA  1 
ATOM   208  C C   . HIS A 1 36 ? -13.591 -10.297 -4.602  1.00 32.57 ? 65  HIS A C   1 
ATOM   209  O O   . HIS A 1 36 ? -13.810 -11.511 -4.738  1.00 32.76 ? 65  HIS A O   1 
ATOM   210  C CB  . HIS A 1 36 ? -15.634 -9.016  -3.981  1.00 34.95 ? 65  HIS A CB  1 
ATOM   211  C CG  . HIS A 1 36 ? -16.587 -7.906  -4.296  1.00 36.77 ? 65  HIS A CG  1 
ATOM   212  N ND1 . HIS A 1 36 ? -17.664 -7.602  -3.493  1.00 40.27 ? 65  HIS A ND1 1 
ATOM   213  C CD2 . HIS A 1 36 ? -16.629 -7.033  -5.331  1.00 39.01 ? 65  HIS A CD2 1 
ATOM   214  C CE1 . HIS A 1 36 ? -18.324 -6.583  -4.017  1.00 39.70 ? 65  HIS A CE1 1 
ATOM   215  N NE2 . HIS A 1 36 ? -17.718 -6.221  -5.131  1.00 39.42 ? 65  HIS A NE2 1 
ATOM   216  N N   . GLY A 1 37 ? -12.496 -9.828  -4.014  1.00 30.28 ? 66  GLY A N   1 
ATOM   217  C CA  . GLY A 1 37 ? -11.545 -10.705 -3.359  1.00 28.76 ? 66  GLY A CA  1 
ATOM   218  C C   . GLY A 1 37 ? -11.898 -10.948 -1.898  1.00 27.71 ? 66  GLY A C   1 
ATOM   219  O O   . GLY A 1 37 ? -12.816 -10.351 -1.344  1.00 27.25 ? 66  GLY A O   1 
ATOM   220  N N   . PHE A 1 38 ? -11.142 -11.834 -1.282  1.00 26.86 ? 67  PHE A N   1 
ATOM   221  C CA  . PHE A 1 38 ? -11.406 -12.315 0.058   1.00 26.19 ? 67  PHE A CA  1 
ATOM   222  C C   . PHE A 1 38 ? -10.136 -12.060 0.878   1.00 25.24 ? 67  PHE A C   1 
ATOM   223  O O   . PHE A 1 38 ? -9.028  -12.436 0.491   1.00 24.36 ? 67  PHE A O   1 
ATOM   224  C CB  . PHE A 1 38 ? -11.744 -13.806 -0.028  1.00 27.31 ? 67  PHE A CB  1 
ATOM   225  C CG  . PHE A 1 38 ? -12.169 -14.434 1.256   1.00 27.87 ? 67  PHE A CG  1 
ATOM   226  C CD1 . PHE A 1 38 ? -13.455 -14.272 1.734   1.00 29.05 ? 67  PHE A CD1 1 
ATOM   227  C CD2 . PHE A 1 38 ? -11.298 -15.220 1.962   1.00 30.02 ? 67  PHE A CD2 1 
ATOM   228  C CE1 . PHE A 1 38 ? -13.850 -14.892 2.912   1.00 30.04 ? 67  PHE A CE1 1 
ATOM   229  C CE2 . PHE A 1 38 ? -11.689 -15.815 3.134   1.00 31.48 ? 67  PHE A CE2 1 
ATOM   230  C CZ  . PHE A 1 38 ? -12.972 -15.666 3.586   1.00 30.63 ? 67  PHE A CZ  1 
ATOM   231  N N   . LEU A 1 39 ? -10.343 -11.391 2.006   1.00 24.60 ? 68  LEU A N   1 
ATOM   232  C CA  . LEU A 1 39 ? -9.264  -10.915 2.882   1.00 23.11 ? 68  LEU A CA  1 
ATOM   233  C C   . LEU A 1 39 ? -9.446  -11.495 4.269   1.00 23.04 ? 68  LEU A C   1 
ATOM   234  O O   . LEU A 1 39 ? -10.266 -11.014 5.018   1.00 22.68 ? 68  LEU A O   1 
ATOM   235  C CB  . LEU A 1 39 ? -9.283  -9.373  2.928   1.00 22.54 ? 68  LEU A CB  1 
ATOM   236  C CG  . LEU A 1 39 ? -8.242  -8.761  3.864   1.00 21.82 ? 68  LEU A CG  1 
ATOM   237  C CD1 . LEU A 1 39 ? -6.862  -9.119  3.358   1.00 22.09 ? 68  LEU A CD1 1 
ATOM   238  C CD2 . LEU A 1 39 ? -8.441  -7.252  3.957   1.00 22.26 ? 68  LEU A CD2 1 
ATOM   239  N N   . PRO A 1 40 ? -8.686  -12.545 4.611   1.00 23.14 ? 69  PRO A N   1 
ATOM   240  C CA  . PRO A 1 40 ? -8.754  -13.146 5.938   1.00 23.99 ? 69  PRO A CA  1 
ATOM   241  C C   . PRO A 1 40 ? -8.167  -12.211 6.995   1.00 23.46 ? 69  PRO A C   1 
ATOM   242  O O   . PRO A 1 40 ? -7.258  -11.455 6.667   1.00 23.23 ? 69  PRO A O   1 
ATOM   243  C CB  . PRO A 1 40 ? -7.860  -14.377 5.820   1.00 24.49 ? 69  PRO A CB  1 
ATOM   244  C CG  . PRO A 1 40 ? -7.544  -14.517 4.384   1.00 26.01 ? 69  PRO A CG  1 
ATOM   245  C CD  . PRO A 1 40 ? -7.680  -13.197 3.750   1.00 23.90 ? 69  PRO A CD  1 
ATOM   246  N N   . LEU A 1 41 ? -8.665  -12.297 8.210   1.00 22.88 ? 70  LEU A N   1 
ATOM   247  C CA  . LEU A 1 41 ? -8.157  -11.504 9.338   1.00 23.17 ? 70  LEU A CA  1 
ATOM   248  C C   . LEU A 1 41 ? -6.664  -11.681 9.535   1.00 24.20 ? 70  LEU A C   1 
ATOM   249  O O   . LEU A 1 41 ? -5.962  -10.730 9.886   1.00 22.78 ? 70  LEU A O   1 
ATOM   250  C CB  . LEU A 1 41 ? -8.883  -11.920 10.610  1.00 23.26 ? 70  LEU A CB  1 
ATOM   251  C CG  . LEU A 1 41 ? -8.465  -11.227 11.929  1.00 25.18 ? 70  LEU A CG  1 
ATOM   252  C CD1 . LEU A 1 41 ? -8.562  -9.732  11.800  1.00 28.15 ? 70  LEU A CD1 1 
ATOM   253  C CD2 . LEU A 1 41 ? -9.346  -11.756 13.023  1.00 27.47 ? 70  LEU A CD2 1 
ATOM   254  N N   . LYS A 1 42 ? -6.171  -12.912 9.372   1.00 23.98 ? 71  LYS A N   1 
ATOM   255  C CA  . LYS A 1 42 ? -4.742  -13.148 9.495   1.00 25.34 ? 71  LYS A CA  1 
ATOM   256  C C   . LYS A 1 42 ? -3.856  -12.412 8.468   1.00 24.27 ? 71  LYS A C   1 
ATOM   257  O O   . LYS A 1 42 ? -2.651  -12.289 8.702   1.00 24.42 ? 71  LYS A O   1 
ATOM   258  C CB  . LYS A 1 42 ? -4.399  -14.650 9.469   1.00 26.51 ? 71  LYS A CB  1 
ATOM   259  C CG  . LYS A 1 42 ? -4.658  -15.295 8.116   1.00 32.41 ? 71  LYS A CG  1 
ATOM   260  C CD  . LYS A 1 42 ? -4.185  -16.758 8.056   1.00 40.02 ? 71  LYS A CD  1 
ATOM   261  C CE  . LYS A 1 42 ? -5.057  -17.537 7.084   1.00 43.60 ? 71  LYS A CE  1 
ATOM   262  N NZ  . LYS A 1 42 ? -6.490  -17.581 7.548   1.00 44.21 ? 71  LYS A NZ  1 
ATOM   263  N N   . GLU A 1 43 ? -4.442  -11.931 7.364   1.00 22.20 ? 72  GLU A N   1 
ATOM   264  C CA  . GLU A 1 43 ? -3.732  -11.194 6.347   1.00 22.38 ? 72  GLU A CA  1 
ATOM   265  C C   . GLU A 1 43 ? -3.919  -9.681  6.482   1.00 20.48 ? 72  GLU A C   1 
ATOM   266  O O   . GLU A 1 43 ? -3.602  -8.956  5.572   1.00 20.98 ? 72  GLU A O   1 
ATOM   267  C CB  . GLU A 1 43 ? -4.164  -11.657 4.970   1.00 22.67 ? 72  GLU A CB  1 
ATOM   268  C CG  . GLU A 1 43 ? -3.913  -13.146 4.710   1.00 25.69 ? 72  GLU A CG  1 
ATOM   269  C CD  . GLU A 1 43 ? -2.451  -13.578 4.732   1.00 29.94 ? 72  GLU A CD  1 
ATOM   270  O OE1 . GLU A 1 43 ? -1.530  -12.760 4.503   1.00 28.05 ? 72  GLU A OE1 1 
ATOM   271  O OE2 . GLU A 1 43 ? -2.218  -14.801 4.962   1.00 34.36 ? 72  GLU A OE2 1 
ATOM   272  N N   . ILE A 1 44 ? -4.411  -9.218  7.633   1.00 20.49 ? 73  ILE A N   1 
ATOM   273  C CA  . ILE A 1 44 ? -4.594  -7.796  7.866   1.00 20.23 ? 73  ILE A CA  1 
ATOM   274  C C   . ILE A 1 44 ? -3.481  -7.339  8.789   1.00 19.98 ? 73  ILE A C   1 
ATOM   275  O O   . ILE A 1 44 ? -3.374  -7.805  9.919   1.00 20.52 ? 73  ILE A O   1 
ATOM   276  C CB  . ILE A 1 44 ? -5.957  -7.500  8.503   1.00 20.41 ? 73  ILE A CB  1 
ATOM   277  C CG1 . ILE A 1 44 ? -7.105  -8.057  7.637   1.00 22.39 ? 73  ILE A CG1 1 
ATOM   278  C CG2 . ILE A 1 44 ? -6.087  -6.006  8.756   1.00 20.80 ? 73  ILE A CG2 1 
ATOM   279  C CD1 . ILE A 1 44 ? -8.482  -7.810  8.247   1.00 24.27 ? 73  ILE A CD1 1 
ATOM   280  N N   . ALA A 1 45 ? -2.667  -6.409  8.314   1.00 21.17 ? 74  ALA A N   1 
ATOM   281  C CA  . ALA A 1 45 ? -1.509  -5.920  9.075   1.00 20.87 ? 74  ALA A CA  1 
ATOM   282  C C   . ALA A 1 45 ? -1.986  -5.055  10.220  1.00 20.80 ? 74  ALA A C   1 
ATOM   283  O O   . ALA A 1 45 ? -3.011  -4.416  10.124  1.00 19.30 ? 74  ALA A O   1 
ATOM   284  C CB  . ALA A 1 45 ? -0.594  -5.132  8.170   1.00 21.98 ? 74  ALA A CB  1 
ATOM   285  N N   . ARG A 1 46 ? -1.197  -4.989  11.298  1.00 20.94 ? 75  ARG A N   1 
ATOM   286  C CA  . ARG A 1 46 ? -1.622  -4.300  12.508  1.00 21.18 ? 75  ARG A CA  1 
ATOM   287  C C   . ARG A 1 46 ? -1.871  -2.795  12.368  1.00 21.30 ? 75  ARG A C   1 
ATOM   288  O O   . ARG A 1 46 ? -2.654  -2.242  13.114  1.00 21.54 ? 75  ARG A O   1 
ATOM   289  C CB  . ARG A 1 46 ? -0.650  -4.604  13.634  1.00 20.88 ? 75  ARG A CB  1 
ATOM   290  C CG  . ARG A 1 46 ? -0.707  -6.042  14.112  1.00 21.97 ? 75  ARG A CG  1 
ATOM   291  C CD  . ARG A 1 46 ? -1.932  -6.366  14.960  1.00 23.88 ? 75  ARG A CD  1 
ATOM   292  N NE  . ARG A 1 46 ? -2.120  -7.820  15.083  1.00 24.33 ? 75  ARG A NE  1 
ATOM   293  C CZ  . ARG A 1 46 ? -2.861  -8.433  15.993  1.00 24.88 ? 75  ARG A CZ  1 
ATOM   294  N NH1 . ARG A 1 46 ? -3.516  -7.748  16.922  1.00 23.05 ? 75  ARG A NH1 1 
ATOM   295  N NH2 . ARG A 1 46 ? -2.943  -9.763  15.977  1.00 24.86 ? 75  ARG A NH2 1 
ATOM   296  N N   . GLU A 1 47 ? -1.268  -2.156  11.384  1.00 22.13 ? 76  GLU A N   1 
ATOM   297  C CA  . GLU A 1 47 ? -1.491  -0.734  11.124  1.00 23.66 ? 76  GLU A CA  1 
ATOM   298  C C   . GLU A 1 47 ? -2.945  -0.430  10.805  1.00 24.29 ? 76  GLU A C   1 
ATOM   299  O O   . GLU A 1 47 ? -3.403  0.713   10.988  1.00 24.32 ? 76  GLU A O   1 
ATOM   300  C CB  . GLU A 1 47 ? -0.556  -0.189  10.028  1.00 25.01 ? 76  GLU A CB  1 
ATOM   301  C CG  . GLU A 1 47 ? -0.541  -0.970  8.721   1.00 27.09 ? 76  GLU A CG  1 
ATOM   302  C CD  . GLU A 1 47 ? 0.572   -1.976  8.649   1.00 30.03 ? 76  GLU A CD  1 
ATOM   303  O OE1 . GLU A 1 47 ? 0.831   -2.664  9.661   1.00 29.66 ? 76  GLU A OE1 1 
ATOM   304  O OE2 . GLU A 1 47 ? 1.218   -2.101  7.574   1.00 34.51 ? 76  GLU A OE2 1 
ATOM   305  N N   . TYR A 1 48 ? -3.695  -1.437  10.324  1.00 23.42 ? 77  TYR A N   1 
ATOM   306  C CA  . TYR A 1 48 ? -5.125  -1.265  10.083  1.00 23.70 ? 77  TYR A CA  1 
ATOM   307  C C   . TYR A 1 48 ? -6.027  -1.353  11.285  1.00 24.24 ? 77  TYR A C   1 
ATOM   308  O O   . TYR A 1 48 ? -7.193  -0.963  11.188  1.00 26.61 ? 77  TYR A O   1 
ATOM   309  C CB  . TYR A 1 48 ? -5.643  -2.221  8.996   1.00 22.83 ? 77  TYR A CB  1 
ATOM   310  C CG  . TYR A 1 48 ? -4.967  -1.970  7.691   1.00 23.00 ? 77  TYR A CG  1 
ATOM   311  C CD1 . TYR A 1 48 ? -5.349  -0.880  6.884   1.00 23.96 ? 77  TYR A CD1 1 
ATOM   312  C CD2 . TYR A 1 48 ? -3.923  -2.779  7.246   1.00 22.10 ? 77  TYR A CD2 1 
ATOM   313  C CE1 . TYR A 1 48 ? -4.714  -0.631  5.673   1.00 22.24 ? 77  TYR A CE1 1 
ATOM   314  C CE2 . TYR A 1 48 ? -3.290  -2.539  6.029   1.00 21.37 ? 77  TYR A CE2 1 
ATOM   315  C CZ  . TYR A 1 48 ? -3.691  -1.470  5.242   1.00 20.95 ? 77  TYR A CZ  1 
ATOM   316  O OH  . TYR A 1 48 ? -3.063  -1.212  4.046   1.00 23.18 ? 77  TYR A OH  1 
ATOM   317  N N   . PHE A 1 49 ? -5.527  -1.879  12.407  1.00 23.68 ? 78  PHE A N   1 
ATOM   318  C CA  . PHE A 1 49 ? -6.349  -2.143  13.570  1.00 23.38 ? 78  PHE A CA  1 
ATOM   319  C C   . PHE A 1 49 ? -6.567  -0.815  14.314  1.00 25.21 ? 78  PHE A C   1 
ATOM   320  O O   . PHE A 1 49 ? -5.635  -0.055  14.482  1.00 27.14 ? 78  PHE A O   1 
ATOM   321  C CB  . PHE A 1 49 ? -5.667  -3.111  14.535  1.00 22.92 ? 78  PHE A CB  1 
ATOM   322  C CG  . PHE A 1 49 ? -5.665  -4.576  14.088  1.00 21.15 ? 78  PHE A CG  1 
ATOM   323  C CD1 . PHE A 1 49 ? -5.263  -4.963  12.824  1.00 22.73 ? 78  PHE A CD1 1 
ATOM   324  C CD2 . PHE A 1 49 ? -6.017  -5.556  14.991  1.00 21.85 ? 78  PHE A CD2 1 
ATOM   325  C CE1 . PHE A 1 49 ? -5.227  -6.341  12.477  1.00 22.92 ? 78  PHE A CE1 1 
ATOM   326  C CE2 . PHE A 1 49 ? -5.977  -6.893  14.663  1.00 23.24 ? 78  PHE A CE2 1 
ATOM   327  C CZ  . PHE A 1 49 ? -5.590  -7.282  13.399  1.00 22.39 ? 78  PHE A CZ  1 
ATOM   328  N N   . PRO A 1 50 ? -7.770  -0.556  14.774  1.00 25.06 ? 79  PRO A N   1 
ATOM   329  C CA  . PRO A 1 50 ? -8.043  0.713   15.476  1.00 25.73 ? 79  PRO A CA  1 
ATOM   330  C C   . PRO A 1 50 ? -7.480  0.832   16.887  1.00 25.41 ? 79  PRO A C   1 
ATOM   331  O O   . PRO A 1 50 ? -7.417  1.939   17.434  1.00 25.65 ? 79  PRO A O   1 
ATOM   332  C CB  . PRO A 1 50 ? -9.553  0.761   15.524  1.00 25.68 ? 79  PRO A CB  1 
ATOM   333  C CG  . PRO A 1 50 ? -9.988  -0.657  15.446  1.00 27.30 ? 79  PRO A CG  1 
ATOM   334  C CD  . PRO A 1 50 ? -8.970  -1.391  14.639  1.00 24.91 ? 79  PRO A CD  1 
ATOM   335  N N   . ALA A 1 51 ? -7.107  -0.291  17.482  1.00 24.51 ? 80  ALA A N   1 
ATOM   336  C CA  . ALA A 1 51 ? -6.598  -0.312  18.848  1.00 24.54 ? 80  ALA A CA  1 
ATOM   337  C C   . ALA A 1 51 ? -5.624  -1.494  18.961  1.00 23.41 ? 80  ALA A C   1 
ATOM   338  O O   . ALA A 1 51 ? -5.653  -2.398  18.111  1.00 22.53 ? 80  ALA A O   1 
ATOM   339  C CB  . ALA A 1 51 ? -7.736  -0.477  19.792  1.00 25.79 ? 80  ALA A CB  1 
ATOM   340  N N   . ASN A 1 52 ? -4.732  -1.440  19.935  1.00 21.08 ? 81  ASN A N   1 
ATOM   341  C CA  . ASN A 1 52 ? -3.819  -2.559  20.229  1.00 20.69 ? 81  ASN A CA  1 
ATOM   342  C C   . ASN A 1 52 ? -4.551  -3.622  21.073  1.00 20.91 ? 81  ASN A C   1 
ATOM   343  O O   . ASN A 1 52 ? -4.999  -3.351  22.187  1.00 21.39 ? 81  ASN A O   1 
ATOM   344  C CB  . ASN A 1 52 ? -2.608  -2.049  20.995  1.00 21.76 ? 81  ASN A CB  1 
ATOM   345  C CG  . ASN A 1 52 ? -1.725  -1.153  20.169  1.00 23.59 ? 81  ASN A CG  1 
ATOM   346  O OD1 . ASN A 1 52 ? -2.182  -0.138  19.647  1.00 25.41 ? 81  ASN A OD1 1 
ATOM   347  N ND2 . ASN A 1 52 ? -0.452  -1.510  20.040  1.00 19.77 ? 81  ASN A ND2 1 
ATOM   348  N N   A TYR A 1 53 ? -4.661  -4.825  20.559  0.50 20.86 ? 82  TYR A N   1 
ATOM   349  N N   B TYR A 1 53 ? -4.702  -4.817  20.499  0.50 21.12 ? 82  TYR A N   1 
ATOM   350  C CA  A TYR A 1 53 ? -5.446  -5.835  21.220  0.50 20.97 ? 82  TYR A CA  1 
ATOM   351  C CA  B TYR A 1 53 ? -5.456  -5.936  21.071  0.50 21.46 ? 82  TYR A CA  1 
ATOM   352  C C   A TYR A 1 53 ? -4.557  -6.769  22.035  0.50 21.40 ? 82  TYR A C   1 
ATOM   353  C C   B TYR A 1 53 ? -4.583  -6.740  22.057  0.50 21.60 ? 82  TYR A C   1 
ATOM   354  O O   A TYR A 1 53 ? -3.378  -6.482  22.229  0.50 20.98 ? 82  TYR A O   1 
ATOM   355  O O   B TYR A 1 53 ? -3.450  -6.352  22.368  0.50 20.87 ? 82  TYR A O   1 
ATOM   356  C CB  A TYR A 1 53 ? -6.298  -6.547  20.184  0.50 21.38 ? 82  TYR A CB  1 
ATOM   357  C CB  B TYR A 1 53 ? -5.989  -6.849  19.938  0.50 21.98 ? 82  TYR A CB  1 
ATOM   358  C CG  A TYR A 1 53 ? -7.393  -5.659  19.609  0.50 20.82 ? 82  TYR A CG  1 
ATOM   359  C CG  B TYR A 1 53 ? -7.118  -7.822  20.337  0.50 23.82 ? 82  TYR A CG  1 
ATOM   360  C CD1 A TYR A 1 53 ? -8.143  -4.797  20.425  0.50 23.57 ? 82  TYR A CD1 1 
ATOM   361  C CD1 B TYR A 1 53 ? -6.871  -9.195  20.475  0.50 25.89 ? 82  TYR A CD1 1 
ATOM   362  C CD2 A TYR A 1 53 ? -7.697  -5.696  18.267  0.50 19.92 ? 82  TYR A CD2 1 
ATOM   363  C CD2 B TYR A 1 53 ? -8.408  -7.376  20.591  0.50 26.76 ? 82  TYR A CD2 1 
ATOM   364  C CE1 A TYR A 1 53 ? -9.151  -3.992  19.894  0.50 23.29 ? 82  TYR A CE1 1 
ATOM   365  C CE1 B TYR A 1 53 ? -7.832  -10.066 20.847  0.50 27.32 ? 82  TYR A CE1 1 
ATOM   366  C CE2 A TYR A 1 53 ? -8.699  -4.895  17.729  0.50 22.66 ? 82  TYR A CE2 1 
ATOM   367  C CE2 B TYR A 1 53 ? -9.415  -8.277  20.964  0.50 28.34 ? 82  TYR A CE2 1 
ATOM   368  C CZ  A TYR A 1 53 ? -9.432  -4.059  18.546  0.50 23.51 ? 82  TYR A CZ  1 
ATOM   369  C CZ  B TYR A 1 53 ? -9.105  -9.622  21.091  0.50 28.98 ? 82  TYR A CZ  1 
ATOM   370  O OH  A TYR A 1 53 ? -10.418 -3.276  17.990  0.50 25.07 ? 82  TYR A OH  1 
ATOM   371  O OH  B TYR A 1 53 ? -10.051 -10.548 21.459  0.50 32.32 ? 82  TYR A OH  1 
ATOM   372  N N   . SER A 1 54 ? -5.144  -7.829  22.573  1.00 21.67 ? 83  SER A N   1 
ATOM   373  C CA  . SER A 1 54 ? -4.436  -8.759  23.424  1.00 22.88 ? 83  SER A CA  1 
ATOM   374  C C   . SER A 1 54 ? -3.380  -9.568  22.671  1.00 23.25 ? 83  SER A C   1 
ATOM   375  O O   . SER A 1 54 ? -3.526  -9.857  21.497  1.00 22.59 ? 83  SER A O   1 
ATOM   376  C CB  . SER A 1 54 ? -5.453  -9.725  24.026  1.00 24.23 ? 83  SER A CB  1 
ATOM   377  O OG  . SER A 1 54 ? -4.798  -10.611 24.886  1.00 25.19 ? 83  SER A OG  1 
ATOM   378  N N   . ALA A 1 55 ? -2.348  -9.984  23.387  1.00 25.34 ? 84  ALA A N   1 
ATOM   379  C CA  . ALA A 1 55 ? -1.306  -10.847 22.857  1.00 27.67 ? 84  ALA A CA  1 
ATOM   380  C C   . ALA A 1 55 ? -1.894  -12.219 22.571  1.00 30.43 ? 84  ALA A C   1 
ATOM   381  O O   . ALA A 1 55 ? -1.316  -12.973 21.817  1.00 33.33 ? 84  ALA A O   1 
ATOM   382  C CB  . ALA A 1 55 ? -0.198  -10.992 23.886  1.00 27.79 ? 84  ALA A CB  1 
ATOM   383  N N   . HIS A 1 56 ? -3.032  -12.525 23.202  1.00 31.34 ? 85  HIS A N   1 
ATOM   384  C CA  . HIS A 1 56 ? -3.712  -13.812 23.072  1.00 33.98 ? 85  HIS A CA  1 
ATOM   385  C C   . HIS A 1 56 ? -5.045  -13.698 22.353  1.00 34.82 ? 85  HIS A C   1 
ATOM   386  O O   . HIS A 1 56 ? -5.817  -12.771 22.596  1.00 34.54 ? 85  HIS A O   1 
ATOM   387  C CB  . HIS A 1 56 ? -3.909  -14.426 24.469  1.00 34.10 ? 85  HIS A CB  1 
ATOM   388  C CG  . HIS A 1 56 ? -2.632  -14.903 25.072  1.00 36.76 ? 85  HIS A CG  1 
ATOM   389  N ND1 . HIS A 1 56 ? -2.005  -16.063 24.652  1.00 40.87 ? 85  HIS A ND1 1 
ATOM   390  C CD2 . HIS A 1 56 ? -1.822  -14.353 26.008  1.00 39.45 ? 85  HIS A CD2 1 
ATOM   391  C CE1 . HIS A 1 56 ? -0.873  -16.214 25.319  1.00 38.40 ? 85  HIS A CE1 1 
ATOM   392  N NE2 . HIS A 1 56 ? -0.742  -15.196 26.156  1.00 38.97 ? 85  HIS A NE2 1 
ATOM   393  N N   . GLY A 1 57 ? -5.329  -14.666 21.485  1.00 36.51 ? 86  GLY A N   1 
ATOM   394  C CA  . GLY A 1 57 ? -6.618  -14.682 20.799  1.00 37.53 ? 86  GLY A CA  1 
ATOM   395  C C   . GLY A 1 57 ? -6.715  -13.677 19.661  1.00 37.76 ? 86  GLY A C   1 
ATOM   396  O O   . GLY A 1 57 ? -5.749  -13.010 19.318  1.00 38.50 ? 86  GLY A O   1 
ATOM   397  N N   . ARG A 1 58 ? -7.887  -13.593 19.042  1.00 37.81 ? 87  ARG A N   1 
ATOM   398  C CA  . ARG A 1 58 ? -8.088  -12.676 17.924  1.00 37.73 ? 87  ARG A CA  1 
ATOM   399  C C   . ARG A 1 58 ? -9.329  -11.866 18.166  1.00 35.63 ? 87  ARG A C   1 
ATOM   400  O O   . ARG A 1 58 ? -10.309 -12.388 18.729  1.00 34.61 ? 87  ARG A O   1 
ATOM   401  C CB  . ARG A 1 58 ? -8.286  -13.456 16.616  1.00 38.83 ? 87  ARG A CB  1 
ATOM   402  C CG  . ARG A 1 58 ? -7.105  -14.317 16.208  1.00 44.82 ? 87  ARG A CG  1 
ATOM   403  C CD  . ARG A 1 58 ? -7.454  -15.446 15.251  1.00 50.97 ? 87  ARG A CD  1 
ATOM   404  N NE  . ARG A 1 58 ? -8.272  -16.455 15.921  1.00 56.61 ? 87  ARG A NE  1 
ATOM   405  C CZ  . ARG A 1 58 ? -8.226  -17.765 15.698  1.00 62.52 ? 87  ARG A CZ  1 
ATOM   406  N NH1 . ARG A 1 58 ? -7.398  -18.291 14.787  1.00 64.82 ? 87  ARG A NH1 1 
ATOM   407  N NH2 . ARG A 1 58 ? -9.036  -18.560 16.394  1.00 64.48 ? 87  ARG A NH2 1 
ATOM   408  N N   . PRO A 1 59 ? -9.328  -10.613 17.719  1.00 33.52 ? 88  PRO A N   1 
ATOM   409  C CA  . PRO A 1 59 ? -10.525 -9.803  17.811  1.00 32.63 ? 88  PRO A CA  1 
ATOM   410  C C   . PRO A 1 59 ? -11.538 -10.296 16.793  1.00 31.09 ? 88  PRO A C   1 
ATOM   411  O O   . PRO A 1 59 ? -11.186 -11.027 15.879  1.00 30.13 ? 88  PRO A O   1 
ATOM   412  C CB  . PRO A 1 59 ? -10.049 -8.420  17.405  1.00 33.14 ? 88  PRO A CB  1 
ATOM   413  C CG  . PRO A 1 59 ? -8.903  -8.682  16.516  1.00 33.34 ? 88  PRO A CG  1 
ATOM   414  C CD  . PRO A 1 59 ? -8.234  -9.875  17.069  1.00 34.00 ? 88  PRO A CD  1 
ATOM   415  N N   . ASN A 1 60 ? -12.774 -9.879  16.984  1.00 29.79 ? 89  ASN A N   1 
ATOM   416  C CA  . ASN A 1 60 ? -13.771 -9.908  15.924  1.00 28.83 ? 89  ASN A CA  1 
ATOM   417  C C   . ASN A 1 60 ? -13.352 -8.998  14.771  1.00 26.72 ? 89  ASN A C   1 
ATOM   418  O O   . ASN A 1 60 ? -12.947 -7.855  14.980  1.00 26.32 ? 89  ASN A O   1 
ATOM   419  C CB  . ASN A 1 60 ? -15.128 -9.483  16.519  1.00 29.08 ? 89  ASN A CB  1 
ATOM   420  C CG  . ASN A 1 60 ? -16.285 -9.828  15.634  1.00 29.85 ? 89  ASN A CG  1 
ATOM   421  O OD1 . ASN A 1 60 ? -16.242 -9.603  14.432  1.00 28.07 ? 89  ASN A OD1 1 
ATOM   422  N ND2 . ASN A 1 60 ? -17.353 -10.343 16.235  1.00 31.31 ? 89  ASN A ND2 1 
ATOM   423  N N   . ILE A 1 61 ? -13.420 -9.483  13.525  1.00 25.53 ? 90  ILE A N   1 
ATOM   424  C CA  . ILE A 1 61 ? -13.036 -8.641  12.393  1.00 25.08 ? 90  ILE A CA  1 
ATOM   425  C C   . ILE A 1 61 ? -13.895 -7.397  12.286  1.00 25.73 ? 90  ILE A C   1 
ATOM   426  O O   . ILE A 1 61 ? -13.462 -6.399  11.703  1.00 24.99 ? 90  ILE A O   1 
ATOM   427  C CB  . ILE A 1 61 ? -12.985 -9.440  11.045  1.00 25.65 ? 90  ILE A CB  1 
ATOM   428  C CG1 . ILE A 1 61 ? -12.341 -8.610  9.939   1.00 24.65 ? 90  ILE A CG1 1 
ATOM   429  C CG2 . ILE A 1 61 ? -14.351 -9.868  10.674  1.00 24.59 ? 90  ILE A CG2 1 
ATOM   430  C CD1 . ILE A 1 61 ? -11.898 -9.426  8.742   1.00 24.73 ? 90  ILE A CD1 1 
ATOM   431  N N   . LYS A 1 62 ? -15.092 -7.427  12.882  1.00 26.64 ? 91  LYS A N   1 
ATOM   432  C CA  . LYS A 1 62 ? -15.961 -6.241  12.909  1.00 29.07 ? 91  LYS A CA  1 
ATOM   433  C C   . LYS A 1 62 ? -15.383 -5.085  13.723  1.00 29.76 ? 91  LYS A C   1 
ATOM   434  O O   . LYS A 1 62 ? -15.751 -3.941  13.484  1.00 32.50 ? 91  LYS A O   1 
ATOM   435  C CB  . LYS A 1 62 ? -17.335 -6.572  13.486  1.00 29.15 ? 91  LYS A CB  1 
ATOM   436  C CG  . LYS A 1 62 ? -18.309 -6.934  12.388  1.00 32.37 ? 91  LYS A CG  1 
ATOM   437  C CD  . LYS A 1 62 ? -18.547 -6.089  11.584  0.00 15.00 ? 91  LYS A CD  1 
ATOM   438  C CE  . LYS A 1 62 ? -19.985 -5.884  11.141  0.00 15.00 ? 91  LYS A CE  1 
ATOM   439  N NZ  . LYS A 1 62 ? -20.070 -5.106  9.873   0.00 15.00 ? 91  LYS A NZ  1 
ATOM   440  N N   . ASP A 1 63 ? -14.506 -5.408  14.654  1.00 31.25 ? 92  ASP A N   1 
ATOM   441  C CA  . ASP A 1 63 ? -13.718 -4.446  15.452  1.00 32.17 ? 92  ASP A CA  1 
ATOM   442  C C   . ASP A 1 63 ? -12.329 -4.158  14.862  1.00 32.42 ? 92  ASP A C   1 
ATOM   443  O O   . ASP A 1 63 ? -11.449 -3.581  15.531  1.00 34.17 ? 92  ASP A O   1 
ATOM   444  C CB  . ASP A 1 63 ? -13.541 -5.018  16.855  1.00 33.04 ? 92  ASP A CB  1 
ATOM   445  C CG  . ASP A 1 63 ? -14.864 -5.289  17.540  1.00 34.30 ? 92  ASP A CG  1 
ATOM   446  O OD1 . ASP A 1 63 ? -15.833 -4.535  17.303  1.00 38.06 ? 92  ASP A OD1 1 
ATOM   447  O OD2 . ASP A 1 63 ? -15.038 -6.243  18.317  1.00 37.67 ? 92  ASP A OD2 1 
ATOM   448  N N   . VAL A 1 64 ? -12.107 -4.569  13.622  1.00 31.14 ? 93  VAL A N   1 
ATOM   449  C CA  . VAL A 1 64 ? -10.859 -4.290  12.935  1.00 30.56 ? 93  VAL A CA  1 
ATOM   450  C C   . VAL A 1 64 ? -11.155 -3.448  11.709  1.00 30.59 ? 93  VAL A C   1 
ATOM   451  O O   . VAL A 1 64 ? -10.535 -2.416  11.480  1.00 31.41 ? 93  VAL A O   1 
ATOM   452  C CB  . VAL A 1 64 ? -10.124 -5.586  12.553  1.00 30.52 ? 93  VAL A CB  1 
ATOM   453  C CG1 . VAL A 1 64 ? -8.884  -5.288  11.712  1.00 31.27 ? 93  VAL A CG1 1 
ATOM   454  C CG2 . VAL A 1 64 ? -9.766  -6.395  13.779  1.00 29.98 ? 93  VAL A CG2 1 
ATOM   455  N N   . LEU A 1 65 ? -12.113 -3.897  10.902  1.00 29.89 ? 94  LEU A N   1 
ATOM   456  C CA  . LEU A 1 65 ? -12.476 -3.243  9.668   1.00 29.58 ? 94  LEU A CA  1 
ATOM   457  C C   . LEU A 1 65 ? -13.873 -2.661  9.724   1.00 29.90 ? 94  LEU A C   1 
ATOM   458  O O   . LEU A 1 65 ? -14.684 -3.062  10.540  1.00 32.32 ? 94  LEU A O   1 
ATOM   459  C CB  . LEU A 1 65 ? -12.449 -4.282  8.531   1.00 29.44 ? 94  LEU A CB  1 
ATOM   460  C CG  . LEU A 1 65 ? -11.102 -4.875  8.130   1.00 30.87 ? 94  LEU A CG  1 
ATOM   461  C CD1 . LEU A 1 65 ? -11.337 -5.768  6.881   1.00 32.37 ? 94  LEU A CD1 1 
ATOM   462  C CD2 . LEU A 1 65 ? -10.091 -3.796  7.829   1.00 30.64 ? 94  LEU A CD2 1 
ATOM   463  N N   . ARG A 1 66 ? -14.143 -1.736  8.816   1.00 31.70 ? 95  ARG A N   1 
ATOM   464  C CA  . ARG A 1 66 ? -15.471 -1.154  8.609   1.00 32.04 ? 95  ARG A CA  1 
ATOM   465  C C   . ARG A 1 66 ? -15.801 -1.227  7.137   1.00 31.81 ? 95  ARG A C   1 
ATOM   466  O O   . ARG A 1 66 ? -14.928 -1.072  6.293   1.00 30.42 ? 95  ARG A O   1 
ATOM   467  C CB  . ARG A 1 66 ? -15.486 0.336   8.983   1.00 32.94 ? 95  ARG A CB  1 
ATOM   468  C CG  . ARG A 1 66 ? -15.067 0.619   10.362  1.00 35.70 ? 95  ARG A CG  1 
ATOM   469  C CD  . ARG A 1 66 ? -15.339 2.044   10.798  1.00 38.22 ? 95  ARG A CD  1 
ATOM   470  N NE  . ARG A 1 66 ? -16.022 1.934   12.055  0.00 15.00 ? 95  ARG A NE  1 
ATOM   471  C CZ  . ARG A 1 66 ? -17.156 1.337   12.398  0.00 15.00 ? 95  ARG A CZ  1 
ATOM   472  N NH1 . ARG A 1 66 ? -18.317 1.796   11.951  0.00 15.00 ? 95  ARG A NH1 1 
ATOM   473  N NH2 . ARG A 1 66 ? -17.135 0.277   13.193  0.00 15.00 ? 95  ARG A NH2 1 
ATOM   474  N N   . GLU A 1 67 ? -17.080 -1.414  6.813   1.00 32.85 ? 96  GLU A N   1 
ATOM   475  C CA  . GLU A 1 67 ? -17.530 -1.297  5.433   1.00 33.78 ? 96  GLU A CA  1 
ATOM   476  C C   . GLU A 1 67 ? -17.173 0.070   4.867   1.00 33.42 ? 96  GLU A C   1 
ATOM   477  O O   . GLU A 1 67 ? -17.320 1.087   5.544   1.00 33.82 ? 96  GLU A O   1 
ATOM   478  C CB  . GLU A 1 67 ? -19.045 -1.497  5.319   1.00 34.92 ? 96  GLU A CB  1 
ATOM   479  C CG  . GLU A 1 67 ? -19.473 -2.534  4.316   1.00 40.51 ? 96  GLU A CG  1 
ATOM   480  C CD  . GLU A 1 67 ? -20.935 -2.941  4.493   1.00 47.56 ? 96  GLU A CD  1 
ATOM   481  O OE1 . GLU A 1 67 ? -21.195 -4.054  5.045   1.00 50.53 ? 96  GLU A OE1 1 
ATOM   482  O OE2 . GLU A 1 67 ? -21.816 -2.141  4.083   1.00 50.85 ? 96  GLU A OE2 1 
ATOM   483  N N   . GLY A 1 68 ? -16.687 0.085   3.631   1.00 32.79 ? 97  GLY A N   1 
ATOM   484  C CA  . GLY A 1 68 ? -16.284 1.311   2.953   1.00 32.78 ? 97  GLY A CA  1 
ATOM   485  C C   . GLY A 1 68 ? -14.828 1.737   3.157   1.00 32.39 ? 97  GLY A C   1 
ATOM   486  O O   . GLY A 1 68 ? -14.312 2.558   2.409   1.00 33.35 ? 97  GLY A O   1 
ATOM   487  N N   . GLN A 1 69 ? -14.183 1.177   4.163   1.00 31.99 ? 98  GLN A N   1 
ATOM   488  C CA  . GLN A 1 69 ? -12.763 1.416   4.420   1.00 31.40 ? 98  GLN A CA  1 
ATOM   489  C C   . GLN A 1 69 ? -11.910 0.901   3.248   1.00 30.76 ? 98  GLN A C   1 
ATOM   490  O O   . GLN A 1 69 ? -12.222 -0.166  2.683   1.00 29.79 ? 98  GLN A O   1 
ATOM   491  C CB  . GLN A 1 69 ? -12.392 0.684   5.685   1.00 31.53 ? 98  GLN A CB  1 
ATOM   492  C CG  . GLN A 1 69 ? -10.933 0.734   6.059   1.00 33.11 ? 98  GLN A CG  1 
ATOM   493  C CD  . GLN A 1 69 ? -10.659 0.243   7.444   1.00 32.47 ? 98  GLN A CD  1 
ATOM   494  O OE1 . GLN A 1 69 ? -11.559 -0.269  8.146   1.00 30.79 ? 98  GLN A OE1 1 
ATOM   495  N NE2 . GLN A 1 69 ? -9.383  0.355   7.856   1.00 32.78 ? 98  GLN A NE2 1 
ATOM   496  N N   . GLU A 1 70 ? -10.853 1.644   2.891   1.00 28.77 ? 99  GLU A N   1 
ATOM   497  C CA  . GLU A 1 70 ? -9.867  1.181   1.933   1.00 28.61 ? 99  GLU A CA  1 
ATOM   498  C C   . GLU A 1 70 ? -8.633  0.628   2.642   1.00 28.12 ? 99  GLU A C   1 
ATOM   499  O O   . GLU A 1 70 ? -8.182  1.145   3.650   1.00 26.96 ? 99  GLU A O   1 
ATOM   500  C CB  . GLU A 1 70 ? -9.470  2.281   0.950   1.00 29.50 ? 99  GLU A CB  1 
ATOM   501  C CG  . GLU A 1 70 ? -10.591 2.647   -0.011  1.00 32.40 ? 99  GLU A CG  1 
ATOM   502  C CD  . GLU A 1 70 ? -10.299 3.893   -0.846  1.00 36.48 ? 99  GLU A CD  1 
ATOM   503  O OE1 . GLU A 1 70 ? -9.714  4.846   -0.298  1.00 35.90 ? 99  GLU A OE1 1 
ATOM   504  O OE2 . GLU A 1 70 ? -10.674 3.928   -2.045  1.00 40.18 ? 99  GLU A OE2 1 
ATOM   505  N N   . VAL A 1 71 ? -8.114  -0.453  2.076   1.00 27.15 ? 100 VAL A N   1 
ATOM   506  C CA  . VAL A 1 71 ? -6.893  -1.107  2.510   1.00 26.07 ? 100 VAL A CA  1 
ATOM   507  C C   . VAL A 1 71 ? -6.020  -1.354  1.269   1.00 25.25 ? 100 VAL A C   1 
ATOM   508  O O   . VAL A 1 71 ? -6.514  -1.417  0.146   1.00 25.24 ? 100 VAL A O   1 
ATOM   509  C CB  . VAL A 1 71 ? -7.198  -2.415  3.248   1.00 26.95 ? 100 VAL A CB  1 
ATOM   510  C CG1 . VAL A 1 71 ? -7.929  -2.129  4.556   1.00 28.04 ? 100 VAL A CG1 1 
ATOM   511  C CG2 . VAL A 1 71 ? -8.050  -3.353  2.391   1.00 26.95 ? 100 VAL A CG2 1 
ATOM   512  N N   . ILE A 1 72 ? -4.716  -1.453  1.462   1.00 23.26 ? 101 ILE A N   1 
ATOM   513  C CA  . ILE A 1 72 ? -3.809  -1.711  0.368   1.00 23.56 ? 101 ILE A CA  1 
ATOM   514  C C   . ILE A 1 72 ? -3.638  -3.219  0.350   1.00 22.95 ? 101 ILE A C   1 
ATOM   515  O O   . ILE A 1 72 ? -3.331  -3.801  1.367   1.00 22.27 ? 101 ILE A O   1 
ATOM   516  C CB  . ILE A 1 72 ? -2.459  -1.016  0.561   1.00 22.90 ? 101 ILE A CB  1 
ATOM   517  C CG1 . ILE A 1 72 ? -2.663  0.484   0.658   1.00 24.96 ? 101 ILE A CG1 1 
ATOM   518  C CG2 . ILE A 1 72 ? -1.546  -1.306  -0.614  1.00 24.12 ? 101 ILE A CG2 1 
ATOM   519  C CD1 . ILE A 1 72 ? -1.428  1.218   0.980   1.00 26.82 ? 101 ILE A CD1 1 
ATOM   520  N N   . VAL A 1 73 ? -3.862  -3.825  -0.819  1.00 22.82 ? 102 VAL A N   1 
ATOM   521  C CA  . VAL A 1 73 ? -3.766  -5.252  -0.975  1.00 22.88 ? 102 VAL A CA  1 
ATOM   522  C C   . VAL A 1 73 ? -2.960  -5.669  -2.205  1.00 22.76 ? 102 VAL A C   1 
ATOM   523  O O   . VAL A 1 73 ? -2.767  -4.909  -3.158  1.00 22.67 ? 102 VAL A O   1 
ATOM   524  C CB  . VAL A 1 73 ? -5.200  -5.906  -1.072  1.00 22.41 ? 102 VAL A CB  1 
ATOM   525  C CG1 . VAL A 1 73 ? -5.943  -5.749  0.215   1.00 23.31 ? 102 VAL A CG1 1 
ATOM   526  C CG2 . VAL A 1 73 ? -6.006  -5.288  -2.199  1.00 24.32 ? 102 VAL A CG2 1 
ATOM   527  N N   . GLN A 1 74 ? -2.450  -6.881  -2.118  1.00 24.07 ? 103 GLN A N   1 
ATOM   528  C CA  . GLN A 1 74 ? -1.954  -7.590  -3.276  1.00 25.02 ? 103 GLN A CA  1 
ATOM   529  C C   . GLN A 1 74 ? -2.683  -8.914  -3.381  1.00 26.20 ? 103 GLN A C   1 
ATOM   530  O O   . GLN A 1 74 ? -3.245  -9.433  -2.413  1.00 24.10 ? 103 GLN A O   1 
ATOM   531  C CB  . GLN A 1 74 ? -0.456  -7.790  -3.226  1.00 24.99 ? 103 GLN A CB  1 
ATOM   532  C CG  . GLN A 1 74 ? 0.045   -8.688  -2.159  1.00 26.50 ? 103 GLN A CG  1 
ATOM   533  C CD  . GLN A 1 74 ? 1.567   -8.796  -2.162  1.00 29.49 ? 103 GLN A CD  1 
ATOM   534  O OE1 . GLN A 1 74 ? 2.270   -7.823  -2.400  1.00 29.09 ? 103 GLN A OE1 1 
ATOM   535  N NE2 . GLN A 1 74 ? 2.058   -9.971  -1.878  1.00 29.74 ? 103 GLN A NE2 1 
ATOM   536  N N   . ILE A 1 75 ? -2.681  -9.451  -4.600  1.00 26.90 ? 104 ILE A N   1 
ATOM   537  C CA  . ILE A 1 75 ? -3.230  -10.777 -4.837  1.00 27.72 ? 104 ILE A CA  1 
ATOM   538  C C   . ILE A 1 75 ? -2.218  -11.842 -4.394  1.00 29.27 ? 104 ILE A C   1 
ATOM   539  O O   . ILE A 1 75 ? -1.062  -11.859 -4.813  1.00 30.20 ? 104 ILE A O   1 
ATOM   540  C CB  . ILE A 1 75 ? -3.627  -10.931 -6.321  1.00 27.83 ? 104 ILE A CB  1 
ATOM   541  C CG1 . ILE A 1 75 ? -4.746  -9.964  -6.664  1.00 29.29 ? 104 ILE A CG1 1 
ATOM   542  C CG2 . ILE A 1 75 ? -4.040  -12.385 -6.604  1.00 27.85 ? 104 ILE A CG2 1 
ATOM   543  C CD1 . ILE A 1 75 ? -4.978  -9.827  -8.125  1.00 32.35 ? 104 ILE A CD1 1 
ATOM   544  N N   . ASP A 1 76 ? -2.675  -12.699 -3.506  1.00 30.57 ? 105 ASP A N   1 
ATOM   545  C CA  . ASP A 1 76 ? -1.926  -13.847 -3.015  1.00 33.30 ? 105 ASP A CA  1 
ATOM   546  C C   . ASP A 1 76 ? -2.200  -15.109 -3.854  1.00 33.38 ? 105 ASP A C   1 
ATOM   547  O O   . ASP A 1 76 ? -1.286  -15.876 -4.117  1.00 35.04 ? 105 ASP A O   1 
ATOM   548  C CB  . ASP A 1 76 ? -2.350  -14.095 -1.580  1.00 34.51 ? 105 ASP A CB  1 
ATOM   549  C CG  . ASP A 1 76 ? -1.289  -14.785 -0.771  1.00 40.39 ? 105 ASP A CG  1 
ATOM   550  O OD1 . ASP A 1 76 ? -0.357  -14.085 -0.289  1.00 48.22 ? 105 ASP A OD1 1 
ATOM   551  O OD2 . ASP A 1 76 ? -1.329  -16.020 -0.546  1.00 46.14 ? 105 ASP A OD2 1 
ATOM   552  N N   . LYS A 1 77 ? -3.468  -15.340 -4.193  1.00 32.96 ? 106 LYS A N   1 
ATOM   553  C CA  . LYS A 1 77 ? -3.882  -16.409 -5.161  1.00 33.36 ? 106 LYS A CA  1 
ATOM   554  C C   . LYS A 1 77 ? -4.836  -15.795 -6.158  1.00 33.25 ? 106 LYS A C   1 
ATOM   555  O O   . LYS A 1 77 ? -5.824  -15.181 -5.769  1.00 30.78 ? 106 LYS A O   1 
ATOM   556  C CB  . LYS A 1 77 ? -4.593  -17.571 -4.482  1.00 32.94 ? 106 LYS A CB  1 
ATOM   557  C CG  . LYS A 1 77 ? -3.798  -18.290 -3.412  1.00 35.91 ? 106 LYS A CG  1 
ATOM   558  C CD  . LYS A 1 77 ? -3.370  -19.664 -3.606  0.00 15.00 ? 106 LYS A CD  1 
ATOM   559  C CE  . LYS A 1 77 ? -1.875  -19.900 -3.722  0.00 15.00 ? 106 LYS A CE  1 
ATOM   560  N NZ  . LYS A 1 77 ? -1.558  -21.326 -4.011  0.00 15.00 ? 106 LYS A NZ  1 
ATOM   561  N N   . GLU A 1 78 ? -4.546  -15.949 -7.455  1.00 34.67 ? 107 GLU A N   1 
ATOM   562  C CA  . GLU A 1 78 ? -5.402  -15.379 -8.487  1.00 36.52 ? 107 GLU A CA  1 
ATOM   563  C C   . GLU A 1 78 ? -6.815  -15.973 -8.418  1.00 36.57 ? 107 GLU A C   1 
ATOM   564  O O   . GLU A 1 78 ? -7.040  -17.073 -7.891  1.00 35.63 ? 107 GLU A O   1 
ATOM   565  C CB  . GLU A 1 78 ? -4.831  -15.589 -9.912  1.00 37.57 ? 107 GLU A CB  1 
ATOM   566  C CG  . GLU A 1 78 ? -3.401  -15.091 -10.147 1.00 41.97 ? 107 GLU A CG  1 
ATOM   567  C CD  . GLU A 1 78 ? -3.271  -13.573 -10.313 1.00 46.90 ? 107 GLU A CD  1 
ATOM   568  O OE1 . GLU A 1 78 ? -4.296  -12.858 -10.549 1.00 48.90 ? 107 GLU A OE1 1 
ATOM   569  O OE2 . GLU A 1 78 ? -2.106  -13.090 -10.223 1.00 51.12 ? 107 GLU A OE2 1 
ATOM   570  N N   . GLU A 1 79 ? -7.754  -15.174 -8.900  1.00 38.10 ? 108 GLU A N   1 
ATOM   571  C CA  . GLU A 1 79 ? -9.085  -15.608 -9.282  1.00 39.48 ? 108 GLU A CA  1 
ATOM   572  C C   . GLU A 1 79 ? -9.002  -16.887 -10.107 1.00 40.21 ? 108 GLU A C   1 
ATOM   573  O O   . GLU A 1 79 ? -8.289  -16.925 -11.104 1.00 39.16 ? 108 GLU A O   1 
ATOM   574  C CB  . GLU A 1 79 ? -9.720  -14.525 -10.150 1.00 40.47 ? 108 GLU A CB  1 
ATOM   575  C CG  . GLU A 1 79 ? -10.994 -13.935 -9.628  1.00 42.01 ? 108 GLU A CG  1 
ATOM   576  C CD  . GLU A 1 79 ? -11.603 -12.979 -10.622 1.00 43.82 ? 108 GLU A CD  1 
ATOM   577  O OE1 . GLU A 1 79 ? -11.820 -13.390 -11.785 1.00 48.64 ? 108 GLU A OE1 1 
ATOM   578  O OE2 . GLU A 1 79 ? -11.857 -11.829 -10.253 1.00 43.15 ? 108 GLU A OE2 1 
ATOM   579  N N   . ARG A 1 80 ? -9.757  -17.903 -9.690  1.00 40.93 ? 109 ARG A N   1 
ATOM   580  C CA  . ARG A 1 80 ? -9.765  -19.229 -10.308 1.00 41.52 ? 109 ARG A CA  1 
ATOM   581  C C   . ARG A 1 80 ? -11.169 -19.874 -10.273 1.00 39.85 ? 109 ARG A C   1 
ATOM   582  O O   . ARG A 1 80 ? -11.719 -20.147 -9.205  1.00 38.81 ? 109 ARG A O   1 
ATOM   583  C CB  . ARG A 1 80 ? -8.793  -20.137 -9.574  1.00 42.44 ? 109 ARG A CB  1 
ATOM   584  C CG  . ARG A 1 80 ? -8.631  -21.517 -10.218 1.00 47.32 ? 109 ARG A CG  1 
ATOM   585  C CD  . ARG A 1 80 ? -7.223  -22.092 -10.148 1.00 52.40 ? 109 ARG A CD  1 
ATOM   586  N NE  . ARG A 1 80 ? -6.197  -21.055 -10.286 1.00 56.89 ? 109 ARG A NE  1 
ATOM   587  C CZ  . ARG A 1 80 ? -4.913  -21.192 -9.928  1.00 61.18 ? 109 ARG A CZ  1 
ATOM   588  N NH1 . ARG A 1 80 ? -4.452  -22.347 -9.438  1.00 62.69 ? 109 ARG A NH1 1 
ATOM   589  N NH2 . ARG A 1 80 ? -4.074  -20.169 -10.091 1.00 62.00 ? 109 ARG A NH2 1 
ATOM   590  N N   . GLY A 1 81 ? -11.733 -20.140 -11.448 1.00 38.33 ? 110 GLY A N   1 
ATOM   591  C CA  . GLY A 1 81 ? -13.060 -20.716 -11.526 1.00 35.99 ? 110 GLY A CA  1 
ATOM   592  C C   . GLY A 1 81 ? -14.096 -19.731 -11.045 1.00 34.33 ? 110 GLY A C   1 
ATOM   593  O O   . GLY A 1 81 ? -14.205 -18.627 -11.585 1.00 34.16 ? 110 GLY A O   1 
ATOM   594  N N   . ASN A 1 82 ? -14.845 -20.116 -10.014 1.00 31.52 ? 111 ASN A N   1 
ATOM   595  C CA  . ASN A 1 82 ? -15.886 -19.276 -9.452  1.00 31.06 ? 111 ASN A CA  1 
ATOM   596  C C   . ASN A 1 82 ? -15.382 -18.482 -8.236  1.00 30.61 ? 111 ASN A C   1 
ATOM   597  O O   . ASN A 1 82 ? -16.084 -17.631 -7.728  1.00 29.21 ? 111 ASN A O   1 
ATOM   598  C CB  . ASN A 1 82 ? -17.090 -20.127 -9.082  1.00 31.28 ? 111 ASN A CB  1 
ATOM   599  C CG  . ASN A 1 82 ? -17.739 -20.734 -10.318 1.00 32.83 ? 111 ASN A CG  1 
ATOM   600  O OD1 . ASN A 1 82 ? -18.061 -20.006 -11.256 1.00 31.93 ? 111 ASN A OD1 1 
ATOM   601  N ND2 . ASN A 1 82 ? -17.872 -22.048 -10.350 1.00 30.77 ? 111 ASN A ND2 1 
ATOM   602  N N   . LYS A 1 83 ? -14.157 -18.774 -7.827  1.00 30.20 ? 112 LYS A N   1 
ATOM   603  C CA  . LYS A 1 83 ? -13.577 -18.173 -6.629  1.00 32.08 ? 112 LYS A CA  1 
ATOM   604  C C   . LYS A 1 83 ? -12.965 -16.819 -6.897  1.00 31.58 ? 112 LYS A C   1 
ATOM   605  O O   . LYS A 1 83 ? -12.373 -16.578 -7.958  1.00 30.58 ? 112 LYS A O   1 
ATOM   606  C CB  . LYS A 1 83 ? -12.490 -19.079 -6.083  1.00 32.50 ? 112 LYS A CB  1 
ATOM   607  C CG  . LYS A 1 83 ? -13.001 -20.358 -5.466  1.00 36.46 ? 112 LYS A CG  1 
ATOM   608  C CD  . LYS A 1 83 ? -11.888 -21.053 -4.688  1.00 41.30 ? 112 LYS A CD  1 
ATOM   609  C CE  . LYS A 1 83 ? -11.721 -20.497 -3.237  1.00 44.70 ? 112 LYS A CE  1 
ATOM   610  N NZ  . LYS A 1 83 ? -12.954 -19.899 -2.650  1.00 46.65 ? 112 LYS A NZ  1 
ATOM   611  N N   . GLY A 1 84 ? -13.078 -15.927 -5.915  1.00 31.67 ? 113 GLY A N   1 
ATOM   612  C CA  . GLY A 1 84 ? -12.428 -14.641 -6.003  1.00 31.17 ? 113 GLY A CA  1 
ATOM   613  C C   . GLY A 1 84 ? -10.961 -14.816 -5.682  1.00 29.94 ? 113 GLY A C   1 
ATOM   614  O O   . GLY A 1 84 ? -10.509 -15.864 -5.220  1.00 30.36 ? 113 GLY A O   1 
ATOM   615  N N   . ALA A 1 85 ? -10.213 -13.756 -5.900  1.00 29.38 ? 114 ALA A N   1 
ATOM   616  C CA  . ALA A 1 85 ? -8.808  -13.731 -5.531  1.00 28.85 ? 114 ALA A CA  1 
ATOM   617  C C   . ALA A 1 85 ? -8.685  -13.745 -4.021  1.00 28.60 ? 114 ALA A C   1 
ATOM   618  O O   . ALA A 1 85 ? -9.504  -13.156 -3.322  1.00 28.51 ? 114 ALA A O   1 
ATOM   619  C CB  . ALA A 1 85 ? -8.142  -12.491 -6.084  1.00 29.83 ? 114 ALA A CB  1 
ATOM   620  N N   . ALA A 1 86 ? -7.680  -14.444 -3.523  1.00 27.82 ? 115 ALA A N   1 
ATOM   621  C CA  . ALA A 1 86 ? -7.310  -14.341 -2.131  1.00 27.46 ? 115 ALA A CA  1 
ATOM   622  C C   . ALA A 1 86 ? -6.360  -13.169 -2.015  1.00 26.12 ? 115 ALA A C   1 
ATOM   623  O O   . ALA A 1 86 ? -5.387  -13.073 -2.749  1.00 26.33 ? 115 ALA A O   1 
ATOM   624  C CB  . ALA A 1 86 ? -6.638  -15.578 -1.675  1.00 28.07 ? 115 ALA A CB  1 
ATOM   625  N N   . LEU A 1 87 ? -6.639  -12.307 -1.049  1.00 24.38 ? 116 LEU A N   1 
ATOM   626  C CA  . LEU A 1 87 ? -5.910  -11.056 -0.916  1.00 23.78 ? 116 LEU A CA  1 
ATOM   627  C C   . LEU A 1 87 ? -5.124  -11.042 0.382   1.00 22.57 ? 116 LEU A C   1 
ATOM   628  O O   . LEU A 1 87 ? -5.450  -11.751 1.338   1.00 22.56 ? 116 LEU A O   1 
ATOM   629  C CB  . LEU A 1 87 ? -6.903  -9.917  -0.883  1.00 23.30 ? 116 LEU A CB  1 
ATOM   630  C CG  . LEU A 1 87 ? -7.737  -9.674  -2.134  1.00 23.01 ? 116 LEU A CG  1 
ATOM   631  C CD1 . LEU A 1 87 ? -8.713  -8.569  -1.878  1.00 21.35 ? 116 LEU A CD1 1 
ATOM   632  C CD2 . LEU A 1 87 ? -6.855  -9.397  -3.308  1.00 23.89 ? 116 LEU A CD2 1 
ATOM   633  N N   . THR A 1 88 ? -4.093  -10.202 0.410   1.00 23.66 ? 117 THR A N   1 
ATOM   634  C CA  . THR A 1 88 ? -3.375  -9.915  1.633   1.00 22.59 ? 117 THR A CA  1 
ATOM   635  C C   . THR A 1 88 ? -3.019  -8.422  1.674   1.00 22.05 ? 117 THR A C   1 
ATOM   636  O O   . THR A 1 88 ? -2.797  -7.804  0.649   1.00 20.85 ? 117 THR A O   1 
ATOM   637  C CB  . THR A 1 88 ? -2.095  -10.788 1.780   1.00 23.06 ? 117 THR A CB  1 
ATOM   638  O OG1 . THR A 1 88 ? -1.442  -10.482 3.028   1.00 23.93 ? 117 THR A OG1 1 
ATOM   639  C CG2 . THR A 1 88 ? -1.028  -10.514 0.725   1.00 24.72 ? 117 THR A CG2 1 
ATOM   640  N N   . THR A 1 89 ? -2.925  -7.872  2.878   1.00 21.26 ? 118 THR A N   1 
ATOM   641  C CA  . THR A 1 89 ? -2.376  -6.533  3.058   1.00 21.08 ? 118 THR A CA  1 
ATOM   642  C C   . THR A 1 89 ? -0.871  -6.503  3.255   1.00 22.53 ? 118 THR A C   1 
ATOM   643  O O   . THR A 1 89 ? -0.314  -5.402  3.364   1.00 23.22 ? 118 THR A O   1 
ATOM   644  C CB  . THR A 1 89 ? -3.024  -5.802  4.251   1.00 20.21 ? 118 THR A CB  1 
ATOM   645  O OG1 . THR A 1 89 ? -2.724  -6.492  5.455   1.00 19.97 ? 118 THR A OG1 1 
ATOM   646  C CG2 . THR A 1 89 ? -4.546  -5.739  4.128   1.00 21.33 ? 118 THR A CG2 1 
ATOM   647  N N   . PHE A 1 90 ? -0.231  -7.663  3.411   1.00 23.25 ? 119 PHE A N   1 
ATOM   648  C CA  . PHE A 1 90 ? 1.233   -7.705  3.549   1.00 23.96 ? 119 PHE A CA  1 
ATOM   649  C C   . PHE A 1 90 ? 1.848   -7.574  2.171   1.00 25.35 ? 119 PHE A C   1 
ATOM   650  O O   . PHE A 1 90 ? 1.835   -8.530  1.376   1.00 26.80 ? 119 PHE A O   1 
ATOM   651  C CB  . PHE A 1 90 ? 1.661   -8.975  4.248   1.00 24.74 ? 119 PHE A CB  1 
ATOM   652  C CG  . PHE A 1 90 ? 1.152   -9.053  5.658   1.00 23.95 ? 119 PHE A CG  1 
ATOM   653  C CD1 . PHE A 1 90 ? 1.699   -8.254  6.639   1.00 26.10 ? 119 PHE A CD1 1 
ATOM   654  C CD2 . PHE A 1 90 ? 0.128   -9.887  5.994   1.00 26.31 ? 119 PHE A CD2 1 
ATOM   655  C CE1 . PHE A 1 90 ? 1.233   -8.317  7.957   1.00 28.63 ? 119 PHE A CE1 1 
ATOM   656  C CE2 . PHE A 1 90 ? -0.353  -9.938  7.312   1.00 26.82 ? 119 PHE A CE2 1 
ATOM   657  C CZ  . PHE A 1 90 ? 0.193   -9.139  8.277   1.00 28.53 ? 119 PHE A CZ  1 
ATOM   658  N N   . ILE A 1 91 ? 2.327   -6.374  1.843   1.00 24.97 ? 120 ILE A N   1 
ATOM   659  C CA  . ILE A 1 91 ? 2.810   -6.083  0.484   1.00 25.19 ? 120 ILE A CA  1 
ATOM   660  C C   . ILE A 1 91 ? 4.298   -6.412  0.393   1.00 26.15 ? 120 ILE A C   1 
ATOM   661  O O   . ILE A 1 91 ? 5.115   -5.953  1.199   1.00 24.95 ? 120 ILE A O   1 
ATOM   662  C CB  . ILE A 1 91 ? 2.597   -4.596  0.113   1.00 25.31 ? 120 ILE A CB  1 
ATOM   663  C CG1 . ILE A 1 91 ? 1.139   -4.168  0.332   1.00 24.20 ? 120 ILE A CG1 1 
ATOM   664  C CG2 . ILE A 1 91 ? 3.055   -4.309  -1.343  1.00 26.34 ? 120 ILE A CG2 1 
ATOM   665  C CD1 . ILE A 1 91 ? 0.109   -4.979  -0.387  1.00 26.01 ? 120 ILE A CD1 1 
ATOM   666  N N   . SER A 1 92 ? 4.631   -7.204  -0.614  1.00 26.66 ? 121 SER A N   1 
ATOM   667  C CA  . SER A 1 92 ? 6.009   -7.494  -0.981  1.00 28.69 ? 121 SER A CA  1 
ATOM   668  C C   . SER A 1 92 ? 6.755   -6.263  -1.508  1.00 28.48 ? 121 SER A C   1 
ATOM   669  O O   . SER A 1 92 ? 6.334   -5.668  -2.500  1.00 28.55 ? 121 SER A O   1 
ATOM   670  C CB  . SER A 1 92 ? 5.992   -8.569  -2.066  1.00 29.02 ? 121 SER A CB  1 
ATOM   671  O OG  . SER A 1 92 ? 5.285   -9.681  -1.579  1.00 33.49 ? 121 SER A OG  1 
ATOM   672  N N   . LEU A 1 93 ? 7.844   -5.898  -0.830  1.00 28.62 ? 122 LEU A N   1 
ATOM   673  C CA  . LEU A 1 93 ? 8.678   -4.724  -1.177  1.00 29.53 ? 122 LEU A CA  1 
ATOM   674  C C   . LEU A 1 93 ? 10.160  -5.035  -1.049  1.00 30.25 ? 122 LEU A C   1 
ATOM   675  O O   . LEU A 1 93 ? 10.665  -5.318  0.035   1.00 31.50 ? 122 LEU A O   1 
ATOM   676  C CB  . LEU A 1 93 ? 8.385   -3.514  -0.268  1.00 29.98 ? 122 LEU A CB  1 
ATOM   677  C CG  . LEU A 1 93 ? 7.005   -2.876  -0.375  1.00 28.82 ? 122 LEU A CG  1 
ATOM   678  C CD1 . LEU A 1 93 ? 6.850   -1.749  0.633   1.00 27.94 ? 122 LEU A CD1 1 
ATOM   679  C CD2 . LEU A 1 93 ? 6.752   -2.359  -1.781  1.00 26.54 ? 122 LEU A CD2 1 
ATOM   680  N N   . ALA A 1 94 ? 10.862  -4.926  -2.165  1.00 31.23 ? 123 ALA A N   1 
ATOM   681  C CA  . ALA A 1 94 ? 12.309  -5.093  -2.188  1.00 31.35 ? 123 ALA A CA  1 
ATOM   682  C C   . ALA A 1 94 ? 12.941  -4.134  -1.198  1.00 31.65 ? 123 ALA A C   1 
ATOM   683  O O   . ALA A 1 94 ? 12.575  -2.936  -1.159  1.00 30.96 ? 123 ALA A O   1 
ATOM   684  C CB  . ALA A 1 94 ? 12.833  -4.817  -3.581  1.00 31.99 ? 123 ALA A CB  1 
ATOM   685  N N   . GLY A 1 95 ? 13.859  -4.654  -0.389  1.00 31.28 ? 124 GLY A N   1 
ATOM   686  C CA  . GLY A 1 95 ? 14.611  -3.844  0.564   1.00 32.00 ? 124 GLY A CA  1 
ATOM   687  C C   . GLY A 1 95 ? 13.876  -3.480  1.854   1.00 32.67 ? 124 GLY A C   1 
ATOM   688  O O   . GLY A 1 95 ? 14.422  -2.738  2.662   1.00 34.39 ? 124 GLY A O   1 
ATOM   689  N N   . SER A 1 96 ? 12.678  -4.022  2.073   1.00 32.70 ? 125 SER A N   1 
ATOM   690  C CA  . SER A 1 96 ? 11.859  -3.696  3.261   1.00 33.22 ? 125 SER A CA  1 
ATOM   691  C C   . SER A 1 96 ? 12.094  -4.665  4.419   1.00 34.13 ? 125 SER A C   1 
ATOM   692  O O   . SER A 1 96 ? 12.726  -5.706  4.182   1.00 35.47 ? 125 SER A O   1 
ATOM   693  C CB  . SER A 1 96 ? 10.383  -3.703  2.911   1.00 32.70 ? 125 SER A CB  1 
ATOM   694  O OG  . SER A 1 96 ? 9.900   -5.013  2.624   1.00 32.81 ? 125 SER A OG  1 
ATOM   695  O OXT . SER A 1 96 ? 11.638  -4.419  5.569   1.00 34.82 ? 125 SER A OXT 1 
ATOM   696  N N   . ALA B 1 10 ? -7.318  3.256   -8.714  1.00 41.35 ? 39  ALA B N   1 
ATOM   697  C CA  . ALA B 1 10 ? -6.373  3.321   -9.859  1.00 40.84 ? 39  ALA B CA  1 
ATOM   698  C C   . ALA B 1 10 ? -5.023  3.933   -9.418  1.00 39.52 ? 39  ALA B C   1 
ATOM   699  O O   . ALA B 1 10 ? -3.970  3.570   -9.937  1.00 41.56 ? 39  ALA B O   1 
ATOM   700  C CB  . ALA B 1 10 ? -6.999  4.139   -10.982 1.00 41.46 ? 39  ALA B CB  1 
ATOM   701  N N   . ASN B 1 11 ? -5.059  4.817   -8.431  1.00 37.05 ? 40  ASN B N   1 
ATOM   702  C CA  . ASN B 1 11 ? -3.875  5.619   -8.082  1.00 35.23 ? 40  ASN B CA  1 
ATOM   703  C C   . ASN B 1 11 ? -3.002  5.007   -6.988  1.00 33.72 ? 40  ASN B C   1 
ATOM   704  O O   . ASN B 1 11 ? -2.940  5.529   -5.872  1.00 33.51 ? 40  ASN B O   1 
ATOM   705  C CB  . ASN B 1 11 ? -4.290  7.026   -7.657  1.00 34.66 ? 40  ASN B CB  1 
ATOM   706  C CG  . ASN B 1 11 ? -3.095  8.006   -7.621  1.00 32.24 ? 40  ASN B CG  1 
ATOM   707  O OD1 . ASN B 1 11 ? -1.964  7.664   -7.956  1.00 29.77 ? 40  ASN B OD1 1 
ATOM   708  N ND2 . ASN B 1 11 ? -3.374  9.221   -7.252  1.00 36.05 ? 40  ASN B ND2 1 
ATOM   709  N N   . ILE B 1 12 ? -2.349  3.904   -7.317  1.00 32.16 ? 41  ILE B N   1 
ATOM   710  C CA  . ILE B 1 12 ? -1.389  3.294   -6.407  1.00 30.94 ? 41  ILE B CA  1 
ATOM   711  C C   . ILE B 1 12 ? -0.417  2.418   -7.152  1.00 30.06 ? 41  ILE B C   1 
ATOM   712  O O   . ILE B 1 12 ? -0.792  1.666   -8.082  1.00 28.54 ? 41  ILE B O   1 
ATOM   713  C CB  . ILE B 1 12 ? -2.103  2.526   -5.269  1.00 31.48 ? 41  ILE B CB  1 
ATOM   714  C CG1 . ILE B 1 12 ? -1.070  2.141   -4.191  1.00 32.14 ? 41  ILE B CG1 1 
ATOM   715  C CG2 . ILE B 1 12 ? -2.850  1.296   -5.786  1.00 32.35 ? 41  ILE B CG2 1 
ATOM   716  C CD1 . ILE B 1 12 ? -1.683  1.654   -2.949  1.00 34.66 ? 41  ILE B CD1 1 
ATOM   717  N N   . TYR B 1 13 ? 0.845   2.531   -6.779  1.00 28.04 ? 42  TYR B N   1 
ATOM   718  C CA  . TYR B 1 13 ? 1.920   1.878   -7.493  1.00 29.44 ? 42  TYR B CA  1 
ATOM   719  C C   . TYR B 1 13 ? 2.987   1.359   -6.556  1.00 29.46 ? 42  TYR B C   1 
ATOM   720  O O   . TYR B 1 13 ? 3.207   1.884   -5.456  1.00 28.86 ? 42  TYR B O   1 
ATOM   721  C CB  . TYR B 1 13 ? 2.563   2.836   -8.526  1.00 29.50 ? 42  TYR B CB  1 
ATOM   722  C CG  . TYR B 1 13 ? 1.561   3.539   -9.401  1.00 30.12 ? 42  TYR B CG  1 
ATOM   723  C CD1 . TYR B 1 13 ? 0.922   4.683   -8.976  1.00 31.56 ? 42  TYR B CD1 1 
ATOM   724  C CD2 . TYR B 1 13 ? 1.233   3.036   -10.662 1.00 31.74 ? 42  TYR B CD2 1 
ATOM   725  C CE1 . TYR B 1 13 ? -0.007  5.327   -9.774  1.00 33.54 ? 42  TYR B CE1 1 
ATOM   726  C CE2 . TYR B 1 13 ? 0.307   3.668   -11.464 1.00 33.13 ? 42  TYR B CE2 1 
ATOM   727  C CZ  . TYR B 1 13 ? -0.311  4.805   -11.034 1.00 35.19 ? 42  TYR B CZ  1 
ATOM   728  O OH  . TYR B 1 13 ? -1.243  5.436   -11.827 1.00 36.09 ? 42  TYR B OH  1 
ATOM   729  N N   . LYS B 1 14 ? 3.670   0.326   -7.008  1.00 29.96 ? 43  LYS B N   1 
ATOM   730  C CA  . LYS B 1 14 ? 4.895   -0.125  -6.402  1.00 31.10 ? 43  LYS B CA  1 
ATOM   731  C C   . LYS B 1 14 ? 6.019   0.498   -7.222  1.00 31.90 ? 43  LYS B C   1 
ATOM   732  O O   . LYS B 1 14 ? 6.143   0.238   -8.417  1.00 33.40 ? 43  LYS B O   1 
ATOM   733  C CB  . LYS B 1 14 ? 4.934   -1.645  -6.414  1.00 31.49 ? 43  LYS B CB  1 
ATOM   734  C CG  . LYS B 1 14 ? 5.847   -2.221  -5.415  1.00 34.91 ? 43  LYS B CG  1 
ATOM   735  C CD  . LYS B 1 14 ? 5.944   -3.746  -5.584  1.00 37.06 ? 43  LYS B CD  1 
ATOM   736  C CE  . LYS B 1 14 ? 4.732   -4.471  -5.077  1.00 36.84 ? 43  LYS B CE  1 
ATOM   737  N NZ  . LYS B 1 14 ? 5.165   -5.887  -4.811  1.00 35.46 ? 43  LYS B NZ  1 
ATOM   738  N N   . GLY B 1 15 ? 6.810   1.365   -6.609  1.00 31.23 ? 44  GLY B N   1 
ATOM   739  C CA  . GLY B 1 15 ? 7.864   2.063   -7.323  1.00 31.99 ? 44  GLY B CA  1 
ATOM   740  C C   . GLY B 1 15 ? 9.240   1.618   -6.879  1.00 31.91 ? 44  GLY B C   1 
ATOM   741  O O   . GLY B 1 15 ? 9.416   1.254   -5.727  1.00 31.18 ? 44  GLY B O   1 
ATOM   742  N N   . LYS B 1 16 ? 10.205  1.611   -7.800  1.00 31.55 ? 45  LYS B N   1 
ATOM   743  C CA  . LYS B 1 16 ? 11.594  1.318   -7.479  1.00 31.24 ? 45  LYS B CA  1 
ATOM   744  C C   . LYS B 1 16 ? 12.449  2.586   -7.530  1.00 30.00 ? 45  LYS B C   1 
ATOM   745  O O   . LYS B 1 16 ? 12.372  3.355   -8.471  1.00 28.62 ? 45  LYS B O   1 
ATOM   746  C CB  . LYS B 1 16 ? 12.161  0.300   -8.471  1.00 33.18 ? 45  LYS B CB  1 
ATOM   747  C CG  . LYS B 1 16 ? 13.504  -0.268  -8.058  1.00 36.62 ? 45  LYS B CG  1 
ATOM   748  C CD  . LYS B 1 16 ? 13.828  -1.611  -8.802  1.00 42.40 ? 45  LYS B CD  1 
ATOM   749  C CE  . LYS B 1 16 ? 12.794  -2.735  -8.497  1.00 46.24 ? 45  LYS B CE  1 
ATOM   750  N NZ  . LYS B 1 16 ? 13.410  -4.030  -8.037  1.00 48.47 ? 45  LYS B NZ  1 
ATOM   751  N N   . ILE B 1 17 ? 13.283  2.778   -6.524  1.00 29.43 ? 46  ILE B N   1 
ATOM   752  C CA  . ILE B 1 17 ? 14.091  3.974   -6.439  1.00 29.92 ? 46  ILE B CA  1 
ATOM   753  C C   . ILE B 1 17 ? 15.198  3.789   -7.463  1.00 32.08 ? 46  ILE B C   1 
ATOM   754  O O   . ILE B 1 17 ? 15.914  2.803   -7.405  1.00 32.04 ? 46  ILE B O   1 
ATOM   755  C CB  . ILE B 1 17 ? 14.691  4.149   -5.055  1.00 28.93 ? 46  ILE B CB  1 
ATOM   756  C CG1 . ILE B 1 17 ? 13.609  4.229   -3.954  1.00 28.50 ? 46  ILE B CG1 1 
ATOM   757  C CG2 . ILE B 1 17 ? 15.582  5.382   -5.018  1.00 29.75 ? 46  ILE B CG2 1 
ATOM   758  C CD1 . ILE B 1 17 ? 12.653  5.357   -4.112  1.00 28.21 ? 46  ILE B CD1 1 
ATOM   759  N N   . THR B 1 18 ? 15.319  4.723   -8.394  1.00 33.60 ? 47  THR B N   1 
ATOM   760  C CA  . THR B 1 18 ? 16.367  4.623   -9.418  1.00 35.27 ? 47  THR B CA  1 
ATOM   761  C C   . THR B 1 18 ? 17.580  5.501   -9.138  1.00 35.96 ? 47  THR B C   1 
ATOM   762  O O   . THR B 1 18 ? 18.727  5.123   -9.419  1.00 36.75 ? 47  THR B O   1 
ATOM   763  C CB  . THR B 1 18 ? 15.776  4.972   -10.752 1.00 35.09 ? 47  THR B CB  1 
ATOM   764  O OG1 . THR B 1 18 ? 15.196  6.291   -10.703 1.00 38.67 ? 47  THR B OG1 1 
ATOM   765  C CG2 . THR B 1 18 ? 14.613  4.042   -11.051 1.00 35.71 ? 47  THR B CG2 1 
ATOM   766  N N   . ARG B 1 19 ? 17.326  6.682   -8.610  1.00 35.80 ? 48  ARG B N   1 
ATOM   767  C CA  . ARG B 1 19 ? 18.358  7.673   -8.418  1.00 36.52 ? 48  ARG B CA  1 
ATOM   768  C C   . ARG B 1 19 ? 17.976  8.536   -7.238  1.00 35.79 ? 48  ARG B C   1 
ATOM   769  O O   . ARG B 1 19 ? 16.813  8.917   -7.097  1.00 34.53 ? 48  ARG B O   1 
ATOM   770  C CB  . ARG B 1 19 ? 18.501  8.576   -9.657  1.00 37.39 ? 48  ARG B CB  1 
ATOM   771  C CG  . ARG B 1 19 ? 19.573  9.686   -9.473  1.00 41.67 ? 48  ARG B CG  1 
ATOM   772  C CD  . ARG B 1 19 ? 20.081  10.365  -10.751 1.00 44.64 ? 48  ARG B CD  1 
ATOM   773  N NE  . ARG B 1 19 ? 19.274  11.531  -11.116 1.00 48.41 ? 48  ARG B NE  1 
ATOM   774  C CZ  . ARG B 1 19 ? 19.407  12.551  -10.977 0.00 63.95 ? 48  ARG B CZ  1 
ATOM   775  N NH1 . ARG B 1 19 ? 20.325  12.983  -10.110 0.00 64.04 ? 48  ARG B NH1 1 
ATOM   776  N NH2 . ARG B 1 19 ? 18.566  13.437  -11.537 0.00 66.68 ? 48  ARG B NH2 1 
ATOM   777  N N   . ILE B 1 20 ? 18.971  8.835   -6.415  1.00 35.27 ? 49  ILE B N   1 
ATOM   778  C CA  . ILE B 1 20 ? 18.804  9.718   -5.272  1.00 35.26 ? 49  ILE B CA  1 
ATOM   779  C C   . ILE B 1 20 ? 19.560  11.010  -5.581  1.00 34.70 ? 49  ILE B C   1 
ATOM   780  O O   . ILE B 1 20 ? 20.703  10.971  -6.044  1.00 35.14 ? 49  ILE B O   1 
ATOM   781  C CB  . ILE B 1 20 ? 19.294  9.000   -4.026  1.00 34.82 ? 49  ILE B CB  1 
ATOM   782  C CG1 . ILE B 1 20 ? 18.364  7.787   -3.803  1.00 36.28 ? 49  ILE B CG1 1 
ATOM   783  C CG2 . ILE B 1 20 ? 19.315  9.953   -2.813  1.00 35.54 ? 49  ILE B CG2 1 
ATOM   784  C CD1 . ILE B 1 20 ? 18.758  6.897   -2.720  1.00 37.98 ? 49  ILE B CD1 1 
ATOM   785  N N   . GLU B 1 21 ? 18.901  12.142  -5.371  1.00 33.56 ? 50  GLU B N   1 
ATOM   786  C CA  . GLU B 1 21 ? 19.481  13.437  -5.663  1.00 33.68 ? 50  GLU B CA  1 
ATOM   787  C C   . GLU B 1 21 ? 19.512  14.296  -4.399  1.00 32.84 ? 50  GLU B C   1 
ATOM   788  O O   . GLU B 1 21 ? 18.515  14.941  -4.065  1.00 31.21 ? 50  GLU B O   1 
ATOM   789  C CB  . GLU B 1 21 ? 18.697  14.124  -6.771  1.00 34.27 ? 50  GLU B CB  1 
ATOM   790  C CG  . GLU B 1 21 ? 19.324  15.428  -7.238  1.00 37.87 ? 50  GLU B CG  1 
ATOM   791  C CD  . GLU B 1 21 ? 20.822  15.280  -7.464  1.00 43.51 ? 50  GLU B CD  1 
ATOM   792  O OE1 . GLU B 1 21 ? 21.164  14.476  -8.377  1.00 42.23 ? 50  GLU B OE1 1 
ATOM   793  O OE2 . GLU B 1 21 ? 21.619  15.917  -6.686  1.00 43.90 ? 50  GLU B OE2 1 
ATOM   794  N N   . PRO B 1 22 ? 20.637  14.283  -3.687  1.00 32.65 ? 51  PRO B N   1 
ATOM   795  C CA  . PRO B 1 22 ? 20.782  15.078  -2.458  1.00 33.01 ? 51  PRO B CA  1 
ATOM   796  C C   . PRO B 1 22 ? 20.547  16.577  -2.645  1.00 32.83 ? 51  PRO B C   1 
ATOM   797  O O   . PRO B 1 22 ? 20.023  17.191  -1.720  1.00 33.05 ? 51  PRO B O   1 
ATOM   798  C CB  . PRO B 1 22 ? 22.233  14.792  -2.017  1.00 33.51 ? 51  PRO B CB  1 
ATOM   799  C CG  . PRO B 1 22 ? 22.558  13.482  -2.623  1.00 34.02 ? 51  PRO B CG  1 
ATOM   800  C CD  . PRO B 1 22 ? 21.842  13.466  -3.948  1.00 33.40 ? 51  PRO B CD  1 
ATOM   801  N N   . SER B 1 23 ? 20.892  17.155  -3.796  1.00 31.81 ? 52  SER B N   1 
ATOM   802  C CA  . SER B 1 23 ? 20.702  18.601  -3.999  1.00 31.95 ? 52  SER B CA  1 
ATOM   803  C C   . SER B 1 23 ? 19.224  19.003  -4.048  1.00 31.38 ? 52  SER B C   1 
ATOM   804  O O   . SER B 1 23 ? 18.892  20.173  -3.845  1.00 31.50 ? 52  SER B O   1 
ATOM   805  C CB  . SER B 1 23 ? 21.426  19.086  -5.262  1.00 32.37 ? 52  SER B CB  1 
ATOM   806  O OG  . SER B 1 23 ? 20.711  18.748  -6.445  1.00 33.47 ? 52  SER B OG  1 
ATOM   807  N N   . LEU B 1 24 ? 18.348  18.038  -4.329  1.00 29.70 ? 53  LEU B N   1 
ATOM   808  C CA  . LEU B 1 24 ? 16.909  18.255  -4.329  1.00 29.54 ? 53  LEU B CA  1 
ATOM   809  C C   . LEU B 1 24 ? 16.187  17.612  -3.131  1.00 28.72 ? 53  LEU B C   1 
ATOM   810  O O   . LEU B 1 24 ? 14.975  17.771  -3.003  1.00 28.38 ? 53  LEU B O   1 
ATOM   811  C CB  . LEU B 1 24 ? 16.293  17.710  -5.618  1.00 29.23 ? 53  LEU B CB  1 
ATOM   812  C CG  . LEU B 1 24 ? 16.858  18.200  -6.951  1.00 30.17 ? 53  LEU B CG  1 
ATOM   813  C CD1 . LEU B 1 24 ? 16.188  17.448  -8.092  1.00 31.08 ? 53  LEU B CD1 1 
ATOM   814  C CD2 . LEU B 1 24 ? 16.636  19.698  -7.109  1.00 33.87 ? 53  LEU B CD2 1 
ATOM   815  N N   . GLU B 1 25 ? 16.939  16.915  -2.286  1.00 28.30 ? 54  GLU B N   1 
ATOM   816  C CA  . GLU B 1 25 ? 16.428  16.107  -1.175  1.00 28.86 ? 54  GLU B CA  1 
ATOM   817  C C   . GLU B 1 25 ? 15.227  15.293  -1.663  1.00 27.61 ? 54  GLU B C   1 
ATOM   818  O O   . GLU B 1 25 ? 14.117  15.379  -1.140  1.00 26.14 ? 54  GLU B O   1 
ATOM   819  C CB  . GLU B 1 25 ? 16.095  17.009  0.017   1.00 30.18 ? 54  GLU B CB  1 
ATOM   820  C CG  . GLU B 1 25 ? 17.354  17.436  0.777   1.00 34.21 ? 54  GLU B CG  1 
ATOM   821  C CD  . GLU B 1 25 ? 18.159  16.238  1.292   1.00 39.68 ? 54  GLU B CD  1 
ATOM   822  O OE1 . GLU B 1 25 ? 17.552  15.388  1.972   1.00 40.01 ? 54  GLU B OE1 1 
ATOM   823  O OE2 . GLU B 1 25 ? 19.393  16.125  0.994   1.00 45.86 ? 54  GLU B OE2 1 
ATOM   824  N N   . ALA B 1 26 ? 15.476  14.539  -2.727  1.00 26.64 ? 55  ALA B N   1 
ATOM   825  C CA  . ALA B 1 26 ? 14.444  13.774  -3.389  1.00 25.79 ? 55  ALA B CA  1 
ATOM   826  C C   . ALA B 1 26 ? 15.038  12.578  -4.094  1.00 26.78 ? 55  ALA B C   1 
ATOM   827  O O   . ALA B 1 26 ? 16.267  12.502  -4.322  1.00 26.99 ? 55  ALA B O   1 
ATOM   828  C CB  . ALA B 1 26 ? 13.726  14.609  -4.378  1.00 26.41 ? 55  ALA B CB  1 
ATOM   829  N N   . ALA B 1 27 ? 14.155  11.643  -4.433  1.00 26.78 ? 56  ALA B N   1 
ATOM   830  C CA  . ALA B 1 27 ? 14.536  10.456  -5.201  1.00 27.22 ? 56  ALA B CA  1 
ATOM   831  C C   . ALA B 1 27 ? 13.672  10.350  -6.437  1.00 27.24 ? 56  ALA B C   1 
ATOM   832  O O   . ALA B 1 27 ? 12.526  10.824  -6.464  1.00 26.83 ? 56  ALA B O   1 
ATOM   833  C CB  . ALA B 1 27 ? 14.417  9.215   -4.350  1.00 27.41 ? 56  ALA B CB  1 
ATOM   834  N N   . PHE B 1 28 ? 14.245  9.766   -7.492  1.00 27.64 ? 57  PHE B N   1 
ATOM   835  C CA  . PHE B 1 28 ? 13.473  9.414   -8.675  1.00 28.12 ? 57  PHE B CA  1 
ATOM   836  C C   . PHE B 1 28 ? 13.028  7.971   -8.575  1.00 26.72 ? 57  PHE B C   1 
ATOM   837  O O   . PHE B 1 28 ? 13.746  7.136   -8.077  1.00 27.62 ? 57  PHE B O   1 
ATOM   838  C CB  . PHE B 1 28 ? 14.272  9.681   -9.958  1.00 29.31 ? 57  PHE B CB  1 
ATOM   839  C CG  . PHE B 1 28 ? 14.533  11.142  -10.189 1.00 33.96 ? 57  PHE B CG  1 
ATOM   840  C CD1 . PHE B 1 28 ? 13.552  11.957  -10.747 1.00 37.55 ? 57  PHE B CD1 1 
ATOM   841  C CD2 . PHE B 1 28 ? 15.736  11.713  -9.783  1.00 38.64 ? 57  PHE B CD2 1 
ATOM   842  C CE1 . PHE B 1 28 ? 13.785  13.330  -10.944 1.00 41.09 ? 57  PHE B CE1 1 
ATOM   843  C CE2 . PHE B 1 28 ? 15.973  13.082  -9.965  1.00 41.46 ? 57  PHE B CE2 1 
ATOM   844  C CZ  . PHE B 1 28 ? 14.994  13.885  -10.553 1.00 42.91 ? 57  PHE B CZ  1 
ATOM   845  N N   . VAL B 1 29 ? 11.816  7.724   -9.034  1.00 26.45 ? 58  VAL B N   1 
ATOM   846  C CA  . VAL B 1 29 ? 11.130  6.464   -8.853  1.00 26.81 ? 58  VAL B CA  1 
ATOM   847  C C   . VAL B 1 29 ? 10.550  5.972   -10.183 1.00 26.97 ? 58  VAL B C   1 
ATOM   848  O O   . VAL B 1 29 ? 9.757   6.651   -10.826 1.00 27.58 ? 58  VAL B O   1 
ATOM   849  C CB  . VAL B 1 29 ? 9.958   6.618   -7.859  1.00 26.79 ? 58  VAL B CB  1 
ATOM   850  C CG1 . VAL B 1 29 ? 9.350   5.281   -7.546  1.00 27.11 ? 58  VAL B CG1 1 
ATOM   851  C CG2 . VAL B 1 29 ? 10.437  7.339   -6.578  1.00 27.33 ? 58  VAL B CG2 1 
ATOM   852  N N   . ASP B 1 30 ? 10.924  4.759   -10.555 1.00 28.88 ? 59  ASP B N   1 
ATOM   853  C CA  . ASP B 1 30 ? 10.241  4.035   -11.641 1.00 29.57 ? 59  ASP B CA  1 
ATOM   854  C C   . ASP B 1 30 ? 9.040   3.296   -11.096 1.00 29.34 ? 59  ASP B C   1 
ATOM   855  O O   . ASP B 1 30 ? 9.209   2.307   -10.384 1.00 29.31 ? 59  ASP B O   1 
ATOM   856  C CB  . ASP B 1 30 ? 11.208  3.018   -12.263 1.00 30.87 ? 59  ASP B CB  1 
ATOM   857  C CG  . ASP B 1 30 ? 10.594  2.252   -13.422 1.00 31.98 ? 59  ASP B CG  1 
ATOM   858  O OD1 . ASP B 1 30 ? 9.399   2.428   -13.745 1.00 32.84 ? 59  ASP B OD1 1 
ATOM   859  O OD2 . ASP B 1 30 ? 11.303  1.460   -14.064 1.00 37.85 ? 59  ASP B OD2 1 
ATOM   860  N N   . TYR B 1 31 ? 7.853   3.808   -11.402 1.00 29.69 ? 60  TYR B N   1 
ATOM   861  C CA  . TYR B 1 31 ? 6.583   3.225   -10.976 1.00 31.57 ? 60  TYR B CA  1 
ATOM   862  C C   . TYR B 1 31 ? 5.821   2.639   -12.168 1.00 33.33 ? 60  TYR B C   1 
ATOM   863  O O   . TYR B 1 31 ? 4.609   2.364   -12.085 1.00 33.77 ? 60  TYR B O   1 
ATOM   864  C CB  . TYR B 1 31 ? 5.724   4.265   -10.240 1.00 31.36 ? 60  TYR B CB  1 
ATOM   865  C CG  . TYR B 1 31 ? 5.278   5.450   -11.063 1.00 30.69 ? 60  TYR B CG  1 
ATOM   866  C CD1 . TYR B 1 31 ? 6.120   6.552   -11.254 1.00 30.97 ? 60  TYR B CD1 1 
ATOM   867  C CD2 . TYR B 1 31 ? 4.005   5.493   -11.606 1.00 31.65 ? 60  TYR B CD2 1 
ATOM   868  C CE1 . TYR B 1 31 ? 5.711   7.638   -12.008 1.00 31.91 ? 60  TYR B CE1 1 
ATOM   869  C CE2 . TYR B 1 31 ? 3.578   6.578   -12.345 1.00 32.52 ? 60  TYR B CE2 1 
ATOM   870  C CZ  . TYR B 1 31 ? 4.441   7.649   -12.549 1.00 33.20 ? 60  TYR B CZ  1 
ATOM   871  O OH  . TYR B 1 31 ? 3.984   8.703   -13.298 1.00 36.26 ? 60  TYR B OH  1 
ATOM   872  N N   . GLY B 1 32 ? 6.533   2.538   -13.288 1.00 35.32 ? 61  GLY B N   1 
ATOM   873  C CA  . GLY B 1 32 ? 6.036   1.878   -14.476 1.00 37.02 ? 61  GLY B CA  1 
ATOM   874  C C   . GLY B 1 32 ? 5.744   2.816   -15.620 1.00 38.47 ? 61  GLY B C   1 
ATOM   875  O O   . GLY B 1 32 ? 5.341   2.347   -16.684 1.00 39.50 ? 61  GLY B O   1 
ATOM   876  N N   . ALA B 1 33 ? 5.897   4.128   -15.407 1.00 38.72 ? 62  ALA B N   1 
ATOM   877  C CA  . ALA B 1 33 ? 5.870   5.109   -16.494 1.00 39.12 ? 62  ALA B CA  1 
ATOM   878  C C   . ALA B 1 33 ? 7.282   5.278   -17.042 1.00 39.67 ? 62  ALA B C   1 
ATOM   879  O O   . ALA B 1 33 ? 8.271   4.904   -16.395 1.00 40.60 ? 62  ALA B O   1 
ATOM   880  C CB  . ALA B 1 33 ? 5.310   6.453   -16.013 1.00 38.87 ? 62  ALA B CB  1 
ATOM   881  N N   . GLU B 1 34 ? 7.395   5.828   -18.247 1.00 39.53 ? 63  GLU B N   1 
ATOM   882  C CA  . GLU B 1 34 ? 8.712   6.108   -18.800 1.00 39.70 ? 63  GLU B CA  1 
ATOM   883  C C   . GLU B 1 34 ? 9.372   7.237   -18.038 1.00 38.68 ? 63  GLU B C   1 
ATOM   884  O O   . GLU B 1 34 ? 10.543  7.159   -17.707 1.00 39.54 ? 63  GLU B O   1 
ATOM   885  C CB  . GLU B 1 34 ? 8.610   6.521   -20.270 1.00 40.36 ? 63  GLU B CB  1 
ATOM   886  C CG  . GLU B 1 34 ? 8.737   5.376   -21.235 1.00 42.28 ? 63  GLU B CG  1 
ATOM   887  C CD  . GLU B 1 34 ? 8.885   5.909   -22.642 1.00 45.57 ? 63  GLU B CD  1 
ATOM   888  O OE1 . GLU B 1 34 ? 7.830   6.150   -23.273 1.00 49.65 ? 63  GLU B OE1 1 
ATOM   889  O OE2 . GLU B 1 34 ? 10.042  6.142   -23.066 1.00 44.95 ? 63  GLU B OE2 1 
ATOM   890  N N   . ARG B 1 35 ? 8.603   8.297   -17.807 1.00 38.38 ? 64  ARG B N   1 
ATOM   891  C CA  . ARG B 1 35 ? 9.038   9.398   -16.948 1.00 37.47 ? 64  ARG B CA  1 
ATOM   892  C C   . ARG B 1 35 ? 9.061   8.856   -15.498 1.00 34.72 ? 64  ARG B C   1 
ATOM   893  O O   . ARG B 1 35 ? 8.049   8.376   -14.997 1.00 34.75 ? 64  ARG B O   1 
ATOM   894  C CB  . ARG B 1 35 ? 8.079   10.579  -17.036 1.00 37.94 ? 64  ARG B CB  1 
ATOM   895  C CG  . ARG B 1 35 ? 8.313   11.538  -18.202 1.00 42.73 ? 64  ARG B CG  1 
ATOM   896  C CD  . ARG B 1 35 ? 7.591   12.892  -18.048 1.00 46.70 ? 64  ARG B CD  1 
ATOM   897  N NE  . ARG B 1 35 ? 6.968   13.410  -19.280 1.00 49.79 ? 64  ARG B NE  1 
ATOM   898  C CZ  . ARG B 1 35 ? 6.199   14.509  -19.339 1.00 53.19 ? 64  ARG B CZ  1 
ATOM   899  N NH1 . ARG B 1 35 ? 5.943   15.212  -18.242 1.00 54.68 ? 64  ARG B NH1 1 
ATOM   900  N NH2 . ARG B 1 35 ? 5.672   14.913  -20.494 1.00 54.47 ? 64  ARG B NH2 1 
ATOM   901  N N   . HIS B 1 36 ? 10.227  8.900   -14.891 1.00 32.86 ? 65  HIS B N   1 
ATOM   902  C CA  . HIS B 1 36 ? 10.377  8.628   -13.447 1.00 31.88 ? 65  HIS B CA  1 
ATOM   903  C C   . HIS B 1 36 ? 9.585   9.636   -12.638 1.00 30.46 ? 65  HIS B C   1 
ATOM   904  O O   . HIS B 1 36 ? 9.431   10.828  -13.016 1.00 30.30 ? 65  HIS B O   1 
ATOM   905  C CB  . HIS B 1 36 ? 11.853  8.660   -13.073 1.00 32.25 ? 65  HIS B CB  1 
ATOM   906  C CG  . HIS B 1 36 ? 12.609  7.434   -13.486 1.00 34.21 ? 65  HIS B CG  1 
ATOM   907  N ND1 . HIS B 1 36 ? 13.922  7.233   -13.148 1.00 37.95 ? 65  HIS B ND1 1 
ATOM   908  C CD2 . HIS B 1 36 ? 12.234  6.339   -14.197 1.00 38.91 ? 65  HIS B CD2 1 
ATOM   909  C CE1 . HIS B 1 36 ? 14.341  6.083   -13.654 1.00 38.35 ? 65  HIS B CE1 1 
ATOM   910  N NE2 . HIS B 1 36 ? 13.330  5.511   -14.284 1.00 39.89 ? 65  HIS B NE2 1 
ATOM   911  N N   . GLY B 1 37 ? 9.026   9.161   -11.526 1.00 28.57 ? 66  GLY B N   1 
ATOM   912  C CA  . GLY B 1 37 ? 8.376   10.039  -10.596 1.00 27.92 ? 66  GLY B CA  1 
ATOM   913  C C   . GLY B 1 37 ? 9.351   10.712  -9.657  1.00 26.04 ? 66  GLY B C   1 
ATOM   914  O O   . GLY B 1 37 ? 10.467  10.278  -9.468  1.00 26.94 ? 66  GLY B O   1 
ATOM   915  N N   . PHE B 1 38 ? 8.880   11.792  -9.038  1.00 25.53 ? 67  PHE B N   1 
ATOM   916  C CA  . PHE B 1 38 ? 9.677   12.588  -8.121  1.00 24.71 ? 67  PHE B CA  1 
ATOM   917  C C   . PHE B 1 38 ? 9.125   12.407  -6.698  1.00 22.88 ? 67  PHE B C   1 
ATOM   918  O O   . PHE B 1 38 ? 7.977   12.707  -6.444  1.00 22.61 ? 67  PHE B O   1 
ATOM   919  C CB  . PHE B 1 38 ? 9.545   14.055  -8.512  1.00 25.40 ? 67  PHE B CB  1 
ATOM   920  C CG  . PHE B 1 38 ? 10.460  14.988  -7.758  1.00 27.52 ? 67  PHE B CG  1 
ATOM   921  C CD1 . PHE B 1 38 ? 11.823  14.979  -8.005  1.00 30.56 ? 67  PHE B CD1 1 
ATOM   922  C CD2 . PHE B 1 38 ? 9.939   15.877  -6.817  1.00 29.90 ? 67  PHE B CD2 1 
ATOM   923  C CE1 . PHE B 1 38 ? 12.646  15.856  -7.338  1.00 33.57 ? 67  PHE B CE1 1 
ATOM   924  C CE2 . PHE B 1 38 ? 10.774  16.767  -6.131  1.00 31.89 ? 67  PHE B CE2 1 
ATOM   925  C CZ  . PHE B 1 38 ? 12.113  16.752  -6.389  1.00 31.00 ? 67  PHE B CZ  1 
ATOM   926  N N   . LEU B 1 39 ? 9.965   11.917  -5.793  1.00 22.55 ? 68  LEU B N   1 
ATOM   927  C CA  . LEU B 1 39 ? 9.582   11.649  -4.417  1.00 21.63 ? 68  LEU B CA  1 
ATOM   928  C C   . LEU B 1 39 ? 10.476  12.434  -3.466  1.00 21.17 ? 68  LEU B C   1 
ATOM   929  O O   . LEU B 1 39 ? 11.601  12.028  -3.186  1.00 21.43 ? 68  LEU B O   1 
ATOM   930  C CB  . LEU B 1 39 ? 9.693   10.151  -4.111  1.00 21.14 ? 68  LEU B CB  1 
ATOM   931  C CG  . LEU B 1 39 ? 9.265   9.664   -2.701  1.00 21.24 ? 68  LEU B CG  1 
ATOM   932  C CD1 . LEU B 1 39 ? 7.785   9.932   -2.431  1.00 22.68 ? 68  LEU B CD1 1 
ATOM   933  C CD2 . LEU B 1 39 ? 9.589   8.158   -2.560  1.00 21.47 ? 68  LEU B CD2 1 
ATOM   934  N N   . PRO B 1 40 ? 9.997   13.570  -2.979  1.00 21.21 ? 69  PRO B N   1 
ATOM   935  C CA  . PRO B 1 40 ? 10.774  14.363  -2.023  1.00 21.79 ? 69  PRO B CA  1 
ATOM   936  C C   . PRO B 1 40 ? 10.796  13.719  -0.639  1.00 20.97 ? 69  PRO B C   1 
ATOM   937  O O   . PRO B 1 40 ? 9.891   12.966  -0.284  1.00 19.87 ? 69  PRO B O   1 
ATOM   938  C CB  . PRO B 1 40 ? 10.001  15.686  -1.929  1.00 22.48 ? 69  PRO B CB  1 
ATOM   939  C CG  . PRO B 1 40 ? 8.703   15.468  -2.498  1.00 23.87 ? 69  PRO B CG  1 
ATOM   940  C CD  . PRO B 1 40 ? 8.683   14.172  -3.254  1.00 21.54 ? 69  PRO B CD  1 
ATOM   941  N N   . LEU B 1 41 ? 11.818  14.070  0.135   1.00 21.50 ? 70  LEU B N   1 
ATOM   942  C CA  . LEU B 1 41 ? 12.009  13.540  1.458   1.00 21.31 ? 70  LEU B CA  1 
ATOM   943  C C   . LEU B 1 41 ? 10.790  13.787  2.355   1.00 19.92 ? 70  LEU B C   1 
ATOM   944  O O   . LEU B 1 41 ? 10.402  12.910  3.092   1.00 20.46 ? 70  LEU B O   1 
ATOM   945  C CB  . LEU B 1 41 ? 13.274  14.110  2.079   1.00 22.71 ? 70  LEU B CB  1 
ATOM   946  C CG  . LEU B 1 41 ? 13.547  13.611  3.501   1.00 24.29 ? 70  LEU B CG  1 
ATOM   947  C CD1 . LEU B 1 41 ? 13.722  12.103  3.546   1.00 24.00 ? 70  LEU B CD1 1 
ATOM   948  C CD2 . LEU B 1 41 ? 14.757  14.332  4.087   1.00 28.66 ? 70  LEU B CD2 1 
ATOM   949  N N   . LYS B 1 42 ? 10.170  14.953  2.223   1.00 19.29 ? 71  LYS B N   1 
ATOM   950  C CA  . LYS B 1 42 ? 8.958   15.269  2.997   1.00 18.80 ? 71  LYS B CA  1 
ATOM   951  C C   . LYS B 1 42 ? 7.778   14.305  2.758   1.00 18.64 ? 71  LYS B C   1 
ATOM   952  O O   . LYS B 1 42 ? 6.846   14.246  3.585   1.00 18.65 ? 71  LYS B O   1 
ATOM   953  C CB  . LYS B 1 42 ? 8.549   16.717  2.749   1.00 19.53 ? 71  LYS B CB  1 
ATOM   954  C CG  . LYS B 1 42 ? 7.993   16.980  1.366   1.00 22.28 ? 71  LYS B CG  1 
ATOM   955  C CD  . LYS B 1 42 ? 7.612   18.434  1.146   1.00 27.98 ? 71  LYS B CD  1 
ATOM   956  C CE  . LYS B 1 42 ? 7.221   18.664  -0.312  1.00 31.63 ? 71  LYS B CE  1 
ATOM   957  N NZ  . LYS B 1 42 ? 5.856   18.190  -0.598  1.00 33.62 ? 71  LYS B NZ  1 
ATOM   958  N N   . GLU B 1 43 ? 7.780   13.609  1.606   1.00 17.91 ? 72  GLU B N   1 
ATOM   959  C CA  . GLU B 1 43 ? 6.722   12.689  1.276   1.00 17.51 ? 72  GLU B CA  1 
ATOM   960  C C   . GLU B 1 43 ? 7.039   11.229  1.587   1.00 17.78 ? 72  GLU B C   1 
ATOM   961  O O   . GLU B 1 43 ? 6.303   10.337  1.162   1.00 19.14 ? 72  GLU B O   1 
ATOM   962  C CB  . GLU B 1 43 ? 6.392   12.818  -0.192  1.00 17.90 ? 72  GLU B CB  1 
ATOM   963  C CG  . GLU B 1 43 ? 5.893   14.193  -0.542  1.00 19.19 ? 72  GLU B CG  1 
ATOM   964  C CD  . GLU B 1 43 ? 4.569   14.589  0.086   1.00 22.77 ? 72  GLU B CD  1 
ATOM   965  O OE1 . GLU B 1 43 ? 3.761   13.737  0.577   1.00 23.09 ? 72  GLU B OE1 1 
ATOM   966  O OE2 . GLU B 1 43 ? 4.330   15.823  0.063   1.00 26.60 ? 72  GLU B OE2 1 
ATOM   967  N N   . ILE B 1 44 ? 8.111   10.989  2.325   1.00 19.05 ? 73  ILE B N   1 
ATOM   968  C CA  . ILE B 1 44 ? 8.507   9.633   2.709   1.00 18.95 ? 73  ILE B CA  1 
ATOM   969  C C   . ILE B 1 44 ? 8.093   9.278   4.148   1.00 19.94 ? 73  ILE B C   1 
ATOM   970  O O   . ILE B 1 44 ? 8.528   9.930   5.116   1.00 19.49 ? 73  ILE B O   1 
ATOM   971  C CB  . ILE B 1 44 ? 10.016  9.454   2.512   1.00 19.94 ? 73  ILE B CB  1 
ATOM   972  C CG1 . ILE B 1 44 ? 10.384  9.672   1.037   1.00 19.41 ? 73  ILE B CG1 1 
ATOM   973  C CG2 . ILE B 1 44 ? 10.421  8.059   2.938   1.00 21.18 ? 73  ILE B CG2 1 
ATOM   974  C CD1 . ILE B 1 44 ? 11.881  9.724   0.849   1.00 22.03 ? 73  ILE B CD1 1 
ATOM   975  N N   . ALA B 1 45 ? 7.241   8.273   4.282   1.00 19.36 ? 74  ALA B N   1 
ATOM   976  C CA  . ALA B 1 45 ? 6.743   7.804   5.575   1.00 21.38 ? 74  ALA B CA  1 
ATOM   977  C C   . ALA B 1 45 ? 7.864   7.199   6.431   1.00 21.78 ? 74  ALA B C   1 
ATOM   978  O O   . ALA B 1 45 ? 8.828   6.657   5.919   1.00 21.67 ? 74  ALA B O   1 
ATOM   979  C CB  . ALA B 1 45 ? 5.670   6.785   5.370   1.00 21.65 ? 74  ALA B CB  1 
ATOM   980  N N   . ARG B 1 46 ? 7.722   7.289   7.747   1.00 23.52 ? 75  ARG B N   1 
ATOM   981  C CA  . ARG B 1 46 ? 8.763   6.795   8.650   1.00 23.17 ? 75  ARG B CA  1 
ATOM   982  C C   . ARG B 1 46 ? 9.017   5.298   8.605   1.00 23.53 ? 75  ARG B C   1 
ATOM   983  O O   . ARG B 1 46 ? 10.121  4.866   8.966   1.00 22.67 ? 75  ARG B O   1 
ATOM   984  C CB  . ARG B 1 46 ? 8.496   7.216   10.070  1.00 24.66 ? 75  ARG B CB  1 
ATOM   985  C CG  . ARG B 1 46 ? 7.249   6.677   10.650  1.00 25.94 ? 75  ARG B CG  1 
ATOM   986  C CD  . ARG B 1 46 ? 7.037   7.188   12.043  1.00 28.16 ? 75  ARG B CD  1 
ATOM   987  N NE  . ARG B 1 46 ? 5.784   6.692   12.605  1.00 28.76 ? 75  ARG B NE  1 
ATOM   988  C CZ  . ARG B 1 46 ? 5.018   7.387   13.444  1.00 33.19 ? 75  ARG B CZ  1 
ATOM   989  N NH1 . ARG B 1 46 ? 5.336   8.626   13.813  1.00 35.78 ? 75  ARG B NH1 1 
ATOM   990  N NH2 . ARG B 1 46 ? 3.909   6.841   13.908  1.00 36.40 ? 75  ARG B NH2 1 
ATOM   991  N N   . GLU B 1 47 ? 8.064   4.536   8.066   1.00 22.63 ? 76  GLU B N   1 
ATOM   992  C CA  . GLU B 1 47 ? 8.270   3.107   7.832   1.00 24.22 ? 76  GLU B CA  1 
ATOM   993  C C   . GLU B 1 47 ? 9.438   2.836   6.888   1.00 25.09 ? 76  GLU B C   1 
ATOM   994  O O   . GLU B 1 47 ? 10.041  1.750   6.924   1.00 26.11 ? 76  GLU B O   1 
ATOM   995  C CB  . GLU B 1 47 ? 7.010   2.460   7.281   1.00 23.86 ? 76  GLU B CB  1 
ATOM   996  C CG  . GLU B 1 47 ? 5.945   2.252   8.309   1.00 26.38 ? 76  GLU B CG  1 
ATOM   997  C CD  . GLU B 1 47 ? 5.048   3.480   8.511   1.00 29.52 ? 76  GLU B CD  1 
ATOM   998  O OE1 . GLU B 1 47 ? 5.179   4.461   7.749   1.00 25.21 ? 76  GLU B OE1 1 
ATOM   999  O OE2 . GLU B 1 47 ? 4.214   3.453   9.443   1.00 31.80 ? 76  GLU B OE2 1 
ATOM   1000 N N   . TYR B 1 48 ? 9.785   3.813   6.058   1.00 24.61 ? 77  TYR B N   1 
ATOM   1001 C CA  . TYR B 1 48 ? 10.945  3.679   5.178   1.00 26.12 ? 77  TYR B CA  1 
ATOM   1002 C C   . TYR B 1 48 ? 12.265  4.166   5.773   1.00 27.36 ? 77  TYR B C   1 
ATOM   1003 O O   . TYR B 1 48 ? 13.313  3.957   5.155   1.00 29.18 ? 77  TYR B O   1 
ATOM   1004 C CB  . TYR B 1 48 ? 10.673  4.394   3.837   1.00 25.21 ? 77  TYR B CB  1 
ATOM   1005 C CG  . TYR B 1 48 ? 9.467   3.863   3.108   1.00 24.80 ? 77  TYR B CG  1 
ATOM   1006 C CD1 . TYR B 1 48 ? 9.536   2.688   2.367   1.00 25.85 ? 77  TYR B CD1 1 
ATOM   1007 C CD2 . TYR B 1 48 ? 8.233   4.528   3.164   1.00 24.03 ? 77  TYR B CD2 1 
ATOM   1008 C CE1 . TYR B 1 48 ? 8.418   2.184   1.701   1.00 23.16 ? 77  TYR B CE1 1 
ATOM   1009 C CE2 . TYR B 1 48 ? 7.115   4.042   2.501   1.00 22.81 ? 77  TYR B CE2 1 
ATOM   1010 C CZ  . TYR B 1 48 ? 7.220   2.856   1.770   1.00 24.15 ? 77  TYR B CZ  1 
ATOM   1011 O OH  . TYR B 1 48 ? 6.131   2.368   1.115   1.00 25.94 ? 77  TYR B OH  1 
ATOM   1012 N N   . PHE B 1 49 ? 12.216  4.840   6.930   1.00 28.78 ? 78  PHE B N   1 
ATOM   1013 C CA  . PHE B 1 49 ? 13.386  5.491   7.551   1.00 30.48 ? 78  PHE B CA  1 
ATOM   1014 C C   . PHE B 1 49 ? 14.296  4.446   8.178   1.00 32.68 ? 78  PHE B C   1 
ATOM   1015 O O   . PHE B 1 49 ? 13.832  3.377   8.591   1.00 31.80 ? 78  PHE B O   1 
ATOM   1016 C CB  . PHE B 1 49 ? 12.985  6.544   8.609   1.00 29.58 ? 78  PHE B CB  1 
ATOM   1017 C CG  . PHE B 1 49 ? 12.779  7.932   8.047   1.00 30.18 ? 78  PHE B CG  1 
ATOM   1018 C CD1 . PHE B 1 49 ? 11.895  8.156   7.003   1.00 28.00 ? 78  PHE B CD1 1 
ATOM   1019 C CD2 . PHE B 1 49 ? 13.469  9.020   8.556   1.00 32.50 ? 78  PHE B CD2 1 
ATOM   1020 C CE1 . PHE B 1 49 ? 11.700  9.397   6.497   1.00 29.05 ? 78  PHE B CE1 1 
ATOM   1021 C CE2 . PHE B 1 49 ? 13.290  10.283  8.032   1.00 33.04 ? 78  PHE B CE2 1 
ATOM   1022 C CZ  . PHE B 1 49 ? 12.405  10.481  6.999   1.00 32.37 ? 78  PHE B CZ  1 
ATOM   1023 N N   . PRO B 1 50 ? 15.594  4.756   8.270   1.00 35.90 ? 79  PRO B N   1 
ATOM   1024 C CA  . PRO B 1 50 ? 16.570  3.762   8.753   1.00 37.22 ? 79  PRO B CA  1 
ATOM   1025 C C   . PRO B 1 50 ? 16.498  3.520   10.259  1.00 38.08 ? 79  PRO B C   1 
ATOM   1026 O O   . PRO B 1 50 ? 16.276  4.466   11.048  1.00 37.54 ? 79  PRO B O   1 
ATOM   1027 C CB  . PRO B 1 50 ? 17.911  4.397   8.384   1.00 37.44 ? 79  PRO B CB  1 
ATOM   1028 C CG  . PRO B 1 50 ? 17.655  5.872   8.488   1.00 37.79 ? 79  PRO B CG  1 
ATOM   1029 C CD  . PRO B 1 50 ? 16.245  6.043   7.944   1.00 36.65 ? 79  PRO B CD  1 
ATOM   1030 N N   . ALA B 1 51 ? 16.693  2.250   10.635  1.00 40.03 ? 80  ALA B N   1 
ATOM   1031 C CA  . ALA B 1 51 ? 16.878  1.836   12.040  1.00 41.35 ? 80  ALA B CA  1 
ATOM   1032 C C   . ALA B 1 51 ? 17.708  2.823   12.832  1.00 42.11 ? 80  ALA B C   1 
ATOM   1033 O O   . ALA B 1 51 ? 18.901  2.598   13.058  1.00 44.04 ? 80  ALA B O   1 
ATOM   1034 C CB  . ALA B 1 51 ? 17.553  0.414   12.107  1.00 41.92 ? 80  ALA B CB  1 
ATOM   1035 N N   . ARG B 1 58 ? 18.358  14.012  12.202  1.00 55.57 ? 87  ARG B N   1 
ATOM   1036 C CA  . ARG B 1 58 ? 17.640  14.495  11.031  1.00 55.39 ? 87  ARG B CA  1 
ATOM   1037 C C   . ARG B 1 58 ? 18.297  13.962  9.743   1.00 54.88 ? 87  ARG B C   1 
ATOM   1038 O O   . ARG B 1 58 ? 19.192  14.612  9.179   1.00 55.41 ? 87  ARG B O   1 
ATOM   1039 C CB  . ARG B 1 58 ? 17.592  16.024  11.028  1.00 55.65 ? 87  ARG B CB  1 
ATOM   1040 N N   . PRO B 1 59 ? 17.872  12.777  9.286   1.00 53.45 ? 88  PRO B N   1 
ATOM   1041 C CA  . PRO B 1 59 ? 18.438  12.183  8.068   1.00 52.06 ? 88  PRO B CA  1 
ATOM   1042 C C   . PRO B 1 59 ? 18.219  13.034  6.813   1.00 50.37 ? 88  PRO B C   1 
ATOM   1043 O O   . PRO B 1 59 ? 17.256  13.804  6.703   1.00 50.36 ? 88  PRO B O   1 
ATOM   1044 C CB  . PRO B 1 59 ? 17.713  10.828  7.958   1.00 52.42 ? 88  PRO B CB  1 
ATOM   1045 C CG  . PRO B 1 59 ? 17.174  10.553  9.335   1.00 53.06 ? 88  PRO B CG  1 
ATOM   1046 C CD  . PRO B 1 59 ? 16.854  11.898  9.897   1.00 53.60 ? 88  PRO B CD  1 
ATOM   1047 N N   . ASN B 1 60 ? 19.177  12.919  5.894   1.00 47.84 ? 89  ASN B N   1 
ATOM   1048 C CA  . ASN B 1 60 ? 19.039  13.444  4.549   1.00 45.70 ? 89  ASN B CA  1 
ATOM   1049 C C   . ASN B 1 60 ? 18.563  12.279  3.697   1.00 42.09 ? 89  ASN B C   1 
ATOM   1050 O O   . ASN B 1 60 ? 18.548  11.128  4.149   1.00 40.72 ? 89  ASN B O   1 
ATOM   1051 C CB  . ASN B 1 60 ? 20.372  14.007  4.040   1.00 46.08 ? 89  ASN B CB  1 
ATOM   1052 C CG  . ASN B 1 60 ? 20.842  15.233  4.840   1.00 49.97 ? 89  ASN B CG  1 
ATOM   1053 O OD1 . ASN B 1 60 ? 20.138  16.259  4.912   1.00 54.53 ? 89  ASN B OD1 1 
ATOM   1054 N ND2 . ASN B 1 60 ? 22.035  15.137  5.445   1.00 52.37 ? 89  ASN B ND2 1 
ATOM   1055 N N   . ILE B 1 61 ? 18.179  12.573  2.464   1.00 38.46 ? 90  ILE B N   1 
ATOM   1056 C CA  . ILE B 1 61 ? 17.586  11.564  1.584   1.00 36.55 ? 90  ILE B CA  1 
ATOM   1057 C C   . ILE B 1 61 ? 18.513  10.362  1.388   1.00 36.06 ? 90  ILE B C   1 
ATOM   1058 O O   . ILE B 1 61 ? 18.052  9.220   1.337   1.00 34.84 ? 90  ILE B O   1 
ATOM   1059 C CB  . ILE B 1 61 ? 17.160  12.203  0.226   1.00 36.01 ? 90  ILE B CB  1 
ATOM   1060 C CG1 . ILE B 1 61 ? 16.371  11.207  -0.634  1.00 37.33 ? 90  ILE B CG1 1 
ATOM   1061 C CG2 . ILE B 1 61 ? 18.342  12.757  -0.529  1.00 34.43 ? 90  ILE B CG2 1 
ATOM   1062 C CD1 . ILE B 1 61 ? 14.873  11.373  -0.529  1.00 36.69 ? 90  ILE B CD1 1 
ATOM   1063 N N   . LYS B 1 62 ? 19.819  10.630  1.306   1.00 35.85 ? 91  LYS B N   1 
ATOM   1064 C CA  . LYS B 1 62 ? 20.834  9.582   1.123   1.00 37.13 ? 91  LYS B CA  1 
ATOM   1065 C C   . LYS B 1 62 ? 20.846  8.569   2.284   1.00 37.52 ? 91  LYS B C   1 
ATOM   1066 O O   . LYS B 1 62 ? 21.124  7.380   2.092   1.00 37.81 ? 91  LYS B O   1 
ATOM   1067 C CB  . LYS B 1 62 ? 22.226  10.234  0.965   1.00 37.00 ? 91  LYS B CB  1 
ATOM   1068 C CG  . LYS B 1 62 ? 23.153  9.497   0.002   1.00 39.56 ? 91  LYS B CG  1 
ATOM   1069 C CD  . LYS B 1 62 ? 24.460  10.056  -0.260  0.00 15.00 ? 91  LYS B CD  1 
ATOM   1070 C CE  . LYS B 1 62 ? 25.449  9.470   0.734   0.00 15.00 ? 91  LYS B CE  1 
ATOM   1071 N NZ  . LYS B 1 62 ? 25.633  8.004   0.535   0.00 15.00 ? 91  LYS B NZ  1 
ATOM   1072 N N   . ASP B 1 63 ? 20.542  9.046   3.487   1.00 38.51 ? 92  ASP B N   1 
ATOM   1073 C CA  . ASP B 1 63 ? 20.439  8.193   4.676   1.00 39.13 ? 92  ASP B CA  1 
ATOM   1074 C C   . ASP B 1 63 ? 19.152  7.357   4.688   1.00 39.04 ? 92  ASP B C   1 
ATOM   1075 O O   . ASP B 1 63 ? 19.113  6.278   5.288   1.00 39.32 ? 92  ASP B O   1 
ATOM   1076 C CB  . ASP B 1 63 ? 20.471  9.030   5.973   1.00 40.27 ? 92  ASP B CB  1 
ATOM   1077 C CG  . ASP B 1 63 ? 21.705  9.937   6.095   1.00 43.33 ? 92  ASP B CG  1 
ATOM   1078 O OD1 . ASP B 1 63 ? 22.832  9.544   5.713   1.00 48.12 ? 92  ASP B OD1 1 
ATOM   1079 O OD2 . ASP B 1 63 ? 21.641  11.081  6.595   1.00 49.26 ? 92  ASP B OD2 1 
ATOM   1080 N N   . VAL B 1 64 ? 18.099  7.841   4.026   1.00 37.70 ? 93  VAL B N   1 
ATOM   1081 C CA  . VAL B 1 64 ? 16.786  7.179   4.073   1.00 37.25 ? 93  VAL B CA  1 
ATOM   1082 C C   . VAL B 1 64 ? 16.564  6.120   2.992   1.00 37.14 ? 93  VAL B C   1 
ATOM   1083 O O   . VAL B 1 64 ? 16.132  5.013   3.298   1.00 37.26 ? 93  VAL B O   1 
ATOM   1084 C CB  . VAL B 1 64 ? 15.654  8.203   3.999   1.00 37.05 ? 93  VAL B CB  1 
ATOM   1085 C CG1 . VAL B 1 64 ? 14.275  7.504   3.872   1.00 36.35 ? 93  VAL B CG1 1 
ATOM   1086 C CG2 . VAL B 1 64 ? 15.708  9.110   5.204   1.00 37.61 ? 93  VAL B CG2 1 
ATOM   1087 N N   . LEU B 1 65 ? 16.812  6.472   1.731   1.00 36.66 ? 94  LEU B N   1 
ATOM   1088 C CA  . LEU B 1 65 ? 16.554  5.581   0.609   1.00 36.36 ? 94  LEU B CA  1 
ATOM   1089 C C   . LEU B 1 65 ? 17.846  5.045   -0.006  1.00 37.46 ? 94  LEU B C   1 
ATOM   1090 O O   . LEU B 1 65 ? 18.931  5.626   0.163   1.00 37.56 ? 94  LEU B O   1 
ATOM   1091 C CB  . LEU B 1 65 ? 15.738  6.299   -0.467  1.00 36.74 ? 94  LEU B CB  1 
ATOM   1092 C CG  . LEU B 1 65 ? 14.345  6.821   -0.082  1.00 36.69 ? 94  LEU B CG  1 
ATOM   1093 C CD1 . LEU B 1 65 ? 13.669  7.521   -1.268  1.00 37.13 ? 94  LEU B CD1 1 
ATOM   1094 C CD2 . LEU B 1 65 ? 13.501  5.693   0.438   1.00 36.85 ? 94  LEU B CD2 1 
ATOM   1095 N N   . ARG B 1 66 ? 17.701  3.948   -0.746  1.00 37.76 ? 95  ARG B N   1 
ATOM   1096 C CA  . ARG B 1 66 ? 18.787  3.376   -1.539  1.00 37.97 ? 95  ARG B CA  1 
ATOM   1097 C C   . ARG B 1 66 ? 18.236  2.901   -2.884  1.00 37.35 ? 95  ARG B C   1 
ATOM   1098 O O   . ARG B 1 66 ? 17.072  2.484   -2.984  1.00 35.02 ? 95  ARG B O   1 
ATOM   1099 C CB  . ARG B 1 66 ? 19.487  2.252   -0.750  1.00 38.89 ? 95  ARG B CB  1 
ATOM   1100 C CG  . ARG B 1 66 ? 18.713  0.960   -0.628  1.00 40.58 ? 95  ARG B CG  1 
ATOM   1101 C CD  . ARG B 1 66 ? 19.266  -0.049  0.398   1.00 43.58 ? 95  ARG B CD  1 
ATOM   1102 N NE  . ARG B 1 66 ? 18.696  -0.977  0.863   0.00 60.79 ? 95  ARG B NE  1 
ATOM   1103 C CZ  . ARG B 1 66 ? 18.299  -2.053  0.151   0.00 67.16 ? 95  ARG B CZ  1 
ATOM   1104 N NH1 . ARG B 1 66 ? 18.637  -2.224  -1.144  0.00 68.79 ? 95  ARG B NH1 1 
ATOM   1105 N NH2 . ARG B 1 66 ? 17.546  -2.972  0.750   0.00 68.85 ? 95  ARG B NH2 1 
ATOM   1106 N N   . GLU B 1 67 ? 19.052  2.976   -3.935  1.00 37.09 ? 96  GLU B N   1 
ATOM   1107 C CA  . GLU B 1 67 ? 18.599  2.517   -5.249  1.00 37.81 ? 96  GLU B CA  1 
ATOM   1108 C C   . GLU B 1 67 ? 18.182  1.042   -5.181  1.00 36.86 ? 96  GLU B C   1 
ATOM   1109 O O   . GLU B 1 67 ? 18.805  0.267   -4.476  1.00 37.95 ? 96  GLU B O   1 
ATOM   1110 C CB  . GLU B 1 67 ? 19.710  2.659   -6.302  1.00 38.93 ? 96  GLU B CB  1 
ATOM   1111 C CG  . GLU B 1 67 ? 20.168  4.077   -6.592  1.00 41.70 ? 96  GLU B CG  1 
ATOM   1112 C CD  . GLU B 1 67 ? 21.219  4.123   -7.705  1.00 46.82 ? 96  GLU B CD  1 
ATOM   1113 O OE1 . GLU B 1 67 ? 21.548  3.051   -8.284  1.00 49.19 ? 96  GLU B OE1 1 
ATOM   1114 O OE2 . GLU B 1 67 ? 21.720  5.231   -8.000  1.00 49.48 ? 96  GLU B OE2 1 
ATOM   1115 N N   . GLY B 1 68 ? 17.118  0.669   -5.896  1.00 36.33 ? 97  GLY B N   1 
ATOM   1116 C CA  . GLY B 1 68 ? 16.652  -0.706  -5.979  1.00 35.67 ? 97  GLY B CA  1 
ATOM   1117 C C   . GLY B 1 68 ? 15.502  -1.001  -5.022  1.00 35.08 ? 97  GLY B C   1 
ATOM   1118 O O   . GLY B 1 68 ? 14.694  -1.905  -5.246  1.00 34.74 ? 97  GLY B O   1 
ATOM   1119 N N   . GLN B 1 69 ? 15.411  -0.212  -3.958  1.00 34.17 ? 98  GLN B N   1 
ATOM   1120 C CA  . GLN B 1 69 ? 14.390  -0.465  -2.949  1.00 33.13 ? 98  GLN B CA  1 
ATOM   1121 C C   . GLN B 1 69 ? 13.022  -0.053  -3.493  1.00 31.35 ? 98  GLN B C   1 
ATOM   1122 O O   . GLN B 1 69 ? 12.924  0.868   -4.316  1.00 29.74 ? 98  GLN B O   1 
ATOM   1123 C CB  . GLN B 1 69 ? 14.784  0.199   -1.635  1.00 33.57 ? 98  GLN B CB  1 
ATOM   1124 C CG  . GLN B 1 69 ? 13.937  1.319   -1.185  1.00 36.18 ? 98  GLN B CG  1 
ATOM   1125 C CD  . GLN B 1 69 ? 14.276  1.789   0.208   1.00 35.23 ? 98  GLN B CD  1 
ATOM   1126 O OE1 . GLN B 1 69 ? 15.274  2.490   0.415   1.00 33.23 ? 98  GLN B OE1 1 
ATOM   1127 N NE2 . GLN B 1 69 ? 13.415  1.464   1.160   1.00 36.69 ? 98  GLN B NE2 1 
ATOM   1128 N N   . GLU B 1 70 ? 11.974  -0.753  -3.057  1.00 29.50 ? 99  GLU B N   1 
ATOM   1129 C CA  . GLU B 1 70 ? 10.625  -0.470  -3.495  1.00 29.32 ? 99  GLU B CA  1 
ATOM   1130 C C   . GLU B 1 70 ? 9.842   0.293   -2.444  1.00 28.36 ? 99  GLU B C   1 
ATOM   1131 O O   . GLU B 1 70 ? 10.018  0.085   -1.246  1.00 28.43 ? 99  GLU B O   1 
ATOM   1132 C CB  . GLU B 1 70 ? 9.870   -1.733  -3.898  1.00 29.67 ? 99  GLU B CB  1 
ATOM   1133 C CG  . GLU B 1 70 ? 10.260  -2.250  -5.269  1.00 32.80 ? 99  GLU B CG  1 
ATOM   1134 C CD  . GLU B 1 70 ? 9.690   -3.623  -5.608  1.00 34.26 ? 99  GLU B CD  1 
ATOM   1135 O OE1 . GLU B 1 70 ? 9.647   -4.514  -4.740  1.00 35.69 ? 99  GLU B OE1 1 
ATOM   1136 O OE2 . GLU B 1 70 ? 9.317   -3.809  -6.778  1.00 39.85 ? 99  GLU B OE2 1 
ATOM   1137 N N   . VAL B 1 71 ? 8.988   1.172   -2.942  1.00 26.25 ? 100 VAL B N   1 
ATOM   1138 C CA  . VAL B 1 71 ? 8.116   2.015   -2.146  1.00 25.52 ? 100 VAL B CA  1 
ATOM   1139 C C   . VAL B 1 71 ? 6.705   1.972   -2.718  1.00 24.13 ? 100 VAL B C   1 
ATOM   1140 O O   . VAL B 1 71 ? 6.497   1.771   -3.933  1.00 25.49 ? 100 VAL B O   1 
ATOM   1141 C CB  . VAL B 1 71 ? 8.609   3.488   -2.111  1.00 26.13 ? 100 VAL B CB  1 
ATOM   1142 C CG1 . VAL B 1 71 ? 9.941   3.588   -1.366  1.00 27.56 ? 100 VAL B CG1 1 
ATOM   1143 C CG2 . VAL B 1 71 ? 8.707   4.060   -3.525  1.00 27.04 ? 100 VAL B CG2 1 
ATOM   1144 N N   . ILE B 1 72 ? 5.722   2.111   -1.840  1.00 21.57 ? 101 ILE B N   1 
ATOM   1145 C CA  . ILE B 1 72 ? 4.354   2.226   -2.259  1.00 21.82 ? 101 ILE B CA  1 
ATOM   1146 C C   . ILE B 1 72 ? 4.028   3.708   -2.389  1.00 22.45 ? 101 ILE B C   1 
ATOM   1147 O O   . ILE B 1 72 ? 4.191   4.471   -1.430  1.00 21.30 ? 101 ILE B O   1 
ATOM   1148 C CB  . ILE B 1 72 ? 3.428   1.577   -1.240  1.00 21.53 ? 101 ILE B CB  1 
ATOM   1149 C CG1 . ILE B 1 72 ? 3.745   0.069   -1.089  1.00 22.90 ? 101 ILE B CG1 1 
ATOM   1150 C CG2 . ILE B 1 72 ? 2.015   1.755   -1.670  1.00 22.27 ? 101 ILE B CG2 1 
ATOM   1151 C CD1 . ILE B 1 72 ? 3.105   -0.585  0.148   1.00 23.90 ? 101 ILE B CD1 1 
ATOM   1152 N N   . VAL B 1 73 ? 3.592   4.111   -3.585  1.00 21.79 ? 102 VAL B N   1 
ATOM   1153 C CA  . VAL B 1 73 ? 3.368   5.503   -3.915  1.00 22.41 ? 102 VAL B CA  1 
ATOM   1154 C C   . VAL B 1 73 ? 2.026   5.727   -4.587  1.00 23.87 ? 102 VAL B C   1 
ATOM   1155 O O   . VAL B 1 73 ? 1.429   4.813   -5.180  1.00 22.91 ? 102 VAL B O   1 
ATOM   1156 C CB  . VAL B 1 73 ? 4.491   6.097   -4.813  1.00 22.92 ? 102 VAL B CB  1 
ATOM   1157 C CG1 . VAL B 1 73 ? 5.800   6.092   -4.094  1.00 22.14 ? 102 VAL B CG1 1 
ATOM   1158 C CG2 . VAL B 1 73 ? 4.600   5.353   -6.150  1.00 23.49 ? 102 VAL B CG2 1 
ATOM   1159 N N   . GLN B 1 74 ? 1.522   6.945   -4.432  1.00 24.57 ? 103 GLN B N   1 
ATOM   1160 C CA  . GLN B 1 74 ? 0.456   7.453   -5.270  1.00 25.46 ? 103 GLN B CA  1 
ATOM   1161 C C   . GLN B 1 74 ? 0.926   8.739   -5.947  1.00 26.18 ? 103 GLN B C   1 
ATOM   1162 O O   . GLN B 1 74 ? 1.866   9.407   -5.508  1.00 24.62 ? 103 GLN B O   1 
ATOM   1163 C CB  . GLN B 1 74 ? -0.814  7.682   -4.474  1.00 25.83 ? 103 GLN B CB  1 
ATOM   1164 C CG  . GLN B 1 74 ? -0.735  8.849   -3.524  1.00 25.48 ? 103 GLN B CG  1 
ATOM   1165 C CD  . GLN B 1 74 ? -1.991  9.080   -2.728  1.00 29.05 ? 103 GLN B CD  1 
ATOM   1166 O OE1 . GLN B 1 74 ? -2.742  8.156   -2.414  1.00 26.96 ? 103 GLN B OE1 1 
ATOM   1167 N NE2 . GLN B 1 74 ? -2.188  10.324  -2.333  1.00 29.55 ? 103 GLN B NE2 1 
ATOM   1168 N N   . ILE B 1 75 ? 0.278   9.063   -7.052  1.00 28.31 ? 104 ILE B N   1 
ATOM   1169 C CA  . ILE B 1 75 ? 0.486   10.346  -7.720  1.00 29.04 ? 104 ILE B CA  1 
ATOM   1170 C C   . ILE B 1 75 ? -0.296  11.497  -7.091  1.00 29.33 ? 104 ILE B C   1 
ATOM   1171 O O   . ILE B 1 75 ? -1.531  11.486  -7.040  1.00 29.67 ? 104 ILE B O   1 
ATOM   1172 C CB  . ILE B 1 75 ? 0.122   10.229  -9.218  1.00 29.29 ? 104 ILE B CB  1 
ATOM   1173 C CG1 . ILE B 1 75 ? 1.051   9.230   -9.908  1.00 30.44 ? 104 ILE B CG1 1 
ATOM   1174 C CG2 . ILE B 1 75 ? 0.242   11.619  -9.857  1.00 29.95 ? 104 ILE B CG2 1 
ATOM   1175 C CD1 . ILE B 1 75 ? 0.504   8.685   -11.250 1.00 33.16 ? 104 ILE B CD1 1 
ATOM   1176 N N   . ASP B 1 76 ? 0.430   12.525  -6.655  1.00 29.81 ? 105 ASP B N   1 
ATOM   1177 C CA  . ASP B 1 76 ? -0.168  13.750  -6.137  1.00 31.48 ? 105 ASP B CA  1 
ATOM   1178 C C   . ASP B 1 76 ? -0.356  14.794  -7.242  1.00 32.46 ? 105 ASP B C   1 
ATOM   1179 O O   . ASP B 1 76 ? -1.308  15.572  -7.182  1.00 32.20 ? 105 ASP B O   1 
ATOM   1180 C CB  . ASP B 1 76 ? 0.690   14.359  -5.012  1.00 32.12 ? 105 ASP B CB  1 
ATOM   1181 C CG  . ASP B 1 76 ? 0.301   13.849  -3.611  1.00 34.72 ? 105 ASP B CG  1 
ATOM   1182 O OD1 . ASP B 1 76 ? 1.010   14.205  -2.626  1.00 33.00 ? 105 ASP B OD1 1 
ATOM   1183 O OD2 . ASP B 1 76 ? -0.688  13.109  -3.400  1.00 36.63 ? 105 ASP B OD2 1 
ATOM   1184 N N   . LYS B 1 77 ? 0.559   14.827  -8.213  1.00 33.53 ? 106 LYS B N   1 
ATOM   1185 C CA  . LYS B 1 77 ? 0.426   15.668  -9.406  1.00 35.12 ? 106 LYS B CA  1 
ATOM   1186 C C   . LYS B 1 77 ? 0.814   14.869  -10.623 1.00 35.28 ? 106 LYS B C   1 
ATOM   1187 O O   . LYS B 1 77 ? 1.888   14.291  -10.672 1.00 33.45 ? 106 LYS B O   1 
ATOM   1188 C CB  . LYS B 1 77 ? 1.335   16.897  -9.351  1.00 35.23 ? 106 LYS B CB  1 
ATOM   1189 C CG  . LYS B 1 77 ? 0.994   17.912  -8.264  1.00 38.68 ? 106 LYS B CG  1 
ATOM   1190 C CD  . LYS B 1 77 ? 1.652   19.284  -8.544  1.00 42.37 ? 106 LYS B CD  1 
ATOM   1191 C CE  . LYS B 1 77 ? 1.490   20.257  -7.361  1.00 43.87 ? 106 LYS B CE  1 
ATOM   1192 N NZ  . LYS B 1 77 ? 2.040   21.618  -7.651  1.00 46.14 ? 106 LYS B NZ  1 
ATOM   1193 N N   . GLU B 1 78 ? -0.058  14.870  -11.626 1.00 37.41 ? 107 GLU B N   1 
ATOM   1194 C CA  . GLU B 1 78 ? 0.205   14.126  -12.850 1.00 39.28 ? 107 GLU B CA  1 
ATOM   1195 C C   . GLU B 1 78 ? 1.370   14.714  -13.607 1.00 40.45 ? 107 GLU B C   1 
ATOM   1196 O O   . GLU B 1 78 ? 1.798   15.829  -13.348 1.00 39.59 ? 107 GLU B O   1 
ATOM   1197 C CB  . GLU B 1 78 ? -1.033  14.133  -13.769 1.00 40.28 ? 107 GLU B CB  1 
ATOM   1198 C CG  . GLU B 1 78 ? -2.305  13.563  -13.146 1.00 42.29 ? 107 GLU B CG  1 
ATOM   1199 C CD  . GLU B 1 78 ? -2.271  12.045  -12.967 1.00 45.98 ? 107 GLU B CD  1 
ATOM   1200 O OE1 . GLU B 1 78 ? -1.515  11.348  -13.678 1.00 48.59 ? 107 GLU B OE1 1 
ATOM   1201 O OE2 . GLU B 1 78 ? -3.010  11.546  -12.091 1.00 51.94 ? 107 GLU B OE2 1 
ATOM   1202 N N   . GLU B 1 79 ? 1.887   13.937  -14.547 1.00 42.52 ? 108 GLU B N   1 
ATOM   1203 C CA  . GLU B 1 79 ? 2.889   14.399  -15.492 1.00 44.33 ? 108 GLU B CA  1 
ATOM   1204 C C   . GLU B 1 79 ? 2.381   15.658  -16.184 1.00 45.13 ? 108 GLU B C   1 
ATOM   1205 O O   . GLU B 1 79 ? 1.223   15.728  -16.586 1.00 45.35 ? 108 GLU B O   1 
ATOM   1206 C CB  . GLU B 1 79 ? 3.192   13.318  -16.521 1.00 45.22 ? 108 GLU B CB  1 
ATOM   1207 C CG  . GLU B 1 79 ? 3.870   12.097  -15.934 1.00 46.44 ? 108 GLU B CG  1 
ATOM   1208 C CD  . GLU B 1 79 ? 4.199   11.056  -16.983 1.00 49.94 ? 108 GLU B CD  1 
ATOM   1209 O OE1 . GLU B 1 79 ? 4.734   11.443  -18.042 1.00 55.24 ? 108 GLU B OE1 1 
ATOM   1210 O OE2 . GLU B 1 79 ? 3.923   9.857   -16.767 1.00 49.74 ? 108 GLU B OE2 1 
ATOM   1211 N N   . ARG B 1 80 ? 3.247   16.660  -16.264 1.00 46.04 ? 109 ARG B N   1 
ATOM   1212 C CA  . ARG B 1 80 ? 2.864   17.984  -16.733 1.00 46.63 ? 109 ARG B CA  1 
ATOM   1213 C C   . ARG B 1 80 ? 4.102   18.740  -17.192 1.00 47.26 ? 109 ARG B C   1 
ATOM   1214 O O   . ARG B 1 80 ? 5.175   18.642  -16.582 1.00 47.03 ? 109 ARG B O   1 
ATOM   1215 C CB  . ARG B 1 80 ? 2.131   18.759  -15.629 1.00 46.93 ? 109 ARG B CB  1 
ATOM   1216 C CG  . ARG B 1 80 ? 3.026   19.118  -14.449 1.00 46.03 ? 109 ARG B CG  1 
ATOM   1217 C CD  . ARG B 1 80 ? 2.342   19.072  -13.084 1.00 45.52 ? 109 ARG B CD  1 
ATOM   1218 N NE  . ARG B 1 80 ? 3.336   19.209  -12.014 1.00 44.21 ? 109 ARG B NE  1 
ATOM   1219 C CZ  . ARG B 1 80 ? 4.183   18.253  -11.625 1.00 42.13 ? 109 ARG B CZ  1 
ATOM   1220 N NH1 . ARG B 1 80 ? 4.136   17.039  -12.164 1.00 39.54 ? 109 ARG B NH1 1 
ATOM   1221 N NH2 . ARG B 1 80 ? 5.062   18.504  -10.654 1.00 39.71 ? 109 ARG B NH2 1 
ATOM   1222 N N   . GLY B 1 81 ? 3.963   19.489  -18.286 1.00 47.44 ? 110 GLY B N   1 
ATOM   1223 C CA  . GLY B 1 81 ? 5.128   20.039  -18.949 1.00 47.58 ? 110 GLY B CA  1 
ATOM   1224 C C   . GLY B 1 81 ? 6.128   18.916  -19.217 1.00 47.34 ? 110 GLY B C   1 
ATOM   1225 O O   . GLY B 1 81 ? 5.784   17.902  -19.804 1.00 47.70 ? 110 GLY B O   1 
ATOM   1226 N N   . ASN B 1 82 ? 7.359   19.122  -18.760 1.00 46.90 ? 111 ASN B N   1 
ATOM   1227 C CA  . ASN B 1 82 ? 8.459   18.167  -18.862 1.00 46.75 ? 111 ASN B CA  1 
ATOM   1228 C C   . ASN B 1 82 ? 8.721   17.391  -17.532 1.00 45.13 ? 111 ASN B C   1 
ATOM   1229 O O   . ASN B 1 82 ? 9.727   16.690  -17.392 1.00 44.74 ? 111 ASN B O   1 
ATOM   1230 C CB  . ASN B 1 82 ? 9.726   18.937  -19.263 1.00 47.43 ? 111 ASN B CB  1 
ATOM   1231 C CG  . ASN B 1 82 ? 10.135  20.010  -18.219 1.00 50.26 ? 111 ASN B CG  1 
ATOM   1232 O OD1 . ASN B 1 82 ? 9.306   20.504  -17.426 1.00 53.08 ? 111 ASN B OD1 1 
ATOM   1233 N ND2 . ASN B 1 82 ? 11.420  20.371  -18.224 1.00 53.70 ? 111 ASN B ND2 1 
ATOM   1234 N N   . LYS B 1 83 ? 7.808   17.536  -16.570 1.00 43.65 ? 112 LYS B N   1 
ATOM   1235 C CA  . LYS B 1 83 ? 7.989   17.000  -15.208 1.00 42.23 ? 112 LYS B CA  1 
ATOM   1236 C C   . LYS B 1 83 ? 7.339   15.626  -15.016 1.00 40.09 ? 112 LYS B C   1 
ATOM   1237 O O   . LYS B 1 83 ? 6.226   15.388  -15.464 1.00 39.51 ? 112 LYS B O   1 
ATOM   1238 C CB  . LYS B 1 83 ? 7.399   17.976  -14.177 1.00 42.66 ? 112 LYS B CB  1 
ATOM   1239 C CG  . LYS B 1 83 ? 8.123   19.327  -14.119 1.00 44.28 ? 112 LYS B CG  1 
ATOM   1240 C CD  . LYS B 1 83 ? 7.449   20.285  -13.156 1.00 47.58 ? 112 LYS B CD  1 
ATOM   1241 C CE  . LYS B 1 83 ? 8.443   21.270  -12.530 1.00 48.84 ? 112 LYS B CE  1 
ATOM   1242 N NZ  . LYS B 1 83 ? 8.012   21.663  -11.145 1.00 52.46 ? 112 LYS B NZ  1 
ATOM   1243 N N   . GLY B 1 84 ? 8.044   14.729  -14.329 1.00 38.23 ? 113 GLY B N   1 
ATOM   1244 C CA  . GLY B 1 84 ? 7.456   13.474  -13.897 1.00 36.36 ? 113 GLY B CA  1 
ATOM   1245 C C   . GLY B 1 84 ? 6.372   13.740  -12.880 1.00 34.85 ? 113 GLY B C   1 
ATOM   1246 O O   . GLY B 1 84 ? 6.235   14.870  -12.397 1.00 34.54 ? 113 GLY B O   1 
ATOM   1247 N N   . ALA B 1 85 ? 5.571   12.716  -12.589 1.00 32.57 ? 114 ALA B N   1 
ATOM   1248 C CA  . ALA B 1 85 ? 4.545   12.818  -11.592 1.00 30.05 ? 114 ALA B CA  1 
ATOM   1249 C C   . ALA B 1 85 ? 5.210   13.124  -10.263 1.00 28.13 ? 114 ALA B C   1 
ATOM   1250 O O   . ALA B 1 85 ? 6.284   12.635  -9.972  1.00 27.94 ? 114 ALA B O   1 
ATOM   1251 C CB  . ALA B 1 85 ? 3.740   11.531  -11.490 1.00 30.95 ? 114 ALA B CB  1 
ATOM   1252 N N   . ALA B 1 86 ? 4.579   13.991  -9.500  1.00 26.27 ? 115 ALA B N   1 
ATOM   1253 C CA  . ALA B 1 86 ? 4.961   14.204  -8.098  1.00 25.13 ? 115 ALA B CA  1 
ATOM   1254 C C   . ALA B 1 86 ? 4.302   13.092  -7.295  1.00 22.85 ? 115 ALA B C   1 
ATOM   1255 O O   . ALA B 1 86 ? 3.078   12.954  -7.297  1.00 23.48 ? 115 ALA B O   1 
ATOM   1256 C CB  . ALA B 1 86 ? 4.488   15.568  -7.638  1.00 25.71 ? 115 ALA B CB  1 
ATOM   1257 N N   . LEU B 1 87 ? 5.120   12.300  -6.620  1.00 22.87 ? 116 LEU B N   1 
ATOM   1258 C CA  . LEU B 1 87 ? 4.678   11.149  -5.860  1.00 21.87 ? 116 LEU B CA  1 
ATOM   1259 C C   . LEU B 1 87 ? 4.722   11.382  -4.346  1.00 21.89 ? 116 LEU B C   1 
ATOM   1260 O O   . LEU B 1 87 ? 5.440   12.248  -3.847  1.00 20.35 ? 116 LEU B O   1 
ATOM   1261 C CB  . LEU B 1 87 ? 5.582   9.964   -6.152  1.00 23.20 ? 116 LEU B CB  1 
ATOM   1262 C CG  . LEU B 1 87 ? 5.768   9.510   -7.595  1.00 23.61 ? 116 LEU B CG  1 
ATOM   1263 C CD1 . LEU B 1 87 ? 6.895   8.500   -7.623  1.00 26.11 ? 116 LEU B CD1 1 
ATOM   1264 C CD2 . LEU B 1 87 ? 4.470   8.973   -8.137  1.00 25.65 ? 116 LEU B CD2 1 
ATOM   1265 N N   . THR B 1 88 ? 3.954   10.565  -3.647  1.00 21.92 ? 117 THR B N   1 
ATOM   1266 C CA  . THR B 1 88 ? 3.999   10.496  -2.187  1.00 20.81 ? 117 THR B CA  1 
ATOM   1267 C C   . THR B 1 88 ? 3.845   9.058   -1.713  1.00 21.14 ? 117 THR B C   1 
ATOM   1268 O O   . THR B 1 88 ? 3.210   8.244   -2.377  1.00 20.20 ? 117 THR B O   1 
ATOM   1269 C CB  . THR B 1 88 ? 2.918   11.395  -1.569  1.00 21.33 ? 117 THR B CB  1 
ATOM   1270 O OG1 . THR B 1 88 ? 3.059   11.405  -0.139  1.00 19.78 ? 117 THR B OG1 1 
ATOM   1271 C CG2 . THR B 1 88 ? 1.507   10.896  -1.837  1.00 22.61 ? 117 THR B CG2 1 
ATOM   1272 N N   . THR B 1 89 ? 4.388   8.757   -0.539  1.00 20.69 ? 118 THR B N   1 
ATOM   1273 C CA  . THR B 1 89 ? 4.143   7.483   0.140   1.00 20.57 ? 118 THR B CA  1 
ATOM   1274 C C   . THR B 1 89 ? 2.990   7.566   1.175   1.00 21.64 ? 118 THR B C   1 
ATOM   1275 O O   . THR B 1 89 ? 2.651   6.555   1.796   1.00 21.88 ? 118 THR B O   1 
ATOM   1276 C CB  . THR B 1 89 ? 5.384   6.956   0.868   1.00 21.11 ? 118 THR B CB  1 
ATOM   1277 O OG1 . THR B 1 89 ? 5.778   7.859   1.943   1.00 20.99 ? 118 THR B OG1 1 
ATOM   1278 C CG2 . THR B 1 89 ? 6.563   6.845   -0.064  1.00 21.85 ? 118 THR B CG2 1 
ATOM   1279 N N   . PHE B 1 90 ? 2.423   8.753   1.366   1.00 20.72 ? 119 PHE B N   1 
ATOM   1280 C CA  . PHE B 1 90 ? 1.298   8.965   2.272   1.00 21.73 ? 119 PHE B CA  1 
ATOM   1281 C C   . PHE B 1 90 ? 0.010   8.701   1.505   1.00 23.72 ? 119 PHE B C   1 
ATOM   1282 O O   . PHE B 1 90 ? -0.545  9.591   0.869   1.00 24.02 ? 119 PHE B O   1 
ATOM   1283 C CB  . PHE B 1 90 ? 1.356   10.375  2.874   1.00 22.06 ? 119 PHE B CB  1 
ATOM   1284 C CG  . PHE B 1 90 ? 2.550   10.580  3.762   1.00 18.87 ? 119 PHE B CG  1 
ATOM   1285 C CD1 . PHE B 1 90 ? 2.671   9.868   4.958   1.00 19.24 ? 119 PHE B CD1 1 
ATOM   1286 C CD2 . PHE B 1 90 ? 3.558   11.451  3.423   1.00 20.29 ? 119 PHE B CD2 1 
ATOM   1287 C CE1 . PHE B 1 90 ? 3.781   10.013  5.760   1.00 18.10 ? 119 PHE B CE1 1 
ATOM   1288 C CE2 . PHE B 1 90 ? 4.662   11.627  4.259   1.00 20.75 ? 119 PHE B CE2 1 
ATOM   1289 C CZ  . PHE B 1 90 ? 4.772   10.887  5.423   1.00 19.35 ? 119 PHE B CZ  1 
ATOM   1290 N N   . ILE B 1 91 ? -0.424  7.444   1.531   1.00 25.13 ? 120 ILE B N   1 
ATOM   1291 C CA  . ILE B 1 91 ? -1.472  6.984   0.618   1.00 26.59 ? 120 ILE B CA  1 
ATOM   1292 C C   . ILE B 1 91 ? -2.805  7.399   1.187   1.00 27.13 ? 120 ILE B C   1 
ATOM   1293 O O   . ILE B 1 91 ? -3.050  7.199   2.362   1.00 26.57 ? 120 ILE B O   1 
ATOM   1294 C CB  . ILE B 1 91 ? -1.421  5.431   0.461   1.00 26.97 ? 120 ILE B CB  1 
ATOM   1295 C CG1 . ILE B 1 91 ? -0.042  4.949   -0.025  1.00 27.67 ? 120 ILE B CG1 1 
ATOM   1296 C CG2 . ILE B 1 91 ? -2.495  4.958   -0.501  1.00 28.53 ? 120 ILE B CG2 1 
ATOM   1297 C CD1 . ILE B 1 91 ? 0.445   5.553   -1.344  1.00 28.85 ? 120 ILE B CD1 1 
ATOM   1298 N N   . SER B 1 92 ? -3.680  7.912   0.328   1.00 29.63 ? 121 SER B N   1 
ATOM   1299 C CA  . SER B 1 92 ? -5.014  8.330   0.698   1.00 30.53 ? 121 SER B CA  1 
ATOM   1300 C C   . SER B 1 92 ? -5.907  7.084   0.767   1.00 30.38 ? 121 SER B C   1 
ATOM   1301 O O   . SER B 1 92 ? -6.091  6.413   -0.270  1.00 32.12 ? 121 SER B O   1 
ATOM   1302 C CB  . SER B 1 92 ? -5.551  9.302   -0.361  1.00 31.63 ? 121 SER B CB  1 
ATOM   1303 O OG  . SER B 1 92 ? -4.617  10.350  -0.626  1.00 34.41 ? 121 SER B OG  1 
ATOM   1304 N N   . LEU B 1 93 ? -6.402  6.763   1.964   1.00 29.78 ? 122 LEU B N   1 
ATOM   1305 C CA  . LEU B 1 93 ? -7.312  5.619   2.189   1.00 30.94 ? 122 LEU B CA  1 
ATOM   1306 C C   . LEU B 1 93 ? -8.600  6.034   2.906   1.00 32.06 ? 122 LEU B C   1 
ATOM   1307 O O   . LEU B 1 93 ? -8.574  6.478   4.051   1.00 31.82 ? 122 LEU B O   1 
ATOM   1308 C CB  . LEU B 1 93 ? -6.632  4.484   2.988   1.00 30.55 ? 122 LEU B CB  1 
ATOM   1309 C CG  . LEU B 1 93 ? -5.348  3.892   2.407   1.00 29.17 ? 122 LEU B CG  1 
ATOM   1310 C CD1 . LEU B 1 93 ? -4.720  2.930   3.389   1.00 29.12 ? 122 LEU B CD1 1 
ATOM   1311 C CD2 . LEU B 1 93 ? -5.598  3.173   1.100   1.00 29.48 ? 122 LEU B CD2 1 
ATOM   1312 N N   . ALA B 1 94 ? -9.738  5.831   2.250   1.00 33.99 ? 123 ALA B N   1 
ATOM   1313 C CA  . ALA B 1 94 ? -11.033 6.112   2.868   1.00 35.32 ? 123 ALA B CA  1 
ATOM   1314 C C   . ALA B 1 94 ? -11.234 5.382   4.184   1.00 37.16 ? 123 ALA B C   1 
ATOM   1315 O O   . ALA B 1 94 ? -10.781 4.235   4.359   1.00 36.03 ? 123 ALA B O   1 
ATOM   1316 C CB  . ALA B 1 94 ? -12.160 5.758   1.889   1.00 35.44 ? 123 ALA B CB  1 
ATOM   1317 N N   . GLY B 1 95 ? -11.897 6.069   5.121   1.00 39.16 ? 124 GLY B N   1 
ATOM   1318 C CA  . GLY B 1 95 ? -12.429 5.479   6.336   1.00 41.40 ? 124 GLY B CA  1 
ATOM   1319 C C   . GLY B 1 95 ? -11.437 5.345   7.466   1.00 43.50 ? 124 GLY B C   1 
ATOM   1320 O O   . GLY B 1 95 ? -11.818 4.943   8.590   1.00 45.65 ? 124 GLY B O   1 
ATOM   1321 N N   . SER B 1 96 ? -10.207 5.785   7.197   1.00 44.87 ? 125 SER B N   1 
ATOM   1322 C CA  . SER B 1 96 ? -9.004  5.132   7.717   1.00 45.72 ? 125 SER B CA  1 
ATOM   1323 C C   . SER B 1 96 ? -7.797  6.030   7.938   1.00 46.51 ? 125 SER B C   1 
ATOM   1324 O O   . SER B 1 96 ? -7.750  7.201   7.540   1.00 48.34 ? 125 SER B O   1 
ATOM   1325 C CB  . SER B 1 96 ? -8.564  4.107   6.687   1.00 45.47 ? 125 SER B CB  1 
ATOM   1326 O OG  . SER B 1 96 ? -9.165  2.852   6.946   1.00 48.34 ? 125 SER B OG  1 
ATOM   1327 O OXT . SER B 1 96 ? -6.801  5.543   8.498   1.00 47.86 ? 125 SER B OXT 1 
HETATM 1328 O O   . HOH C 2 .  ? -3.957  -4.891  17.615  1.00 19.87 ? 126 HOH A O   1 
HETATM 1329 O O   . HOH C 2 .  ? -0.982  -2.798  3.303   1.00 24.98 ? 127 HOH A O   1 
HETATM 1330 O O   . HOH C 2 .  ? -7.840  -15.336 9.275   1.00 27.27 ? 128 HOH A O   1 
HETATM 1331 O O   . HOH C 2 .  ? -12.768 -6.787  -7.031  1.00 31.63 ? 129 HOH A O   1 
HETATM 1332 O O   . HOH C 2 .  ? -4.354  -10.502 12.138  1.00 28.39 ? 130 HOH A O   1 
HETATM 1333 O O   . HOH C 2 .  ? -11.511 -11.330 -7.717  1.00 37.88 ? 131 HOH A O   1 
HETATM 1334 O O   . HOH C 2 .  ? -14.090 -12.422 13.313  1.00 27.94 ? 132 HOH A O   1 
HETATM 1335 O O   . HOH C 2 .  ? -4.926  0.685   22.092  1.00 33.00 ? 133 HOH A O   1 
HETATM 1336 O O   . HOH C 2 .  ? -13.217 -7.761  19.014  1.00 38.11 ? 134 HOH A O   1 
HETATM 1337 O O   . HOH C 2 .  ? -12.303 -16.496 16.587  1.00 34.24 ? 135 HOH A O   1 
HETATM 1338 O O   . HOH C 2 .  ? -10.408 -18.184 10.270  1.00 36.27 ? 136 HOH A O   1 
HETATM 1339 O O   . HOH C 2 .  ? -3.758  -18.085 23.495  1.00 33.16 ? 137 HOH A O   1 
HETATM 1340 O O   . HOH C 2 .  ? -12.337 -13.268 15.046  1.00 27.23 ? 138 HOH A O   1 
HETATM 1341 O O   . HOH C 2 .  ? -20.283 -14.084 9.214   1.00 34.26 ? 139 HOH A O   1 
HETATM 1342 O O   . HOH C 2 .  ? 2.880   -11.017 1.439   1.00 38.61 ? 140 HOH A O   1 
HETATM 1343 O O   . HOH C 2 .  ? -5.639  -14.471 1.452   1.00 31.44 ? 141 HOH A O   1 
HETATM 1344 O O   . HOH C 2 .  ? -10.039 -16.283 8.084   1.00 30.16 ? 142 HOH A O   1 
HETATM 1345 O O   . HOH C 2 .  ? -18.427 -16.728 -8.093  1.00 43.97 ? 143 HOH A O   1 
HETATM 1346 O O   . HOH C 2 .  ? 2.671   -6.850  -4.743  1.00 41.44 ? 144 HOH A O   1 
HETATM 1347 O O   . HOH C 2 .  ? -18.641 -23.531 -12.737 1.00 54.12 ? 145 HOH A O   1 
HETATM 1348 O O   . HOH C 2 .  ? -6.102  0.188   -7.168  1.00 38.62 ? 146 HOH A O   1 
HETATM 1349 O O   . HOH C 2 .  ? -2.713  -0.792  15.455  1.00 28.67 ? 147 HOH A O   1 
HETATM 1350 O O   . HOH C 2 .  ? -2.118  -8.918  12.059  1.00 26.42 ? 148 HOH A O   1 
HETATM 1351 O O   . HOH C 2 .  ? -1.656  -12.810 18.575  1.00 41.32 ? 149 HOH A O   1 
HETATM 1352 O O   . HOH C 2 .  ? -17.317 -3.309  11.395  1.00 40.44 ? 150 HOH A O   1 
HETATM 1353 O O   . HOH C 2 .  ? -18.603 -19.997 10.089  1.00 48.21 ? 151 HOH A O   1 
HETATM 1354 O O   . HOH C 2 .  ? -20.522 -5.846  6.132   1.00 37.35 ? 152 HOH A O   1 
HETATM 1355 O O   . HOH C 2 .  ? -20.019 -10.638 15.230  1.00 47.35 ? 153 HOH A O   1 
HETATM 1356 O O   . HOH C 2 .  ? -18.394 -10.553 -6.105  1.00 47.35 ? 154 HOH A O   1 
HETATM 1357 O O   . HOH C 2 .  ? -1.942  -8.524  -9.893  1.00 40.10 ? 155 HOH A O   1 
HETATM 1358 O O   . HOH C 2 .  ? 8.946   -7.862  1.075   1.00 43.93 ? 156 HOH A O   1 
HETATM 1359 O O   . HOH C 2 .  ? -10.248 -17.828 5.872   1.00 42.82 ? 157 HOH A O   1 
HETATM 1360 O O   . HOH C 2 .  ? -5.821  -11.498 14.497  1.00 33.46 ? 158 HOH A O   1 
HETATM 1361 O O   . HOH C 2 .  ? 0.615   -9.216  11.619  1.00 31.46 ? 159 HOH A O   1 
HETATM 1362 O O   . HOH C 2 .  ? 3.005   -4.816  4.502   1.00 38.81 ? 160 HOH A O   1 
HETATM 1363 O O   . HOH C 2 .  ? -18.980 -2.097  8.796   1.00 38.67 ? 161 HOH A O   1 
HETATM 1364 O O   . HOH C 2 .  ? -7.970  -16.333 1.366   1.00 47.19 ? 162 HOH A O   1 
HETATM 1365 O O   . HOH C 2 .  ? -8.389  -18.011 3.471   1.00 44.70 ? 163 HOH A O   1 
HETATM 1366 O O   . HOH C 2 .  ? -11.847 -16.388 -2.622  1.00 44.48 ? 164 HOH A O   1 
HETATM 1367 O O   . HOH C 2 .  ? -8.087  -10.372 -10.327 1.00 41.95 ? 165 HOH A O   1 
HETATM 1368 O O   . HOH C 2 .  ? 1.570   -11.502 10.462  1.00 35.40 ? 166 HOH A O   1 
HETATM 1369 O O   . HOH C 2 .  ? -8.267  -19.034 -2.331  1.00 51.49 ? 167 HOH A O   1 
HETATM 1370 O O   . HOH C 2 .  ? -9.043  -17.971 -6.433  1.00 39.89 ? 168 HOH A O   1 
HETATM 1371 O O   . HOH C 2 .  ? -13.138 -10.192 -11.709 1.00 44.73 ? 169 HOH A O   1 
HETATM 1372 O O   . HOH C 2 .  ? -15.302 -11.914 -12.901 1.00 67.14 ? 170 HOH A O   1 
HETATM 1373 O O   . HOH C 2 .  ? -3.973  -0.880  -8.834  1.00 37.45 ? 171 HOH A O   1 
HETATM 1374 O O   . HOH C 2 .  ? -6.987  -12.710 -10.389 1.00 40.49 ? 172 HOH A O   1 
HETATM 1375 O O   . HOH C 2 .  ? -7.915  -15.834 11.900  1.00 44.91 ? 173 HOH A O   1 
HETATM 1376 O O   . HOH C 2 .  ? -5.972  -17.963 11.928  1.00 56.12 ? 174 HOH A O   1 
HETATM 1377 O O   . HOH C 2 .  ? -11.773 -0.347  -5.642  1.00 57.86 ? 175 HOH A O   1 
HETATM 1378 O O   . HOH C 2 .  ? -9.551  -17.412 -0.672  1.00 40.64 ? 176 HOH A O   1 
HETATM 1379 O O   . HOH C 2 .  ? -11.402 -18.782 -0.246  1.00 62.08 ? 177 HOH A O   1 
HETATM 1380 O O   . HOH C 2 .  ? -0.919  -12.539 10.649  1.00 47.53 ? 178 HOH A O   1 
HETATM 1381 O O   . HOH C 2 .  ? -1.139  -11.465 14.258  1.00 40.01 ? 179 HOH A O   1 
HETATM 1382 O O   . HOH C 2 .  ? -22.350 -10.375 13.294  1.00 61.53 ? 180 HOH A O   1 
HETATM 1383 O O   . HOH C 2 .  ? -8.440  3.062   20.018  1.00 52.74 ? 181 HOH A O   1 
HETATM 1384 O O   . HOH C 2 .  ? -4.823  2.764   9.447   1.00 53.61 ? 182 HOH A O   1 
HETATM 1385 O O   . HOH C 2 .  ? -4.582  -9.601  18.994  1.00 35.86 ? 183 HOH A O   1 
HETATM 1386 O O   . HOH C 2 .  ? -8.050  -4.485  17.930  0.50 39.67 ? 184 HOH A O   1 
HETATM 1387 O O   . HOH C 2 .  ? -6.520  -12.493 26.440  1.00 46.90 ? 185 HOH A O   1 
HETATM 1388 O O   . HOH C 2 .  ? -10.511 -19.856 -14.208 1.00 51.18 ? 186 HOH A O   1 
HETATM 1389 O O   . HOH C 2 .  ? 10.630  -7.781  3.415   1.00 54.42 ? 187 HOH A O   1 
HETATM 1390 O O   . HOH C 2 .  ? 2.908   -4.234  7.154   1.00 36.50 ? 188 HOH A O   1 
HETATM 1391 O O   . HOH C 2 .  ? 0.989   -12.590 -1.578  1.00 43.27 ? 189 HOH A O   1 
HETATM 1392 O O   . HOH C 2 .  ? -6.566  -7.799  -11.384 1.00 50.58 ? 190 HOH A O   1 
HETATM 1393 O O   . HOH C 2 .  ? -18.823 -13.082 -10.142 1.00 59.44 ? 191 HOH A O   1 
HETATM 1394 O O   . HOH C 2 .  ? -19.136 -14.065 -7.346  1.00 49.70 ? 192 HOH A O   1 
HETATM 1395 O O   . HOH C 2 .  ? -15.673 3.785   5.739   1.00 50.90 ? 193 HOH A O   1 
HETATM 1396 O O   . HOH C 2 .  ? -5.777  -18.859 -0.156  1.00 49.02 ? 194 HOH A O   1 
HETATM 1397 O O   . HOH C 2 .  ? -9.990  -1.425  22.408  1.00 45.63 ? 195 HOH A O   1 
HETATM 1398 O O   . HOH C 2 .  ? -1.913  -17.521 -7.919  1.00 55.13 ? 196 HOH A O   1 
HETATM 1399 O O   . HOH C 2 .  ? -18.919 1.672   7.626   1.00 46.58 ? 197 HOH A O   1 
HETATM 1400 O O   . HOH C 2 .  ? 0.597   -14.857 23.184  1.00 44.96 ? 198 HOH A O   1 
HETATM 1401 O O   . HOH C 2 .  ? 1.806   -14.247 26.943  1.00 52.00 ? 199 HOH A O   1 
HETATM 1402 O O   . HOH C 2 .  ? 0.965   -11.813 27.435  1.00 52.26 ? 200 HOH A O   1 
HETATM 1403 O O   . HOH C 2 .  ? -17.331 -10.629 19.113  1.00 46.98 ? 201 HOH A O   1 
HETATM 1404 O O   . HOH C 2 .  ? -19.008 -17.386 -10.821 1.00 50.12 ? 202 HOH A O   1 
HETATM 1405 O O   . HOH C 2 .  ? -5.355  -1.666  -10.968 1.00 44.25 ? 203 HOH A O   1 
HETATM 1406 O O   . HOH C 2 .  ? -18.167 -0.459  0.665   1.00 46.81 ? 204 HOH A O   1 
HETATM 1407 O O   . HOH C 2 .  ? 3.561   -10.041 -5.845  1.00 47.94 ? 205 HOH A O   1 
HETATM 1408 O O   . HOH C 2 .  ? -6.789  2.904   11.535  1.00 69.56 ? 206 HOH A O   1 
HETATM 1409 O O   . HOH C 2 .  ? -8.028  4.294   16.501  1.00 44.49 ? 207 HOH A O   1 
HETATM 1410 O O   . HOH C 2 .  ? -0.474  -15.146 -7.582  1.00 56.62 ? 208 HOH A O   1 
HETATM 1411 O O   . HOH C 2 .  ? -4.238  -10.633 -11.483 1.00 60.02 ? 209 HOH A O   1 
HETATM 1412 O O   . HOH C 2 .  ? 14.802  -6.788  2.414   1.00 53.27 ? 210 HOH A O   1 
HETATM 1413 O O   . HOH C 2 .  ? 14.475  -7.660  -0.759  1.00 59.10 ? 211 HOH A O   1 
HETATM 1414 O O   . HOH C 2 .  ? -0.667  1.981   18.918  1.00 52.09 ? 212 HOH A O   1 
HETATM 1415 O O   . HOH C 2 .  ? 3.261   -7.413  -11.553 1.00 54.90 ? 213 HOH A O   1 
HETATM 1416 O O   . HOH C 2 .  ? 1.340   -2.267  4.424   1.00 64.64 ? 214 HOH A O   1 
HETATM 1417 O O   . HOH C 2 .  ? 3.265   -0.517  8.271   1.00 46.71 ? 215 HOH A O   1 
HETATM 1418 O O   . HOH C 2 .  ? 5.544   -8.978  3.205   1.00 63.89 ? 216 HOH A O   1 
HETATM 1419 O O   . HOH C 2 .  ? 0.770   -13.224 3.421   1.00 51.28 ? 217 HOH A O   1 
HETATM 1420 O O   . HOH C 2 .  ? 1.324   -13.020 6.120   1.00 62.07 ? 218 HOH A O   1 
HETATM 1421 O O   . HOH C 2 .  ? -0.033  -15.068 7.326   1.00 62.44 ? 219 HOH A O   1 
HETATM 1422 O O   . HOH C 2 .  ? -9.443  -3.258  17.970  0.50 52.91 ? 220 HOH A O   1 
HETATM 1423 O O   . HOH C 2 .  ? -9.784  0.152   11.449  1.00 51.72 ? 221 HOH A O   1 
HETATM 1424 O O   . HOH C 2 .  ? -11.804 -1.425  19.433  1.00 62.43 ? 222 HOH A O   1 
HETATM 1425 O O   . HOH C 2 .  ? -10.737 1.808   19.655  1.00 50.35 ? 223 HOH A O   1 
HETATM 1426 O O   . HOH C 2 .  ? -13.506 -0.812  16.635  1.00 52.64 ? 224 HOH A O   1 
HETATM 1427 O O   . HOH C 2 .  ? -12.110 -15.688 -13.448 1.00 62.54 ? 225 HOH A O   1 
HETATM 1428 O O   . HOH C 2 .  ? -13.042 -18.441 -14.539 1.00 55.89 ? 226 HOH A O   1 
HETATM 1429 O O   . HOH C 2 .  ? 3.772   -11.184 8.635   1.00 55.78 ? 227 HOH A O   1 
HETATM 1430 O O   . HOH C 2 .  ? -6.370  6.479   15.883  1.00 59.80 ? 228 HOH A O   1 
HETATM 1431 O O   . HOH C 2 .  ? -12.149 -5.859  20.674  1.00 64.96 ? 229 HOH A O   1 
HETATM 1432 O O   . HOH C 2 .  ? 4.801   -10.907 5.888   1.00 60.82 ? 230 HOH A O   1 
HETATM 1433 O O   . HOH C 2 .  ? 0.856   -15.551 2.207   1.00 63.73 ? 231 HOH A O   1 
HETATM 1434 O O   . HOH C 2 .  ? -5.849  -18.758 -12.351 1.00 45.40 ? 232 HOH A O   1 
HETATM 1435 O O   . HOH C 2 .  ? -3.395  -18.128 -11.994 1.00 48.67 ? 233 HOH A O   1 
HETATM 1436 O O   . HOH C 2 .  ? -19.286 -8.495  -1.508  1.00 52.27 ? 234 HOH A O   1 
HETATM 1437 O O   . HOH C 2 .  ? -1.442  -2.779  -9.711  1.00 48.89 ? 235 HOH A O   1 
HETATM 1438 O O   . HOH C 2 .  ? -5.726  -14.135 13.279  1.00 58.58 ? 236 HOH A O   1 
HETATM 1439 O O   . HOH C 2 .  ? -3.178  -15.361 1.223   1.00 54.03 ? 237 HOH A O   1 
HETATM 1440 O O   . HOH C 2 .  ? -8.985  7.257   -0.971  1.00 57.11 ? 238 HOH A O   1 
HETATM 1441 O O   . HOH C 2 .  ? 6.945   -5.360  2.680   1.00 44.83 ? 239 HOH A O   1 
HETATM 1442 O O   . HOH C 2 .  ? -21.632 -8.409  8.600   1.00 44.43 ? 240 HOH A O   1 
HETATM 1443 O O   . HOH D 2 .  ? 2.469   17.578  0.845   1.00 22.88 ? 126 HOH B O   1 
HETATM 1444 O O   . HOH D 2 .  ? 7.860   5.701   -13.868 1.00 29.04 ? 127 HOH B O   1 
HETATM 1445 O O   . HOH D 2 .  ? 6.711   14.484  6.241   1.00 22.46 ? 128 HOH B O   1 
HETATM 1446 O O   . HOH D 2 .  ? 5.547   15.017  -4.260  1.00 24.89 ? 129 HOH B O   1 
HETATM 1447 O O   . HOH D 2 .  ? 3.445   4.128   1.304   1.00 25.80 ? 130 HOH B O   1 
HETATM 1448 O O   . HOH D 2 .  ? -4.254  6.976   -4.173  1.00 44.68 ? 131 HOH B O   1 
HETATM 1449 O O   . HOH D 2 .  ? -0.820  12.298  0.754   1.00 25.82 ? 132 HOH B O   1 
HETATM 1450 O O   . HOH D 2 .  ? 11.476  17.412  1.152   1.00 24.14 ? 133 HOH B O   1 
HETATM 1451 O O   . HOH D 2 .  ? 11.536  -0.989  0.585   1.00 29.21 ? 134 HOH B O   1 
HETATM 1452 O O   . HOH D 2 .  ? 12.679  17.966  -1.153  1.00 33.58 ? 135 HOH B O   1 
HETATM 1453 O O   . HOH D 2 .  ? 10.659  2.574   10.482  1.00 34.98 ? 136 HOH B O   1 
HETATM 1454 O O   . HOH D 2 .  ? 20.111  21.581  -1.803  1.00 39.54 ? 137 HOH B O   1 
HETATM 1455 O O   . HOH D 2 .  ? -7.370  1.996   6.146   1.00 29.95 ? 138 HOH B O   1 
HETATM 1456 O O   . HOH D 2 .  ? 8.460   -6.871  -4.891  1.00 49.78 ? 139 HOH B O   1 
HETATM 1457 O O   . HOH D 2 .  ? 3.621   1.118   10.570  1.00 42.37 ? 140 HOH B O   1 
HETATM 1458 O O   . HOH D 2 .  ? 3.054   19.462  -1.167  1.00 39.87 ? 141 HOH B O   1 
HETATM 1459 O O   . HOH D 2 .  ? 3.245   15.775  -3.098  1.00 37.42 ? 142 HOH B O   1 
HETATM 1460 O O   . HOH D 2 .  ? -5.408  8.328   4.133   1.00 51.05 ? 143 HOH B O   1 
HETATM 1461 O O   . HOH D 2 .  ? -3.099  7.452   -10.990 1.00 43.04 ? 144 HOH B O   1 
HETATM 1462 O O   . HOH D 2 .  ? 2.403   -1.037  -9.399  1.00 40.39 ? 145 HOH B O   1 
HETATM 1463 O O   . HOH D 2 .  ? 6.844   17.210  -5.237  1.00 34.75 ? 146 HOH B O   1 
HETATM 1464 O O   . HOH D 2 .  ? 12.989  17.955  3.327   1.00 51.14 ? 147 HOH B O   1 
HETATM 1465 O O   . HOH D 2 .  ? 5.023   4.177   12.301  1.00 36.49 ? 148 HOH B O   1 
HETATM 1466 O O   . HOH D 2 .  ? 21.493  7.466   -6.630  1.00 40.80 ? 149 HOH B O   1 
HETATM 1467 O O   . HOH D 2 .  ? 11.390  12.643  -13.857 1.00 42.93 ? 150 HOH B O   1 
HETATM 1468 O O   . HOH D 2 .  ? 5.993   10.305  -14.180 1.00 31.98 ? 151 HOH B O   1 
HETATM 1469 O O   . HOH D 2 .  ? 1.209   13.987  0.460   1.00 33.46 ? 152 HOH B O   1 
HETATM 1470 O O   . HOH D 2 .  ? 7.420   -0.773  4.462   1.00 44.52 ? 153 HOH B O   1 
HETATM 1471 O O   . HOH D 2 .  ? 13.350  19.773  -4.025  1.00 39.45 ? 154 HOH B O   1 
HETATM 1472 O O   . HOH D 2 .  ? 9.518   16.502  -11.246 1.00 42.83 ? 155 HOH B O   1 
HETATM 1473 O O   . HOH D 2 .  ? 9.804   0.195   9.362   1.00 38.97 ? 156 HOH B O   1 
HETATM 1474 O O   . HOH D 2 .  ? 4.839   6.538   -19.873 1.00 43.79 ? 157 HOH B O   1 
HETATM 1475 O O   . HOH D 2 .  ? 21.402  6.279   -0.817  1.00 47.46 ? 158 HOH B O   1 
HETATM 1476 O O   . HOH D 2 .  ? -3.402  15.739  -4.648  1.00 50.15 ? 159 HOH B O   1 
HETATM 1477 O O   . HOH D 2 .  ? 8.765   19.191  -4.052  1.00 38.56 ? 160 HOH B O   1 
HETATM 1478 O O   . HOH D 2 .  ? 5.276   9.112   -19.067 1.00 36.81 ? 161 HOH B O   1 
HETATM 1479 O O   . HOH D 2 .  ? -1.994  13.364  -1.237  1.00 35.66 ? 162 HOH B O   1 
HETATM 1480 O O   . HOH D 2 .  ? 2.508   17.816  -4.744  1.00 48.84 ? 163 HOH B O   1 
HETATM 1481 O O   . HOH D 2 .  ? 7.080   16.356  -10.245 1.00 35.06 ? 164 HOH B O   1 
HETATM 1482 O O   . HOH D 2 .  ? 1.654   4.913   13.573  1.00 52.00 ? 165 HOH B O   1 
HETATM 1483 O O   . HOH D 2 .  ? 11.955  5.498   -21.245 1.00 63.37 ? 166 HOH B O   1 
HETATM 1484 O O   . HOH D 2 .  ? -2.166  16.954  -11.497 1.00 49.77 ? 167 HOH B O   1 
HETATM 1485 O O   . HOH D 2 .  ? 0.655   11.387  -14.628 1.00 42.01 ? 168 HOH B O   1 
HETATM 1486 O O   . HOH D 2 .  ? 1.597   8.825   -14.614 1.00 41.60 ? 169 HOH B O   1 
HETATM 1487 O O   . HOH D 2 .  ? -0.678  20.088  -11.350 1.00 52.79 ? 170 HOH B O   1 
HETATM 1488 O O   . HOH D 2 .  ? 21.121  13.683  1.014   1.00 49.43 ? 171 HOH B O   1 
HETATM 1489 O O   . HOH D 2 .  ? 23.076  15.780  1.817   1.00 55.86 ? 172 HOH B O   1 
HETATM 1490 O O   . HOH D 2 .  ? 10.530  15.347  -13.373 1.00 37.70 ? 173 HOH B O   1 
HETATM 1491 O O   . HOH D 2 .  ? 14.101  -0.749  10.286  1.00 55.99 ? 174 HOH B O   1 
HETATM 1492 O O   . HOH D 2 .  ? 7.017   17.757  -7.947  1.00 41.87 ? 175 HOH B O   1 
HETATM 1493 O O   . HOH D 2 .  ? 16.041  7.382   11.251  1.00 45.61 ? 176 HOH B O   1 
HETATM 1494 O O   . HOH D 2 .  ? 1.962   7.870   15.763  1.00 42.91 ? 177 HOH B O   1 
HETATM 1495 O O   . HOH D 2 .  ? 9.334   19.303  -8.679  1.00 48.94 ? 178 HOH B O   1 
HETATM 1496 O O   . HOH D 2 .  ? 10.172  -0.459  4.758   1.00 47.07 ? 179 HOH B O   1 
HETATM 1497 O O   . HOH D 2 .  ? 20.034  20.947  -8.121  1.00 45.16 ? 180 HOH B O   1 
HETATM 1498 O O   . HOH D 2 .  ? 23.510  18.232  -9.211  1.00 63.76 ? 181 HOH B O   1 
HETATM 1499 O O   . HOH D 2 .  ? 16.193  9.897   -13.394 1.00 58.48 ? 182 HOH B O   1 
HETATM 1500 O O   . HOH D 2 .  ? 20.992  5.802   7.473   1.00 51.75 ? 183 HOH B O   1 
HETATM 1501 O O   . HOH D 2 .  ? 22.734  7.045   -2.954  1.00 60.04 ? 184 HOH B O   1 
HETATM 1502 O O   . HOH D 2 .  ? -2.715  10.755  3.329   1.00 50.94 ? 185 HOH B O   1 
HETATM 1503 O O   . HOH D 2 .  ? 11.815  -0.142  2.858   1.00 50.90 ? 186 HOH B O   1 
HETATM 1504 O O   . HOH D 2 .  ? 21.349  17.789  -11.431 1.00 63.13 ? 187 HOH B O   1 
HETATM 1505 O O   . HOH D 2 .  ? -6.039  3.040   -6.404  1.00 52.13 ? 188 HOH B O   1 
HETATM 1506 O O   . HOH D 2 .  ? 20.857  6.028   -11.290 1.00 49.20 ? 189 HOH B O   1 
HETATM 1507 O O   . HOH D 2 .  ? -5.981  9.312   -5.049  1.00 50.44 ? 190 HOH B O   1 
HETATM 1508 O O   . HOH D 2 .  ? 1.493   2.333   2.311   1.00 33.44 ? 191 HOH B O   1 
HETATM 1509 O O   . HOH D 2 .  ? -0.113  -0.257  -10.011 1.00 44.97 ? 192 HOH B O   1 
HETATM 1510 O O   . HOH D 2 .  ? 0.035   0.091   -12.506 1.00 42.25 ? 193 HOH B O   1 
HETATM 1511 O O   . HOH D 2 .  ? -2.701  1.953   -12.281 1.00 57.48 ? 194 HOH B O   1 
HETATM 1512 O O   . HOH D 2 .  ? 4.541   18.950  -6.100  1.00 53.73 ? 195 HOH B O   1 
HETATM 1513 O O   . HOH D 2 .  ? 17.199  7.755   -13.076 1.00 62.41 ? 196 HOH B O   1 
HETATM 1514 O O   . HOH D 2 .  ? -7.712  6.119   -6.626  1.00 57.26 ? 197 HOH B O   1 
HETATM 1515 O O   . HOH D 2 .  ? -1.358  13.960  -17.288 1.00 64.99 ? 198 HOH B O   1 
HETATM 1516 O O   . HOH D 2 .  ? -1.248  17.457  -15.828 1.00 54.05 ? 199 HOH B O   1 
HETATM 1517 O O   . HOH D 2 .  ? 16.893  0.444   2.098   1.00 49.44 ? 200 HOH B O   1 
HETATM 1518 O O   . HOH D 2 .  ? 16.497  -4.178  -2.327  1.00 57.52 ? 201 HOH B O   1 
HETATM 1519 O O   . HOH D 2 .  ? 6.733   0.939   11.782  1.00 41.73 ? 202 HOH B O   1 
HETATM 1520 O O   . HOH D 2 .  ? 13.014  1.651   10.701  1.00 56.97 ? 203 HOH B O   1 
HETATM 1521 O O   . HOH D 2 .  ? 6.030   3.290   -23.522 1.00 48.19 ? 204 HOH B O   1 
HETATM 1522 O O   . HOH D 2 .  ? 18.287  2.640   2.425   1.00 58.47 ? 205 HOH B O   1 
HETATM 1523 O O   . HOH D 2 .  ? 10.213  18.369  5.413   1.00 51.69 ? 206 HOH B O   1 
HETATM 1524 O O   . HOH D 2 .  ? 0.709   22.163  -4.619  1.00 50.74 ? 207 HOH B O   1 
HETATM 1525 O O   . HOH D 2 .  ? 8.189   -1.132  7.656   1.00 59.02 ? 208 HOH B O   1 
HETATM 1526 O O   . HOH D 2 .  ? 2.319   3.387   -14.476 1.00 56.10 ? 209 HOH B O   1 
HETATM 1527 O O   . HOH D 2 .  ? 0.482   2.702   -16.017 1.00 56.53 ? 210 HOH B O   1 
HETATM 1528 O O   . HOH D 2 .  ? -11.602 9.187   5.284   1.00 49.40 ? 211 HOH B O   1 
HETATM 1529 O O   . HOH D 2 .  ? 5.397   0.140   3.800   1.00 56.02 ? 212 HOH B O   1 
HETATM 1530 O O   . HOH D 2 .  ? 19.532  22.690  -5.659  1.00 52.88 ? 213 HOH B O   1 
HETATM 1531 O O   . HOH D 2 .  ? 5.477   19.104  -3.143  1.00 50.73 ? 214 HOH B O   1 
HETATM 1532 O O   . HOH D 2 .  ? 4.582   3.553   -19.832 1.00 47.30 ? 215 HOH B O   1 
# 
